data_2L3C
#
_entry.id   2L3C
#
loop_
_entity.id
_entity.type
_entity.pdbx_description
1 polymer 'Double-stranded RNA-specific editase 1'
2 polymer 'RNA (34-MER)'
#
loop_
_entity_poly.entity_id
_entity_poly.type
_entity_poly.pdbx_seq_one_letter_code
_entity_poly.pdbx_strand_id
1 'polypeptide(L)' PGPVLPKNALMQLNEIKPGLQYMLLSQTGPVHAPLFVMSVEVNGQVFEGSGPTKKKAKLHAAEKALRSFVQFPN A
2 'polyribonucleotide' GGUAGUAUAACAAUAUCCGUGUUGUUAUAGUACC B
#
# COMPACT_ATOMS: atom_id res chain seq x y z
N PRO A 1 -0.94 22.04 -2.66
CA PRO A 1 -0.28 20.99 -1.86
C PRO A 1 1.23 20.97 -2.05
N GLY A 2 1.92 20.10 -1.30
CA GLY A 2 3.37 19.98 -1.37
C GLY A 2 3.90 18.96 -0.37
N PRO A 3 3.75 19.20 0.93
CA PRO A 3 4.22 18.30 1.99
C PRO A 3 3.33 17.06 2.13
N VAL A 4 2.24 16.99 1.35
CA VAL A 4 1.23 15.93 1.36
C VAL A 4 0.75 15.53 2.76
N LEU A 5 -0.07 14.48 2.84
CA LEU A 5 -0.63 14.00 4.09
C LEU A 5 -0.98 12.51 4.03
N PRO A 6 -0.02 11.64 3.66
CA PRO A 6 -0.27 10.22 3.48
C PRO A 6 -0.73 9.56 4.79
N LYS A 7 -0.43 10.19 5.93
CA LYS A 7 -0.86 9.71 7.24
C LYS A 7 -2.35 9.38 7.21
N ASN A 8 -3.11 10.20 6.45
CA ASN A 8 -4.52 9.99 6.20
C ASN A 8 -4.76 8.61 5.60
N ALA A 9 -4.09 8.28 4.49
CA ALA A 9 -4.25 6.97 3.85
C ALA A 9 -3.96 5.84 4.84
N LEU A 10 -2.85 5.93 5.58
CA LEU A 10 -2.50 4.87 6.51
C LEU A 10 -3.63 4.64 7.51
N MET A 11 -3.97 5.67 8.28
CA MET A 11 -5.03 5.60 9.28
C MET A 11 -6.35 5.16 8.71
N GLN A 12 -6.74 5.70 7.54
CA GLN A 12 -7.99 5.35 6.91
C GLN A 12 -8.07 3.84 6.69
N LEU A 13 -7.02 3.26 6.10
CA LEU A 13 -6.93 1.82 5.91
C LEU A 13 -7.07 1.11 7.25
N ASN A 14 -6.32 1.55 8.27
CA ASN A 14 -6.39 0.93 9.58
C ASN A 14 -7.83 0.91 10.09
N GLU A 15 -8.53 2.03 9.90
CA GLU A 15 -9.94 2.15 10.27
C GLU A 15 -10.78 1.06 9.62
N ILE A 16 -10.82 1.06 8.29
CA ILE A 16 -11.58 0.05 7.54
C ILE A 16 -11.10 -1.38 7.79
N LYS A 17 -9.83 -1.52 8.19
CA LYS A 17 -9.17 -2.81 8.25
C LYS A 17 -8.40 -3.12 9.53
N PRO A 18 -9.07 -3.26 10.67
CA PRO A 18 -8.47 -3.62 11.94
C PRO A 18 -7.52 -4.83 11.90
N GLY A 19 -7.47 -5.57 10.78
CA GLY A 19 -6.56 -6.70 10.62
C GLY A 19 -6.52 -7.15 9.16
N LEU A 20 -5.31 -7.19 8.59
CA LEU A 20 -5.05 -7.57 7.20
C LEU A 20 -3.57 -7.89 7.03
N GLN A 21 -3.11 -8.10 5.79
CA GLN A 21 -1.71 -8.42 5.60
C GLN A 21 -1.02 -7.59 4.52
N TYR A 22 0.19 -7.10 4.82
CA TYR A 22 1.04 -6.42 3.86
C TYR A 22 2.20 -7.35 3.48
N MET A 23 2.46 -7.47 2.17
CA MET A 23 3.51 -8.31 1.61
C MET A 23 4.29 -7.57 0.53
N LEU A 24 5.60 -7.83 0.42
CA LEU A 24 6.45 -7.11 -0.53
C LEU A 24 6.78 -7.97 -1.76
N LEU A 25 6.68 -7.34 -2.92
CA LEU A 25 7.10 -7.83 -4.22
C LEU A 25 8.22 -6.94 -4.74
N SER A 26 8.73 -7.20 -5.94
CA SER A 26 9.98 -6.63 -6.40
C SER A 26 10.94 -6.42 -5.23
N GLN A 27 11.53 -5.23 -5.22
CA GLN A 27 12.61 -4.78 -4.37
C GLN A 27 13.92 -5.37 -4.85
N THR A 28 14.47 -4.61 -5.79
CA THR A 28 15.72 -4.83 -6.49
C THR A 28 16.04 -3.52 -7.19
N GLY A 29 17.27 -3.35 -7.70
CA GLY A 29 17.65 -2.11 -8.37
C GLY A 29 19.14 -2.08 -8.64
N PRO A 30 19.64 -0.95 -9.16
CA PRO A 30 21.04 -0.77 -9.47
C PRO A 30 21.88 -0.74 -8.21
N VAL A 31 21.52 0.16 -7.29
CA VAL A 31 22.09 0.25 -5.95
C VAL A 31 21.49 1.44 -5.20
N HIS A 32 21.04 2.47 -5.93
CA HIS A 32 20.56 3.70 -5.32
C HIS A 32 19.18 4.11 -5.86
N ALA A 33 18.57 3.28 -6.71
CA ALA A 33 17.20 3.51 -7.12
C ALA A 33 16.44 2.18 -7.05
N PRO A 34 16.09 1.74 -5.83
CA PRO A 34 15.39 0.49 -5.59
C PRO A 34 13.91 0.65 -5.88
N LEU A 35 13.32 -0.33 -6.58
CA LEU A 35 11.89 -0.34 -6.81
C LEU A 35 11.22 -1.37 -5.92
N PHE A 36 10.35 -0.90 -5.04
CA PHE A 36 9.62 -1.71 -4.07
C PHE A 36 8.16 -1.77 -4.49
N VAL A 37 7.53 -2.94 -4.46
CA VAL A 37 6.10 -2.99 -4.76
C VAL A 37 5.41 -3.77 -3.67
N MET A 38 4.71 -3.05 -2.79
CA MET A 38 4.15 -3.68 -1.62
C MET A 38 2.68 -3.85 -1.94
N SER A 39 2.13 -5.03 -1.64
CA SER A 39 0.75 -5.31 -1.95
C SER A 39 0.03 -5.71 -0.68
N VAL A 40 -1.17 -5.15 -0.51
CA VAL A 40 -1.95 -5.39 0.68
C VAL A 40 -3.08 -6.35 0.37
N GLU A 41 -3.28 -7.33 1.25
CA GLU A 41 -4.30 -8.36 1.12
C GLU A 41 -5.37 -8.12 2.17
N VAL A 42 -6.60 -7.87 1.67
CA VAL A 42 -7.79 -7.64 2.46
C VAL A 42 -8.96 -8.42 1.87
N ASN A 43 -9.66 -9.21 2.69
CA ASN A 43 -10.85 -9.95 2.28
C ASN A 43 -10.64 -10.78 1.01
N GLY A 44 -9.38 -11.09 0.67
CA GLY A 44 -9.05 -11.92 -0.50
C GLY A 44 -8.75 -11.08 -1.74
N GLN A 45 -8.79 -9.76 -1.61
CA GLN A 45 -8.44 -8.85 -2.67
C GLN A 45 -7.06 -8.30 -2.33
N VAL A 46 -6.18 -8.26 -3.32
CA VAL A 46 -4.82 -7.83 -3.12
C VAL A 46 -4.50 -6.72 -4.09
N PHE A 47 -3.99 -5.61 -3.56
CA PHE A 47 -3.70 -4.42 -4.34
C PHE A 47 -2.24 -4.03 -4.14
N GLU A 48 -1.57 -3.71 -5.25
CA GLU A 48 -0.13 -3.56 -5.33
C GLU A 48 0.26 -2.12 -5.66
N GLY A 49 1.27 -1.57 -4.97
CA GLY A 49 1.69 -0.21 -5.18
C GLY A 49 3.21 -0.13 -5.28
N SER A 50 3.71 0.64 -6.27
CA SER A 50 5.13 0.73 -6.54
C SER A 50 5.66 2.08 -6.09
N GLY A 51 6.67 2.04 -5.21
CA GLY A 51 7.33 3.21 -4.68
C GLY A 51 8.84 3.04 -4.68
N PRO A 52 9.60 4.14 -4.73
CA PRO A 52 11.02 4.10 -4.46
C PRO A 52 11.12 3.95 -2.96
N THR A 53 11.99 3.07 -2.47
CA THR A 53 12.09 2.82 -1.04
C THR A 53 10.77 2.24 -0.51
N LYS A 54 10.72 1.86 0.77
CA LYS A 54 9.55 1.18 1.32
C LYS A 54 8.34 2.09 1.56
N LYS A 55 8.55 3.40 1.71
CA LYS A 55 7.50 4.34 2.09
C LYS A 55 6.27 4.30 1.17
N LYS A 56 6.41 4.95 0.01
CA LYS A 56 5.33 5.14 -0.96
C LYS A 56 4.68 3.83 -1.41
N ALA A 57 5.43 2.74 -1.48
CA ALA A 57 4.89 1.48 -1.96
C ALA A 57 3.66 1.06 -1.16
N LYS A 58 3.85 0.73 0.13
CA LYS A 58 2.75 0.31 0.99
C LYS A 58 1.65 1.38 1.02
N LEU A 59 2.05 2.66 1.03
CA LEU A 59 1.15 3.80 1.05
C LEU A 59 0.16 3.75 -0.09
N HIS A 60 0.68 3.80 -1.32
CA HIS A 60 -0.13 3.75 -2.52
C HIS A 60 -1.01 2.50 -2.52
N ALA A 61 -0.47 1.36 -2.09
CA ALA A 61 -1.26 0.15 -1.95
C ALA A 61 -2.46 0.39 -1.05
N ALA A 62 -2.26 1.05 0.10
CA ALA A 62 -3.32 1.40 1.03
C ALA A 62 -4.43 2.19 0.35
N GLU A 63 -4.03 3.23 -0.40
CA GLU A 63 -4.95 4.09 -1.11
C GLU A 63 -5.85 3.27 -2.06
N LYS A 64 -5.20 2.45 -2.90
CA LYS A 64 -5.88 1.57 -3.83
C LYS A 64 -6.86 0.66 -3.11
N ALA A 65 -6.34 -0.15 -2.19
CA ALA A 65 -7.14 -1.14 -1.48
C ALA A 65 -8.32 -0.48 -0.77
N LEU A 66 -8.14 0.72 -0.22
CA LEU A 66 -9.21 1.49 0.40
C LEU A 66 -10.33 1.65 -0.62
N ARG A 67 -10.10 2.42 -1.70
CA ARG A 67 -11.18 2.71 -2.65
C ARG A 67 -11.77 1.41 -3.16
N SER A 68 -10.90 0.42 -3.38
CA SER A 68 -11.29 -0.89 -3.83
C SER A 68 -12.19 -1.63 -2.84
N PHE A 69 -11.59 -2.31 -1.86
CA PHE A 69 -12.34 -3.23 -1.00
C PHE A 69 -13.45 -2.57 -0.20
N VAL A 70 -13.52 -1.24 -0.03
CA VAL A 70 -14.70 -0.68 0.65
C VAL A 70 -16.01 -1.11 0.00
N GLN A 71 -15.95 -1.61 -1.24
CA GLN A 71 -17.11 -2.11 -1.96
C GLN A 71 -17.44 -3.54 -1.53
N PHE A 72 -16.52 -4.20 -0.82
CA PHE A 72 -16.67 -5.56 -0.33
C PHE A 72 -15.90 -5.76 0.98
N PRO A 73 -16.30 -5.06 2.06
CA PRO A 73 -15.68 -5.14 3.37
C PRO A 73 -16.02 -6.46 4.09
N ASN A 74 -16.82 -7.32 3.46
CA ASN A 74 -17.22 -8.61 4.02
C ASN A 74 -17.40 -9.63 2.90
N PRO A 1 10.68 21.20 -2.69
CA PRO A 1 10.35 20.46 -1.46
C PRO A 1 9.15 21.08 -0.73
N GLY A 2 8.48 20.28 0.11
CA GLY A 2 7.33 20.71 0.88
C GLY A 2 6.80 19.58 1.76
N PRO A 3 5.79 19.88 2.58
CA PRO A 3 5.16 18.92 3.48
C PRO A 3 4.29 17.92 2.71
N VAL A 4 3.88 16.85 3.40
CA VAL A 4 3.05 15.79 2.86
C VAL A 4 2.15 15.23 3.96
N LEU A 5 1.20 14.36 3.59
CA LEU A 5 0.28 13.78 4.56
C LEU A 5 -0.19 12.37 4.17
N PRO A 6 0.73 11.43 3.91
CA PRO A 6 0.38 10.06 3.59
C PRO A 6 -0.26 9.38 4.80
N LYS A 7 -0.04 9.96 6.00
CA LYS A 7 -0.61 9.50 7.24
C LYS A 7 -2.13 9.39 7.09
N ASN A 8 -2.72 10.23 6.24
CA ASN A 8 -4.13 10.15 5.89
C ASN A 8 -4.49 8.76 5.37
N ALA A 9 -3.81 8.30 4.30
CA ALA A 9 -4.05 6.96 3.77
C ALA A 9 -3.86 5.92 4.87
N LEU A 10 -2.77 6.03 5.62
CA LEU A 10 -2.46 5.12 6.71
C LEU A 10 -3.58 5.03 7.76
N MET A 11 -4.04 6.16 8.30
CA MET A 11 -5.12 6.20 9.27
C MET A 11 -6.37 5.53 8.71
N GLN A 12 -6.77 5.94 7.50
CA GLN A 12 -7.95 5.40 6.85
C GLN A 12 -7.83 3.89 6.75
N LEU A 13 -6.67 3.42 6.30
CA LEU A 13 -6.36 2.01 6.15
C LEU A 13 -6.58 1.28 7.48
N ASN A 14 -6.00 1.80 8.56
CA ASN A 14 -6.16 1.21 9.88
C ASN A 14 -7.66 1.07 10.20
N GLU A 15 -8.43 2.12 9.90
CA GLU A 15 -9.86 2.13 10.13
C GLU A 15 -10.55 0.94 9.45
N ILE A 16 -10.41 0.82 8.13
CA ILE A 16 -11.01 -0.28 7.38
C ILE A 16 -10.43 -1.64 7.70
N LYS A 17 -9.19 -1.70 8.17
CA LYS A 17 -8.49 -2.96 8.29
C LYS A 17 -7.99 -3.34 9.69
N PRO A 18 -8.86 -3.47 10.69
CA PRO A 18 -8.51 -4.02 12.01
C PRO A 18 -7.67 -5.31 11.92
N GLY A 19 -7.61 -5.94 10.74
CA GLY A 19 -6.75 -7.08 10.48
C GLY A 19 -6.64 -7.30 8.97
N LEU A 20 -5.41 -7.43 8.47
CA LEU A 20 -5.11 -7.62 7.06
C LEU A 20 -3.65 -8.08 6.89
N GLN A 21 -3.16 -8.24 5.66
CA GLN A 21 -1.77 -8.66 5.48
C GLN A 21 -0.99 -7.78 4.50
N TYR A 22 0.23 -7.39 4.85
CA TYR A 22 1.17 -6.70 3.96
C TYR A 22 2.31 -7.66 3.64
N MET A 23 2.68 -7.71 2.36
CA MET A 23 3.77 -8.53 1.88
C MET A 23 4.64 -7.74 0.90
N LEU A 24 5.96 -7.93 0.96
CA LEU A 24 6.91 -7.14 0.19
C LEU A 24 7.44 -7.99 -0.97
N LEU A 25 7.32 -7.39 -2.16
CA LEU A 25 7.79 -7.89 -3.44
C LEU A 25 8.79 -6.85 -3.94
N SER A 26 9.39 -7.08 -5.11
CA SER A 26 10.57 -6.43 -5.66
C SER A 26 11.50 -5.64 -4.75
N GLN A 27 12.68 -5.48 -5.33
CA GLN A 27 13.85 -4.96 -4.70
C GLN A 27 15.01 -5.18 -5.68
N THR A 28 15.03 -4.38 -6.75
CA THR A 28 16.04 -4.53 -7.78
C THR A 28 16.11 -3.26 -8.61
N GLY A 29 17.20 -3.12 -9.37
CA GLY A 29 17.50 -1.92 -10.13
C GLY A 29 18.95 -1.52 -9.88
N PRO A 30 19.31 -0.26 -10.15
CA PRO A 30 20.62 0.26 -9.85
C PRO A 30 20.73 0.43 -8.33
N VAL A 31 21.96 0.58 -7.83
CA VAL A 31 22.22 0.68 -6.41
C VAL A 31 21.72 2.01 -5.82
N HIS A 32 21.16 2.89 -6.65
CA HIS A 32 20.73 4.19 -6.18
C HIS A 32 19.27 4.49 -6.54
N ALA A 33 18.63 3.63 -7.33
CA ALA A 33 17.19 3.70 -7.54
C ALA A 33 16.61 2.28 -7.47
N PRO A 34 16.51 1.71 -6.27
CA PRO A 34 15.96 0.39 -6.03
C PRO A 34 14.44 0.39 -6.12
N LEU A 35 13.86 -0.60 -6.79
CA LEU A 35 12.41 -0.70 -6.89
C LEU A 35 11.86 -1.78 -5.98
N PHE A 36 10.96 -1.33 -5.09
CA PHE A 36 10.24 -2.13 -4.13
C PHE A 36 8.76 -2.08 -4.46
N VAL A 37 8.08 -3.22 -4.41
CA VAL A 37 6.65 -3.26 -4.62
C VAL A 37 6.00 -3.97 -3.45
N MET A 38 5.15 -3.25 -2.73
CA MET A 38 4.50 -3.80 -1.56
C MET A 38 3.06 -4.08 -1.94
N SER A 39 2.55 -5.25 -1.57
CA SER A 39 1.21 -5.63 -1.92
C SER A 39 0.44 -5.99 -0.66
N VAL A 40 -0.79 -5.50 -0.59
CA VAL A 40 -1.64 -5.69 0.58
C VAL A 40 -2.81 -6.62 0.24
N GLU A 41 -3.08 -7.56 1.14
CA GLU A 41 -4.09 -8.58 0.94
C GLU A 41 -5.22 -8.43 1.96
N VAL A 42 -6.43 -8.26 1.42
CA VAL A 42 -7.68 -8.19 2.17
C VAL A 42 -8.75 -9.02 1.47
N ASN A 43 -9.51 -9.84 2.20
CA ASN A 43 -10.60 -10.64 1.63
C ASN A 43 -10.18 -11.50 0.42
N GLY A 44 -8.88 -11.69 0.20
CA GLY A 44 -8.38 -12.48 -0.92
C GLY A 44 -8.07 -11.63 -2.14
N GLN A 45 -8.17 -10.31 -2.00
CA GLN A 45 -7.81 -9.38 -3.05
C GLN A 45 -6.49 -8.76 -2.65
N VAL A 46 -5.57 -8.69 -3.61
CA VAL A 46 -4.23 -8.20 -3.36
C VAL A 46 -3.94 -7.07 -4.32
N PHE A 47 -3.43 -5.96 -3.79
CA PHE A 47 -3.12 -4.77 -4.56
C PHE A 47 -1.69 -4.36 -4.30
N GLU A 48 -0.97 -4.03 -5.37
CA GLU A 48 0.47 -3.84 -5.35
C GLU A 48 0.83 -2.40 -5.72
N GLY A 49 1.76 -1.81 -4.97
CA GLY A 49 2.20 -0.44 -5.20
C GLY A 49 3.72 -0.40 -5.35
N SER A 50 4.21 0.35 -6.35
CA SER A 50 5.63 0.40 -6.69
C SER A 50 6.24 1.73 -6.30
N GLY A 51 7.19 1.67 -5.36
CA GLY A 51 7.90 2.86 -4.91
C GLY A 51 9.40 2.60 -4.77
N PRO A 52 10.20 3.66 -4.88
CA PRO A 52 11.59 3.62 -4.47
C PRO A 52 11.55 3.61 -2.94
N THR A 53 12.20 2.62 -2.32
CA THR A 53 12.09 2.38 -0.88
C THR A 53 10.65 2.00 -0.50
N LYS A 54 10.51 1.37 0.66
CA LYS A 54 9.27 0.73 1.11
C LYS A 54 8.12 1.69 1.41
N LYS A 55 8.41 2.93 1.77
CA LYS A 55 7.40 3.87 2.28
C LYS A 55 6.25 4.03 1.29
N LYS A 56 6.57 4.68 0.16
CA LYS A 56 5.65 4.98 -0.92
C LYS A 56 4.97 3.71 -1.43
N ALA A 57 5.71 2.61 -1.53
CA ALA A 57 5.15 1.35 -2.00
C ALA A 57 3.92 0.96 -1.18
N LYS A 58 4.11 0.77 0.13
CA LYS A 58 3.03 0.50 1.08
C LYS A 58 1.94 1.57 1.05
N LEU A 59 2.33 2.85 0.97
CA LEU A 59 1.40 3.97 0.91
C LEU A 59 0.42 3.81 -0.26
N HIS A 60 0.96 3.84 -1.48
CA HIS A 60 0.16 3.71 -2.68
C HIS A 60 -0.68 2.43 -2.66
N ALA A 61 -0.09 1.33 -2.20
CA ALA A 61 -0.82 0.07 -2.04
C ALA A 61 -2.04 0.26 -1.14
N ALA A 62 -1.86 0.95 0.00
CA ALA A 62 -2.95 1.25 0.91
C ALA A 62 -4.08 1.97 0.20
N GLU A 63 -3.74 3.04 -0.53
CA GLU A 63 -4.70 3.84 -1.28
C GLU A 63 -5.50 2.98 -2.26
N LYS A 64 -4.78 2.20 -3.07
CA LYS A 64 -5.40 1.31 -4.04
C LYS A 64 -6.35 0.36 -3.34
N ALA A 65 -5.80 -0.48 -2.47
CA ALA A 65 -6.56 -1.48 -1.74
C ALA A 65 -7.71 -0.86 -0.97
N LEU A 66 -7.55 0.36 -0.44
CA LEU A 66 -8.62 1.07 0.24
C LEU A 66 -9.82 1.16 -0.69
N ARG A 67 -9.66 1.92 -1.78
CA ARG A 67 -10.77 2.17 -2.69
C ARG A 67 -11.37 0.86 -3.18
N SER A 68 -10.49 -0.07 -3.57
CA SER A 68 -10.89 -1.39 -4.03
C SER A 68 -11.72 -2.17 -3.00
N PHE A 69 -11.14 -2.40 -1.83
CA PHE A 69 -11.71 -3.17 -0.72
C PHE A 69 -13.07 -2.62 -0.29
N VAL A 70 -13.26 -1.31 -0.36
CA VAL A 70 -14.55 -0.70 -0.06
C VAL A 70 -15.68 -1.32 -0.90
N GLN A 71 -15.34 -2.02 -1.97
CA GLN A 71 -16.32 -2.67 -2.84
C GLN A 71 -16.44 -4.16 -2.53
N PHE A 72 -15.55 -4.70 -1.69
CA PHE A 72 -15.60 -6.09 -1.26
C PHE A 72 -15.06 -6.23 0.17
N PRO A 73 -15.73 -5.62 1.14
CA PRO A 73 -15.36 -5.67 2.54
C PRO A 73 -15.63 -7.05 3.14
N ASN A 74 -15.25 -7.23 4.40
CA ASN A 74 -15.41 -8.48 5.12
C ASN A 74 -15.56 -8.21 6.62
N PRO A 1 6.05 13.28 -7.43
CA PRO A 1 5.20 13.43 -6.24
C PRO A 1 5.93 14.09 -5.07
N GLY A 2 5.20 14.42 -4.01
CA GLY A 2 5.77 15.05 -2.82
C GLY A 2 4.74 15.26 -1.73
N PRO A 3 4.13 14.18 -1.19
CA PRO A 3 3.13 14.26 -0.13
C PRO A 3 3.59 15.10 1.07
N VAL A 4 2.61 15.56 1.87
CA VAL A 4 2.87 16.36 3.06
C VAL A 4 2.01 15.86 4.22
N LEU A 5 1.13 14.89 3.95
CA LEU A 5 0.26 14.29 4.96
C LEU A 5 -0.06 12.83 4.62
N PRO A 6 0.96 11.98 4.41
CA PRO A 6 0.75 10.59 4.04
C PRO A 6 0.01 9.86 5.15
N LYS A 7 0.14 10.38 6.37
CA LYS A 7 -0.58 9.88 7.53
C LYS A 7 -2.07 9.76 7.20
N ASN A 8 -2.57 10.64 6.34
CA ASN A 8 -3.94 10.61 5.85
C ASN A 8 -4.28 9.24 5.25
N ALA A 9 -3.52 8.80 4.23
CA ALA A 9 -3.73 7.49 3.64
C ALA A 9 -3.65 6.41 4.71
N LEU A 10 -2.60 6.45 5.55
CA LEU A 10 -2.44 5.44 6.59
C LEU A 10 -3.68 5.36 7.50
N MET A 11 -4.07 6.48 8.11
CA MET A 11 -5.21 6.53 9.02
C MET A 11 -6.49 6.02 8.35
N GLN A 12 -6.76 6.48 7.14
CA GLN A 12 -7.95 6.10 6.40
C GLN A 12 -8.03 4.59 6.27
N LEU A 13 -6.94 3.98 5.78
CA LEU A 13 -6.85 2.53 5.69
C LEU A 13 -7.09 1.92 7.07
N ASN A 14 -6.39 2.43 8.09
CA ASN A 14 -6.49 1.90 9.44
C ASN A 14 -7.95 1.89 9.91
N GLU A 15 -8.67 2.97 9.60
CA GLU A 15 -10.09 3.06 9.85
C GLU A 15 -10.85 1.90 9.23
N ILE A 16 -10.81 1.80 7.89
CA ILE A 16 -11.53 0.74 7.19
C ILE A 16 -11.07 -0.69 7.54
N LYS A 17 -9.81 -0.83 7.95
CA LYS A 17 -9.05 -2.07 8.20
C LYS A 17 -9.81 -3.17 8.95
N PRO A 18 -10.58 -4.03 8.26
CA PRO A 18 -11.43 -5.01 8.93
C PRO A 18 -10.60 -6.20 9.41
N GLY A 19 -9.35 -6.28 8.95
CA GLY A 19 -8.42 -7.35 9.26
C GLY A 19 -7.68 -7.66 7.96
N LEU A 20 -6.34 -7.57 7.95
CA LEU A 20 -5.61 -7.67 6.70
C LEU A 20 -4.14 -8.04 6.86
N GLN A 21 -3.44 -8.16 5.71
CA GLN A 21 -2.03 -8.50 5.68
C GLN A 21 -1.24 -7.62 4.72
N TYR A 22 -0.07 -7.13 5.14
CA TYR A 22 0.87 -6.44 4.26
C TYR A 22 2.01 -7.39 3.96
N MET A 23 2.36 -7.51 2.67
CA MET A 23 3.44 -8.38 2.22
C MET A 23 4.33 -7.64 1.23
N LEU A 24 5.65 -7.90 1.29
CA LEU A 24 6.63 -7.16 0.51
C LEU A 24 7.12 -8.03 -0.65
N LEU A 25 7.10 -7.41 -1.82
CA LEU A 25 7.58 -7.91 -3.10
C LEU A 25 8.61 -6.89 -3.58
N SER A 26 9.23 -7.14 -4.74
CA SER A 26 10.43 -6.49 -5.27
C SER A 26 11.35 -5.71 -4.35
N GLN A 27 12.54 -5.56 -4.91
CA GLN A 27 13.71 -5.06 -4.25
C GLN A 27 14.88 -5.23 -5.21
N THR A 28 14.94 -4.38 -6.23
CA THR A 28 15.99 -4.47 -7.24
C THR A 28 16.10 -3.16 -8.01
N GLY A 29 17.24 -2.95 -8.67
CA GLY A 29 17.52 -1.72 -9.39
C GLY A 29 18.97 -1.31 -9.14
N PRO A 30 19.30 -0.04 -9.41
CA PRO A 30 20.61 0.51 -9.13
C PRO A 30 20.76 0.67 -7.61
N VAL A 31 21.99 0.92 -7.15
CA VAL A 31 22.27 0.98 -5.72
C VAL A 31 21.59 2.15 -5.02
N HIS A 32 21.02 3.09 -5.77
CA HIS A 32 20.48 4.31 -5.17
C HIS A 32 19.03 4.58 -5.57
N ALA A 33 18.44 3.73 -6.42
CA ALA A 33 17.01 3.78 -6.69
C ALA A 33 16.48 2.34 -6.67
N PRO A 34 16.30 1.76 -5.48
CA PRO A 34 15.82 0.41 -5.29
C PRO A 34 14.31 0.37 -5.49
N LEU A 35 13.79 -0.64 -6.21
CA LEU A 35 12.36 -0.75 -6.42
C LEU A 35 11.78 -1.83 -5.54
N PHE A 36 10.85 -1.37 -4.68
CA PHE A 36 10.13 -2.18 -3.71
C PHE A 36 8.65 -2.10 -4.05
N VAL A 37 7.97 -3.24 -4.03
CA VAL A 37 6.54 -3.27 -4.27
C VAL A 37 5.85 -3.99 -3.12
N MET A 38 5.03 -3.27 -2.38
CA MET A 38 4.34 -3.83 -1.24
C MET A 38 2.90 -4.04 -1.65
N SER A 39 2.35 -5.22 -1.32
CA SER A 39 1.00 -5.53 -1.68
C SER A 39 0.20 -5.83 -0.42
N VAL A 40 -1.01 -5.28 -0.37
CA VAL A 40 -1.88 -5.41 0.80
C VAL A 40 -3.07 -6.29 0.46
N GLU A 41 -3.39 -7.22 1.36
CA GLU A 41 -4.43 -8.21 1.15
C GLU A 41 -5.58 -7.99 2.14
N VAL A 42 -6.75 -7.67 1.60
CA VAL A 42 -7.98 -7.43 2.37
C VAL A 42 -9.13 -8.15 1.67
N ASN A 43 -9.94 -8.90 2.43
CA ASN A 43 -11.09 -9.64 1.89
C ASN A 43 -10.73 -10.49 0.66
N GLY A 44 -9.46 -10.89 0.52
CA GLY A 44 -9.01 -11.73 -0.58
C GLY A 44 -8.68 -10.93 -1.84
N GLN A 45 -8.68 -9.61 -1.74
CA GLN A 45 -8.26 -8.73 -2.81
C GLN A 45 -6.89 -8.22 -2.42
N VAL A 46 -5.95 -8.25 -3.37
CA VAL A 46 -4.59 -7.84 -3.10
C VAL A 46 -4.22 -6.73 -4.08
N PHE A 47 -3.69 -5.64 -3.55
CA PHE A 47 -3.33 -4.49 -4.34
C PHE A 47 -1.87 -4.15 -4.08
N GLU A 48 -1.12 -3.89 -5.15
CA GLU A 48 0.33 -3.76 -5.12
C GLU A 48 0.73 -2.33 -5.48
N GLY A 49 1.66 -1.76 -4.72
CA GLY A 49 2.12 -0.40 -4.95
C GLY A 49 3.64 -0.36 -5.01
N SER A 50 4.17 0.37 -6.00
CA SER A 50 5.61 0.43 -6.25
C SER A 50 6.18 1.77 -5.81
N GLY A 51 7.22 1.72 -4.98
CA GLY A 51 7.94 2.90 -4.57
C GLY A 51 9.45 2.69 -4.60
N PRO A 52 10.21 3.78 -4.77
CA PRO A 52 11.63 3.78 -4.49
C PRO A 52 11.72 3.75 -2.97
N THR A 53 12.47 2.79 -2.41
CA THR A 53 12.46 2.51 -0.98
C THR A 53 11.08 2.00 -0.54
N LYS A 54 11.06 1.02 0.37
CA LYS A 54 9.84 0.32 0.76
C LYS A 54 8.79 1.21 1.42
N LYS A 55 9.17 2.40 1.88
CA LYS A 55 8.28 3.32 2.58
C LYS A 55 7.02 3.64 1.76
N LYS A 56 7.21 4.38 0.67
CA LYS A 56 6.15 4.81 -0.24
C LYS A 56 5.34 3.64 -0.78
N ALA A 57 5.98 2.47 -0.94
CA ALA A 57 5.31 1.30 -1.50
C ALA A 57 4.04 0.95 -0.72
N LYS A 58 4.18 0.66 0.59
CA LYS A 58 3.04 0.27 1.41
C LYS A 58 1.95 1.34 1.34
N LEU A 59 2.37 2.61 1.35
CA LEU A 59 1.48 3.77 1.31
C LEU A 59 0.58 3.72 0.09
N HIS A 60 1.19 3.70 -1.09
CA HIS A 60 0.47 3.64 -2.35
C HIS A 60 -0.46 2.44 -2.38
N ALA A 61 0.01 1.28 -1.91
CA ALA A 61 -0.83 0.10 -1.77
C ALA A 61 -2.05 0.38 -0.91
N ALA A 62 -1.86 1.08 0.22
CA ALA A 62 -2.95 1.46 1.12
C ALA A 62 -4.02 2.25 0.36
N GLU A 63 -3.59 3.29 -0.35
CA GLU A 63 -4.47 4.17 -1.12
C GLU A 63 -5.31 3.35 -2.10
N LYS A 64 -4.62 2.52 -2.89
CA LYS A 64 -5.27 1.64 -3.86
C LYS A 64 -6.32 0.77 -3.18
N ALA A 65 -5.86 -0.10 -2.27
CA ALA A 65 -6.72 -1.05 -1.58
C ALA A 65 -7.88 -0.34 -0.88
N LEU A 66 -7.62 0.86 -0.33
CA LEU A 66 -8.64 1.68 0.30
C LEU A 66 -9.78 1.89 -0.70
N ARG A 67 -9.52 2.65 -1.76
CA ARG A 67 -10.60 2.98 -2.69
C ARG A 67 -11.25 1.69 -3.20
N SER A 68 -10.40 0.71 -3.51
CA SER A 68 -10.81 -0.61 -3.95
C SER A 68 -11.75 -1.32 -2.96
N PHE A 69 -11.19 -2.00 -1.95
CA PHE A 69 -11.98 -2.82 -1.03
C PHE A 69 -13.09 -2.06 -0.31
N VAL A 70 -13.10 -0.71 -0.30
CA VAL A 70 -14.25 0.02 0.21
C VAL A 70 -15.55 -0.42 -0.48
N GLN A 71 -15.46 -1.08 -1.64
CA GLN A 71 -16.63 -1.63 -2.32
C GLN A 71 -17.07 -2.96 -1.69
N PHE A 72 -16.21 -3.55 -0.85
CA PHE A 72 -16.47 -4.82 -0.18
C PHE A 72 -15.73 -4.90 1.16
N PRO A 73 -16.07 -4.03 2.12
CA PRO A 73 -15.51 -3.99 3.46
C PRO A 73 -16.09 -5.09 4.34
N ASN A 74 -15.83 -6.35 3.98
CA ASN A 74 -16.36 -7.50 4.71
C ASN A 74 -15.39 -8.68 4.62
N PRO A 1 5.73 13.59 -3.71
CA PRO A 1 4.62 13.99 -2.84
C PRO A 1 3.34 14.29 -3.62
N GLY A 2 2.26 14.63 -2.90
CA GLY A 2 0.97 14.93 -3.52
C GLY A 2 -0.10 15.22 -2.48
N PRO A 3 -0.48 14.23 -1.65
CA PRO A 3 -1.51 14.40 -0.64
C PRO A 3 -1.04 15.18 0.58
N VAL A 4 0.27 15.44 0.67
CA VAL A 4 0.98 16.14 1.77
C VAL A 4 0.60 15.68 3.18
N LEU A 5 -0.16 14.59 3.33
CA LEU A 5 -0.48 14.01 4.63
C LEU A 5 -0.79 12.51 4.51
N PRO A 6 0.13 11.69 3.96
CA PRO A 6 -0.07 10.25 3.78
C PRO A 6 -0.60 9.55 5.03
N LYS A 7 -0.34 10.12 6.22
CA LYS A 7 -0.83 9.57 7.48
C LYS A 7 -2.33 9.30 7.37
N ASN A 8 -3.04 10.12 6.59
CA ASN A 8 -4.45 9.92 6.30
C ASN A 8 -4.69 8.53 5.73
N ALA A 9 -4.03 8.18 4.61
CA ALA A 9 -4.17 6.86 4.01
C ALA A 9 -3.83 5.77 5.02
N LEU A 10 -2.72 5.90 5.74
CA LEU A 10 -2.35 4.86 6.70
C LEU A 10 -3.47 4.63 7.72
N MET A 11 -3.83 5.67 8.47
CA MET A 11 -4.89 5.62 9.47
C MET A 11 -6.22 5.16 8.89
N GLN A 12 -6.60 5.65 7.71
CA GLN A 12 -7.83 5.22 7.07
C GLN A 12 -7.84 3.70 6.89
N LEU A 13 -6.75 3.14 6.38
CA LEU A 13 -6.58 1.70 6.32
C LEU A 13 -6.71 1.09 7.71
N ASN A 14 -6.08 1.68 8.71
CA ASN A 14 -6.17 1.16 10.08
C ASN A 14 -7.63 1.05 10.49
N GLU A 15 -8.45 2.05 10.12
CA GLU A 15 -9.89 2.01 10.32
C GLU A 15 -10.50 0.78 9.66
N ILE A 16 -10.52 0.76 8.32
CA ILE A 16 -11.15 -0.31 7.54
C ILE A 16 -10.63 -1.72 7.85
N LYS A 17 -9.37 -1.83 8.32
CA LYS A 17 -8.59 -3.04 8.59
C LYS A 17 -9.36 -4.13 9.34
N PRO A 18 -9.96 -5.11 8.64
CA PRO A 18 -10.62 -6.22 9.28
C PRO A 18 -9.58 -7.23 9.78
N GLY A 19 -8.34 -7.11 9.28
CA GLY A 19 -7.24 -7.99 9.62
C GLY A 19 -6.32 -8.21 8.41
N LEU A 20 -6.08 -7.13 7.65
CA LEU A 20 -5.39 -7.20 6.37
C LEU A 20 -3.95 -7.68 6.44
N GLN A 21 -3.33 -7.90 5.27
CA GLN A 21 -1.96 -8.36 5.18
C GLN A 21 -1.17 -7.58 4.12
N TYR A 22 0.06 -7.17 4.45
CA TYR A 22 0.98 -6.53 3.53
C TYR A 22 2.04 -7.56 3.13
N MET A 23 2.35 -7.64 1.84
CA MET A 23 3.36 -8.57 1.33
C MET A 23 4.24 -7.82 0.31
N LEU A 24 5.55 -8.09 0.34
CA LEU A 24 6.52 -7.31 -0.42
C LEU A 24 6.97 -8.09 -1.65
N LEU A 25 6.93 -7.38 -2.77
CA LEU A 25 7.37 -7.78 -4.10
C LEU A 25 8.41 -6.74 -4.52
N SER A 26 9.01 -6.91 -5.69
CA SER A 26 10.21 -6.24 -6.20
C SER A 26 11.16 -5.54 -5.23
N GLN A 27 12.33 -5.34 -5.79
CA GLN A 27 13.52 -4.90 -5.14
C GLN A 27 14.67 -5.04 -6.14
N THR A 28 14.74 -4.13 -7.11
CA THR A 28 15.77 -4.19 -8.13
C THR A 28 15.93 -2.82 -8.78
N GLY A 29 17.06 -2.63 -9.46
CA GLY A 29 17.42 -1.35 -10.06
C GLY A 29 18.88 -1.03 -9.74
N PRO A 30 19.28 0.23 -9.89
CA PRO A 30 20.61 0.69 -9.53
C PRO A 30 20.73 0.74 -8.02
N VAL A 31 21.95 0.90 -7.51
CA VAL A 31 22.21 0.88 -6.08
C VAL A 31 21.60 2.06 -5.34
N HIS A 32 21.03 3.04 -6.08
CA HIS A 32 20.55 4.27 -5.47
C HIS A 32 19.12 4.62 -5.86
N ALA A 33 18.50 3.84 -6.76
CA ALA A 33 17.07 3.96 -7.03
C ALA A 33 16.46 2.57 -7.10
N PRO A 34 16.25 1.94 -5.93
CA PRO A 34 15.69 0.60 -5.82
C PRO A 34 14.17 0.63 -6.00
N LEU A 35 13.64 -0.31 -6.77
CA LEU A 35 12.19 -0.40 -6.93
C LEU A 35 11.61 -1.56 -6.13
N PHE A 36 10.71 -1.17 -5.21
CA PHE A 36 9.99 -2.05 -4.30
C PHE A 36 8.51 -1.93 -4.62
N VAL A 37 7.82 -3.06 -4.70
CA VAL A 37 6.37 -3.04 -4.91
C VAL A 37 5.70 -3.83 -3.81
N MET A 38 4.89 -3.14 -3.00
CA MET A 38 4.22 -3.77 -1.88
C MET A 38 2.78 -3.97 -2.28
N SER A 39 2.23 -5.15 -2.00
CA SER A 39 0.86 -5.45 -2.34
C SER A 39 0.12 -5.77 -1.05
N VAL A 40 -1.08 -5.20 -0.92
CA VAL A 40 -1.86 -5.29 0.30
C VAL A 40 -3.14 -6.06 0.04
N GLU A 41 -3.48 -6.98 0.94
CA GLU A 41 -4.57 -7.92 0.77
C GLU A 41 -5.64 -7.74 1.84
N VAL A 42 -6.89 -7.57 1.39
CA VAL A 42 -8.06 -7.47 2.27
C VAL A 42 -9.17 -8.33 1.69
N ASN A 43 -9.75 -9.21 2.51
CA ASN A 43 -10.86 -10.10 2.11
C ASN A 43 -10.64 -10.88 0.82
N GLY A 44 -9.41 -10.93 0.28
CA GLY A 44 -9.09 -11.68 -0.92
C GLY A 44 -8.82 -10.79 -2.12
N GLN A 45 -8.83 -9.47 -1.90
CA GLN A 45 -8.51 -8.50 -2.93
C GLN A 45 -7.13 -7.97 -2.62
N VAL A 46 -6.28 -7.92 -3.63
CA VAL A 46 -4.89 -7.53 -3.46
C VAL A 46 -4.56 -6.40 -4.41
N PHE A 47 -3.89 -5.37 -3.91
CA PHE A 47 -3.54 -4.20 -4.70
C PHE A 47 -2.07 -3.86 -4.48
N GLU A 48 -1.38 -3.58 -5.59
CA GLU A 48 0.07 -3.46 -5.63
C GLU A 48 0.47 -2.02 -5.90
N GLY A 49 1.46 -1.51 -5.16
CA GLY A 49 1.94 -0.15 -5.31
C GLY A 49 3.46 -0.13 -5.43
N SER A 50 3.97 0.66 -6.38
CA SER A 50 5.40 0.71 -6.68
C SER A 50 6.00 1.98 -6.13
N GLY A 51 6.99 1.82 -5.25
CA GLY A 51 7.64 2.94 -4.58
C GLY A 51 9.16 2.79 -4.57
N PRO A 52 9.86 3.93 -4.48
CA PRO A 52 11.28 3.99 -4.23
C PRO A 52 11.47 3.70 -2.74
N THR A 53 12.58 3.03 -2.41
CA THR A 53 12.96 2.72 -1.03
C THR A 53 11.97 1.75 -0.36
N LYS A 54 10.79 2.19 0.06
CA LYS A 54 9.78 1.30 0.65
C LYS A 54 8.51 2.03 1.06
N LYS A 55 8.63 3.30 1.48
CA LYS A 55 7.56 4.08 2.10
C LYS A 55 6.31 4.14 1.23
N LYS A 56 6.47 4.86 0.12
CA LYS A 56 5.43 5.16 -0.87
C LYS A 56 4.76 3.89 -1.39
N ALA A 57 5.50 2.79 -1.48
CA ALA A 57 4.97 1.53 -1.95
C ALA A 57 3.74 1.08 -1.14
N LYS A 58 3.95 0.71 0.13
CA LYS A 58 2.88 0.23 0.99
C LYS A 58 1.75 1.27 1.07
N LEU A 59 2.13 2.55 1.09
CA LEU A 59 1.23 3.68 1.14
C LEU A 59 0.22 3.63 -0.01
N HIS A 60 0.73 3.73 -1.23
CA HIS A 60 -0.08 3.69 -2.43
C HIS A 60 -0.93 2.43 -2.48
N ALA A 61 -0.36 1.28 -2.08
CA ALA A 61 -1.10 0.03 -2.00
C ALA A 61 -2.34 0.20 -1.11
N ALA A 62 -2.15 0.76 0.09
CA ALA A 62 -3.24 1.02 1.02
C ALA A 62 -4.33 1.87 0.40
N GLU A 63 -3.92 2.96 -0.27
CA GLU A 63 -4.85 3.86 -0.95
C GLU A 63 -5.72 3.09 -1.96
N LYS A 64 -5.07 2.39 -2.89
CA LYS A 64 -5.79 1.63 -3.90
C LYS A 64 -6.77 0.66 -3.25
N ALA A 65 -6.24 -0.19 -2.36
CA ALA A 65 -7.03 -1.19 -1.68
C ALA A 65 -8.22 -0.56 -0.95
N LEU A 66 -8.03 0.60 -0.32
CA LEU A 66 -9.14 1.34 0.29
C LEU A 66 -10.23 1.59 -0.74
N ARG A 67 -9.87 2.18 -1.89
CA ARG A 67 -10.87 2.53 -2.89
C ARG A 67 -11.67 1.29 -3.26
N SER A 68 -10.95 0.22 -3.61
CA SER A 68 -11.54 -1.05 -3.96
C SER A 68 -12.42 -1.64 -2.85
N PHE A 69 -11.79 -1.94 -1.71
CA PHE A 69 -12.38 -2.61 -0.57
C PHE A 69 -13.62 -1.93 -0.01
N VAL A 70 -13.74 -0.60 -0.07
CA VAL A 70 -14.95 0.05 0.43
C VAL A 70 -16.21 -0.50 -0.23
N GLN A 71 -16.07 -1.15 -1.38
CA GLN A 71 -17.19 -1.75 -2.10
C GLN A 71 -17.50 -3.15 -1.57
N PHE A 72 -16.55 -3.79 -0.87
CA PHE A 72 -16.75 -5.10 -0.30
C PHE A 72 -16.04 -5.25 1.06
N PRO A 73 -16.41 -4.43 2.04
CA PRO A 73 -15.96 -4.49 3.42
C PRO A 73 -16.63 -5.65 4.17
N ASN A 74 -16.27 -5.81 5.44
CA ASN A 74 -16.84 -6.83 6.32
C ASN A 74 -16.81 -6.36 7.77
N PRO A 1 -14.80 15.62 -1.42
CA PRO A 1 -13.77 16.58 -1.02
C PRO A 1 -12.98 16.11 0.20
N GLY A 2 -11.66 16.28 0.17
CA GLY A 2 -10.79 15.88 1.27
C GLY A 2 -9.33 16.20 0.96
N PRO A 3 -8.42 15.88 1.89
CA PRO A 3 -6.99 16.09 1.75
C PRO A 3 -6.39 15.09 0.76
N VAL A 4 -5.10 15.26 0.47
CA VAL A 4 -4.37 14.42 -0.49
C VAL A 4 -3.02 13.98 0.07
N LEU A 5 -2.78 14.23 1.36
CA LEU A 5 -1.54 13.83 2.02
C LEU A 5 -1.41 12.30 2.01
N PRO A 6 -0.20 11.76 2.11
CA PRO A 6 -0.01 10.33 2.26
C PRO A 6 -0.46 9.90 3.65
N LYS A 7 -0.30 10.78 4.64
CA LYS A 7 -0.76 10.55 6.00
C LYS A 7 -2.26 10.23 6.00
N ASN A 8 -3.02 10.85 5.10
CA ASN A 8 -4.43 10.54 4.92
C ASN A 8 -4.62 9.05 4.64
N ALA A 9 -3.91 8.50 3.64
CA ALA A 9 -3.98 7.07 3.33
C ALA A 9 -3.63 6.26 4.57
N LEU A 10 -2.56 6.64 5.27
CA LEU A 10 -2.13 5.99 6.50
C LEU A 10 -3.25 5.94 7.55
N MET A 11 -3.82 7.08 7.91
CA MET A 11 -4.89 7.13 8.90
C MET A 11 -6.04 6.23 8.51
N GLN A 12 -6.55 6.41 7.29
CA GLN A 12 -7.66 5.64 6.77
C GLN A 12 -7.35 4.15 6.83
N LEU A 13 -6.15 3.78 6.37
CA LEU A 13 -5.65 2.41 6.42
C LEU A 13 -5.68 1.89 7.85
N ASN A 14 -5.12 2.66 8.80
CA ASN A 14 -5.08 2.27 10.19
C ASN A 14 -6.48 1.97 10.70
N GLU A 15 -7.45 2.80 10.30
CA GLU A 15 -8.85 2.58 10.62
C GLU A 15 -9.32 1.20 10.16
N ILE A 16 -9.22 0.95 8.85
CA ILE A 16 -9.63 -0.30 8.22
C ILE A 16 -8.76 -1.52 8.55
N LYS A 17 -7.56 -1.30 9.10
CA LYS A 17 -6.55 -2.33 9.39
C LYS A 17 -6.84 -3.50 10.37
N PRO A 18 -7.88 -3.49 11.21
CA PRO A 18 -8.22 -4.55 12.16
C PRO A 18 -8.26 -5.98 11.62
N GLY A 19 -7.90 -6.24 10.36
CA GLY A 19 -7.92 -7.58 9.81
C GLY A 19 -7.23 -7.73 8.46
N LEU A 20 -6.08 -7.09 8.23
CA LEU A 20 -5.41 -7.25 6.93
C LEU A 20 -3.90 -7.45 7.00
N GLN A 21 -3.30 -7.75 5.83
CA GLN A 21 -1.90 -8.16 5.76
C GLN A 21 -1.14 -7.45 4.65
N TYR A 22 0.09 -7.00 4.96
CA TYR A 22 0.98 -6.37 3.98
C TYR A 22 2.09 -7.35 3.58
N MET A 23 2.36 -7.43 2.28
CA MET A 23 3.36 -8.30 1.67
C MET A 23 4.43 -7.46 0.99
N LEU A 24 5.71 -7.84 1.12
CA LEU A 24 6.77 -7.17 0.37
C LEU A 24 7.22 -8.04 -0.79
N LEU A 25 7.22 -7.42 -1.97
CA LEU A 25 7.72 -7.95 -3.23
C LEU A 25 8.72 -6.91 -3.74
N SER A 26 9.33 -7.18 -4.90
CA SER A 26 10.53 -6.54 -5.46
C SER A 26 11.44 -5.72 -4.57
N GLN A 27 12.63 -5.56 -5.14
CA GLN A 27 13.78 -5.02 -4.49
C GLN A 27 14.96 -5.21 -5.45
N THR A 28 15.00 -4.40 -6.51
CA THR A 28 16.04 -4.51 -7.52
C THR A 28 16.13 -3.24 -8.34
N GLY A 29 17.25 -3.06 -9.04
CA GLY A 29 17.53 -1.85 -9.78
C GLY A 29 18.98 -1.44 -9.53
N PRO A 30 19.33 -0.19 -9.79
CA PRO A 30 20.63 0.37 -9.47
C PRO A 30 20.73 0.53 -7.96
N VAL A 31 21.95 0.75 -7.46
CA VAL A 31 22.21 0.80 -6.03
C VAL A 31 21.57 2.01 -5.34
N HIS A 32 21.03 2.96 -6.12
CA HIS A 32 20.52 4.19 -5.54
C HIS A 32 19.09 4.50 -5.98
N ALA A 33 18.49 3.66 -6.83
CA ALA A 33 17.07 3.73 -7.11
C ALA A 33 16.49 2.31 -7.09
N PRO A 34 16.25 1.77 -5.89
CA PRO A 34 15.74 0.43 -5.68
C PRO A 34 14.24 0.39 -5.90
N LEU A 35 13.75 -0.65 -6.60
CA LEU A 35 12.31 -0.78 -6.79
C LEU A 35 11.76 -1.88 -5.89
N PHE A 36 10.83 -1.43 -5.04
CA PHE A 36 10.12 -2.22 -4.06
C PHE A 36 8.63 -2.17 -4.41
N VAL A 37 7.97 -3.33 -4.36
CA VAL A 37 6.54 -3.37 -4.60
C VAL A 37 5.88 -4.11 -3.45
N MET A 38 4.96 -3.45 -2.76
CA MET A 38 4.29 -4.06 -1.64
C MET A 38 2.88 -4.42 -2.10
N SER A 39 2.43 -5.62 -1.79
CA SER A 39 1.08 -6.03 -2.12
C SER A 39 0.32 -6.21 -0.82
N VAL A 40 -0.90 -5.70 -0.75
CA VAL A 40 -1.68 -5.73 0.47
C VAL A 40 -2.94 -6.55 0.25
N GLU A 41 -3.27 -7.42 1.21
CA GLU A 41 -4.36 -8.36 1.10
C GLU A 41 -5.40 -8.14 2.18
N VAL A 42 -6.64 -7.95 1.73
CA VAL A 42 -7.81 -7.85 2.57
C VAL A 42 -8.93 -8.69 1.96
N ASN A 43 -9.60 -9.52 2.76
CA ASN A 43 -10.77 -10.27 2.31
C ASN A 43 -10.55 -11.08 1.01
N GLY A 44 -9.30 -11.35 0.64
CA GLY A 44 -8.96 -12.15 -0.55
C GLY A 44 -8.68 -11.28 -1.77
N GLN A 45 -8.68 -9.95 -1.60
CA GLN A 45 -8.36 -9.01 -2.65
C GLN A 45 -6.96 -8.49 -2.34
N VAL A 46 -6.10 -8.49 -3.36
CA VAL A 46 -4.72 -8.08 -3.17
C VAL A 46 -4.38 -7.02 -4.20
N PHE A 47 -3.71 -5.96 -3.75
CA PHE A 47 -3.34 -4.85 -4.61
C PHE A 47 -1.88 -4.50 -4.40
N GLU A 48 -1.15 -4.30 -5.49
CA GLU A 48 0.28 -4.13 -5.49
C GLU A 48 0.64 -2.69 -5.87
N GLY A 49 1.58 -2.08 -5.13
CA GLY A 49 2.01 -0.71 -5.36
C GLY A 49 3.52 -0.63 -5.42
N SER A 50 4.04 0.12 -6.42
CA SER A 50 5.48 0.23 -6.65
C SER A 50 6.01 1.57 -6.18
N GLY A 51 7.04 1.52 -5.33
CA GLY A 51 7.69 2.70 -4.81
C GLY A 51 9.22 2.55 -4.83
N PRO A 52 9.94 3.67 -4.88
CA PRO A 52 11.35 3.68 -4.61
C PRO A 52 11.43 3.51 -3.10
N THR A 53 12.33 2.65 -2.63
CA THR A 53 12.41 2.36 -1.20
C THR A 53 11.10 1.70 -0.72
N LYS A 54 11.10 1.16 0.50
CA LYS A 54 9.90 0.48 1.01
C LYS A 54 8.76 1.47 1.34
N LYS A 55 9.09 2.75 1.52
CA LYS A 55 8.16 3.76 2.01
C LYS A 55 6.89 3.87 1.20
N LYS A 56 7.00 4.58 0.06
CA LYS A 56 5.92 4.85 -0.89
C LYS A 56 5.22 3.59 -1.38
N ALA A 57 5.90 2.45 -1.42
CA ALA A 57 5.29 1.21 -1.89
C ALA A 57 4.01 0.89 -1.10
N LYS A 58 4.14 0.65 0.20
CA LYS A 58 2.99 0.35 1.05
C LYS A 58 1.92 1.43 0.96
N LEU A 59 2.35 2.69 0.84
CA LEU A 59 1.47 3.84 0.75
C LEU A 59 0.48 3.67 -0.41
N HIS A 60 1.02 3.60 -1.62
CA HIS A 60 0.22 3.41 -2.82
C HIS A 60 -0.64 2.15 -2.71
N ALA A 61 -0.05 1.05 -2.23
CA ALA A 61 -0.80 -0.18 -2.02
C ALA A 61 -2.00 0.05 -1.12
N ALA A 62 -1.79 0.77 0.00
CA ALA A 62 -2.83 1.11 0.95
C ALA A 62 -3.99 1.83 0.27
N GLU A 63 -3.65 2.86 -0.52
CA GLU A 63 -4.62 3.67 -1.26
C GLU A 63 -5.50 2.77 -2.15
N LYS A 64 -4.84 1.97 -2.99
CA LYS A 64 -5.54 1.05 -3.88
C LYS A 64 -6.50 0.14 -3.11
N ALA A 65 -5.92 -0.72 -2.26
CA ALA A 65 -6.68 -1.67 -1.47
C ALA A 65 -7.76 -1.01 -0.63
N LEU A 66 -7.49 0.19 -0.09
CA LEU A 66 -8.48 0.96 0.66
C LEU A 66 -9.72 1.10 -0.21
N ARG A 67 -9.59 1.76 -1.37
CA ARG A 67 -10.74 2.03 -2.21
C ARG A 67 -11.42 0.75 -2.67
N SER A 68 -10.65 -0.30 -2.95
CA SER A 68 -11.24 -1.58 -3.30
C SER A 68 -12.07 -2.16 -2.16
N PHE A 69 -11.40 -2.34 -1.01
CA PHE A 69 -11.92 -2.96 0.21
C PHE A 69 -13.18 -2.31 0.72
N VAL A 70 -13.27 -0.97 0.73
CA VAL A 70 -14.51 -0.29 1.14
C VAL A 70 -15.74 -0.73 0.34
N GLN A 71 -15.54 -1.40 -0.80
CA GLN A 71 -16.63 -1.88 -1.63
C GLN A 71 -16.90 -3.38 -1.36
N PHE A 72 -15.99 -4.05 -0.66
CA PHE A 72 -16.16 -5.44 -0.25
C PHE A 72 -15.48 -5.68 1.11
N PRO A 73 -15.97 -5.03 2.16
CA PRO A 73 -15.50 -5.18 3.53
C PRO A 73 -16.05 -6.46 4.16
N ASN A 74 -15.80 -6.63 5.46
CA ASN A 74 -16.26 -7.79 6.23
C ASN A 74 -16.59 -7.39 7.67
N PRO A 1 -4.49 10.67 -2.48
CA PRO A 1 -3.37 11.62 -2.64
C PRO A 1 -3.00 12.30 -1.33
N GLY A 2 -1.70 12.39 -1.03
CA GLY A 2 -1.22 12.97 0.21
C GLY A 2 0.31 13.01 0.25
N PRO A 3 0.97 13.62 -0.74
CA PRO A 3 2.42 13.66 -0.85
C PRO A 3 3.06 14.53 0.24
N VAL A 4 2.25 15.14 1.10
CA VAL A 4 2.73 15.98 2.20
C VAL A 4 1.91 15.73 3.46
N LEU A 5 0.97 14.78 3.41
CA LEU A 5 0.10 14.44 4.53
C LEU A 5 -0.42 13.00 4.36
N PRO A 6 0.48 12.02 4.23
CA PRO A 6 0.09 10.64 3.97
C PRO A 6 -0.60 10.01 5.17
N LYS A 7 -0.41 10.59 6.36
CA LYS A 7 -1.00 10.09 7.59
C LYS A 7 -2.50 9.86 7.39
N ASN A 8 -3.15 10.73 6.62
CA ASN A 8 -4.54 10.58 6.25
C ASN A 8 -4.82 9.22 5.60
N ALA A 9 -4.07 8.86 4.56
CA ALA A 9 -4.22 7.56 3.92
C ALA A 9 -4.07 6.45 4.95
N LEU A 10 -2.98 6.51 5.73
CA LEU A 10 -2.71 5.50 6.74
C LEU A 10 -3.87 5.35 7.72
N MET A 11 -4.26 6.44 8.40
CA MET A 11 -5.31 6.41 9.41
C MET A 11 -6.61 5.85 8.84
N GLN A 12 -7.05 6.39 7.71
CA GLN A 12 -8.30 5.99 7.08
C GLN A 12 -8.30 4.49 6.82
N LEU A 13 -7.19 4.00 6.23
CA LEU A 13 -7.02 2.59 6.01
C LEU A 13 -7.17 1.81 7.31
N ASN A 14 -6.37 2.18 8.33
CA ASN A 14 -6.36 1.46 9.59
C ASN A 14 -7.77 1.40 10.17
N GLU A 15 -8.52 2.49 10.01
CA GLU A 15 -9.91 2.57 10.42
C GLU A 15 -10.72 1.45 9.78
N ILE A 16 -10.78 1.42 8.44
CA ILE A 16 -11.57 0.39 7.77
C ILE A 16 -11.11 -1.04 8.04
N LYS A 17 -9.79 -1.22 8.06
CA LYS A 17 -9.04 -2.47 8.15
C LYS A 17 -9.49 -3.50 9.20
N PRO A 18 -10.40 -4.44 8.88
CA PRO A 18 -10.86 -5.41 9.86
C PRO A 18 -9.77 -6.44 10.19
N GLY A 19 -8.77 -6.57 9.32
CA GLY A 19 -7.62 -7.44 9.50
C GLY A 19 -6.98 -7.70 8.13
N LEU A 20 -5.65 -7.86 8.06
CA LEU A 20 -4.99 -7.96 6.76
C LEU A 20 -3.53 -8.41 6.81
N GLN A 21 -2.90 -8.46 5.62
CA GLN A 21 -1.49 -8.76 5.50
C GLN A 21 -0.79 -7.83 4.49
N TYR A 22 0.40 -7.32 4.85
CA TYR A 22 1.25 -6.55 3.93
C TYR A 22 2.40 -7.44 3.50
N MET A 23 2.70 -7.44 2.20
CA MET A 23 3.77 -8.24 1.61
C MET A 23 4.59 -7.40 0.63
N LEU A 24 5.91 -7.61 0.62
CA LEU A 24 6.83 -6.80 -0.17
C LEU A 24 7.26 -7.61 -1.38
N LEU A 25 7.26 -6.94 -2.53
CA LEU A 25 7.56 -7.45 -3.86
C LEU A 25 8.57 -6.48 -4.47
N SER A 26 8.85 -6.63 -5.76
CA SER A 26 10.01 -6.11 -6.46
C SER A 26 10.80 -5.04 -5.75
N GLN A 27 12.11 -5.25 -5.83
CA GLN A 27 13.10 -4.61 -5.04
C GLN A 27 14.37 -4.67 -5.87
N THR A 28 14.42 -3.79 -6.87
CA THR A 28 15.50 -3.77 -7.83
C THR A 28 15.58 -2.42 -8.54
N GLY A 29 16.70 -2.17 -9.22
CA GLY A 29 16.98 -0.91 -9.87
C GLY A 29 18.44 -0.56 -9.68
N PRO A 30 18.84 0.67 -9.99
CA PRO A 30 20.16 1.17 -9.71
C PRO A 30 20.33 1.30 -8.20
N VAL A 31 21.58 1.41 -7.73
CA VAL A 31 21.88 1.41 -6.31
C VAL A 31 21.44 2.72 -5.64
N HIS A 32 20.85 3.66 -6.39
CA HIS A 32 20.45 4.94 -5.82
C HIS A 32 19.00 5.31 -6.16
N ALA A 33 18.33 4.51 -6.99
CA ALA A 33 16.90 4.63 -7.19
C ALA A 33 16.27 3.23 -7.17
N PRO A 34 15.97 2.72 -5.97
CA PRO A 34 15.41 1.39 -5.77
C PRO A 34 13.90 1.36 -6.02
N LEU A 35 13.42 0.34 -6.71
CA LEU A 35 11.98 0.13 -6.85
C LEU A 35 11.55 -1.01 -5.95
N PHE A 36 10.73 -0.62 -4.97
CA PHE A 36 10.12 -1.46 -3.96
C PHE A 36 8.64 -1.48 -4.25
N VAL A 37 8.00 -2.66 -4.25
CA VAL A 37 6.56 -2.67 -4.55
C VAL A 37 5.85 -3.50 -3.49
N MET A 38 5.01 -2.82 -2.72
CA MET A 38 4.34 -3.43 -1.59
C MET A 38 2.90 -3.69 -1.97
N SER A 39 2.40 -4.87 -1.64
CA SER A 39 1.03 -5.21 -1.95
C SER A 39 0.33 -5.61 -0.67
N VAL A 40 -0.89 -5.10 -0.49
CA VAL A 40 -1.66 -5.32 0.72
C VAL A 40 -2.86 -6.21 0.41
N GLU A 41 -3.10 -7.19 1.28
CA GLU A 41 -4.13 -8.20 1.08
C GLU A 41 -5.21 -8.05 2.15
N VAL A 42 -6.44 -7.77 1.69
CA VAL A 42 -7.60 -7.63 2.54
C VAL A 42 -8.76 -8.37 1.90
N ASN A 43 -9.52 -9.17 2.66
CA ASN A 43 -10.66 -9.95 2.16
C ASN A 43 -10.33 -10.84 0.95
N GLY A 44 -9.05 -11.02 0.62
CA GLY A 44 -8.63 -11.83 -0.52
C GLY A 44 -8.37 -10.97 -1.75
N GLN A 45 -8.43 -9.64 -1.60
CA GLN A 45 -8.11 -8.71 -2.66
C GLN A 45 -6.75 -8.14 -2.32
N VAL A 46 -5.89 -8.07 -3.34
CA VAL A 46 -4.52 -7.62 -3.14
C VAL A 46 -4.24 -6.46 -4.08
N PHE A 47 -3.69 -5.39 -3.53
CA PHE A 47 -3.40 -4.18 -4.29
C PHE A 47 -1.95 -3.78 -4.08
N GLU A 48 -1.27 -3.44 -5.17
CA GLU A 48 0.17 -3.26 -5.21
C GLU A 48 0.52 -1.80 -5.52
N GLY A 49 1.47 -1.25 -4.77
CA GLY A 49 1.91 0.14 -4.90
C GLY A 49 3.43 0.21 -5.04
N SER A 50 3.93 1.03 -5.97
CA SER A 50 5.36 1.15 -6.22
C SER A 50 5.92 2.44 -5.65
N GLY A 51 6.90 2.28 -4.75
CA GLY A 51 7.59 3.40 -4.13
C GLY A 51 9.10 3.18 -4.05
N PRO A 52 9.86 4.27 -4.00
CA PRO A 52 11.26 4.27 -3.64
C PRO A 52 11.36 4.20 -2.11
N THR A 53 12.25 3.34 -1.59
CA THR A 53 12.52 3.28 -0.16
C THR A 53 11.31 2.87 0.67
N LYS A 54 10.46 2.01 0.07
CA LYS A 54 9.37 1.26 0.71
C LYS A 54 8.16 2.08 1.20
N LYS A 55 8.35 3.23 1.84
CA LYS A 55 7.23 3.93 2.46
C LYS A 55 6.11 4.22 1.46
N LYS A 56 6.45 4.93 0.38
CA LYS A 56 5.51 5.29 -0.66
C LYS A 56 4.81 4.06 -1.24
N ALA A 57 5.54 2.94 -1.37
CA ALA A 57 4.97 1.71 -1.88
C ALA A 57 3.75 1.29 -1.07
N LYS A 58 3.95 0.98 0.22
CA LYS A 58 2.87 0.68 1.15
C LYS A 58 1.83 1.81 1.23
N LEU A 59 2.25 3.07 1.22
CA LEU A 59 1.35 4.21 1.24
C LEU A 59 0.34 4.15 0.10
N HIS A 60 0.83 4.22 -1.13
CA HIS A 60 -0.01 4.14 -2.30
C HIS A 60 -0.86 2.88 -2.29
N ALA A 61 -0.28 1.74 -1.90
CA ALA A 61 -1.02 0.49 -1.76
C ALA A 61 -2.20 0.67 -0.81
N ALA A 62 -1.96 1.34 0.33
CA ALA A 62 -3.00 1.63 1.30
C ALA A 62 -4.15 2.40 0.66
N GLU A 63 -3.81 3.47 -0.08
CA GLU A 63 -4.79 4.30 -0.77
C GLU A 63 -5.66 3.46 -1.70
N LYS A 64 -5.00 2.67 -2.55
CA LYS A 64 -5.66 1.78 -3.50
C LYS A 64 -6.61 0.83 -2.76
N ALA A 65 -6.04 -0.02 -1.90
CA ALA A 65 -6.80 -1.03 -1.19
C ALA A 65 -7.96 -0.42 -0.40
N LEU A 66 -7.75 0.77 0.20
CA LEU A 66 -8.80 1.50 0.90
C LEU A 66 -9.98 1.68 -0.05
N ARG A 67 -9.82 2.52 -1.08
CA ARG A 67 -10.91 2.83 -1.99
C ARG A 67 -11.48 1.57 -2.61
N SER A 68 -10.62 0.55 -2.77
CA SER A 68 -11.06 -0.74 -3.26
C SER A 68 -11.93 -1.51 -2.27
N PHE A 69 -11.32 -2.23 -1.32
CA PHE A 69 -12.02 -3.10 -0.38
C PHE A 69 -13.10 -2.39 0.44
N VAL A 70 -13.14 -1.05 0.49
CA VAL A 70 -14.19 -0.35 1.24
C VAL A 70 -15.61 -0.79 0.84
N GLN A 71 -15.76 -1.49 -0.30
CA GLN A 71 -17.05 -2.03 -0.73
C GLN A 71 -17.02 -3.56 -0.75
N PHE A 72 -15.95 -4.15 -0.22
CA PHE A 72 -15.77 -5.58 0.00
C PHE A 72 -15.00 -5.79 1.31
N PRO A 73 -15.60 -5.41 2.45
CA PRO A 73 -15.05 -5.58 3.77
C PRO A 73 -15.07 -7.05 4.18
N ASN A 74 -14.69 -7.35 5.43
CA ASN A 74 -14.63 -8.71 5.93
C ASN A 74 -15.06 -8.76 7.40
N PRO A 1 1.58 25.31 -4.61
CA PRO A 1 2.01 23.94 -4.31
C PRO A 1 2.25 23.71 -2.82
N GLY A 2 2.62 22.48 -2.45
CA GLY A 2 2.89 22.12 -1.07
C GLY A 2 3.38 20.67 -0.95
N PRO A 3 3.71 20.23 0.27
CA PRO A 3 4.19 18.90 0.54
C PRO A 3 3.06 17.86 0.42
N VAL A 4 3.45 16.58 0.38
CA VAL A 4 2.51 15.47 0.30
C VAL A 4 1.76 15.29 1.62
N LEU A 5 0.75 14.42 1.64
CA LEU A 5 -0.04 14.14 2.82
C LEU A 5 -0.54 12.70 2.79
N PRO A 6 0.37 11.72 2.75
CA PRO A 6 0.02 10.30 2.67
C PRO A 6 -0.58 9.80 3.98
N LYS A 7 -0.36 10.55 5.08
CA LYS A 7 -0.88 10.17 6.38
C LYS A 7 -2.36 9.86 6.31
N ASN A 8 -3.08 10.58 5.43
CA ASN A 8 -4.48 10.32 5.16
C ASN A 8 -4.70 8.87 4.74
N ALA A 9 -3.99 8.39 3.70
CA ALA A 9 -4.09 7.00 3.28
C ALA A 9 -3.80 6.07 4.45
N LEU A 10 -2.70 6.32 5.17
CA LEU A 10 -2.35 5.49 6.31
C LEU A 10 -3.47 5.41 7.34
N MET A 11 -3.99 6.57 7.79
CA MET A 11 -5.08 6.62 8.75
C MET A 11 -6.28 5.82 8.26
N GLN A 12 -6.68 6.06 7.00
CA GLN A 12 -7.80 5.38 6.42
C GLN A 12 -7.61 3.86 6.45
N LEU A 13 -6.42 3.40 6.10
CA LEU A 13 -6.05 1.99 6.23
C LEU A 13 -6.25 1.51 7.66
N ASN A 14 -5.70 2.23 8.64
CA ASN A 14 -5.83 1.87 10.04
C ASN A 14 -7.32 1.74 10.42
N GLU A 15 -8.15 2.63 9.89
CA GLU A 15 -9.59 2.56 10.06
C GLU A 15 -10.14 1.22 9.58
N ILE A 16 -10.04 0.96 8.26
CA ILE A 16 -10.58 -0.23 7.63
C ILE A 16 -9.99 -1.54 8.18
N LYS A 17 -8.72 -1.51 8.60
CA LYS A 17 -7.85 -2.61 9.05
C LYS A 17 -8.52 -3.59 10.01
N PRO A 18 -9.18 -4.65 9.50
CA PRO A 18 -9.90 -5.60 10.32
C PRO A 18 -8.95 -6.64 10.90
N GLY A 19 -7.73 -6.71 10.34
CA GLY A 19 -6.70 -7.67 10.71
C GLY A 19 -5.94 -8.15 9.49
N LEU A 20 -5.78 -7.28 8.48
CA LEU A 20 -5.22 -7.61 7.19
C LEU A 20 -3.73 -7.93 7.25
N GLN A 21 -3.14 -8.27 6.09
CA GLN A 21 -1.72 -8.62 6.07
C GLN A 21 -0.94 -7.93 4.95
N TYR A 22 0.24 -7.41 5.29
CA TYR A 22 1.17 -6.82 4.33
C TYR A 22 2.30 -7.80 4.08
N MET A 23 2.66 -7.99 2.80
CA MET A 23 3.73 -8.88 2.38
C MET A 23 4.61 -8.21 1.32
N LEU A 24 5.92 -8.41 1.40
CA LEU A 24 6.90 -7.68 0.60
C LEU A 24 7.41 -8.56 -0.55
N LEU A 25 7.41 -7.95 -1.73
CA LEU A 25 7.92 -8.46 -2.99
C LEU A 25 8.91 -7.41 -3.49
N SER A 26 9.54 -7.67 -4.64
CA SER A 26 10.73 -7.00 -5.16
C SER A 26 11.63 -6.17 -4.26
N GLN A 27 12.81 -5.98 -4.81
CA GLN A 27 13.95 -5.42 -4.16
C GLN A 27 15.14 -5.55 -5.11
N THR A 28 15.18 -4.71 -6.14
CA THR A 28 16.24 -4.77 -7.13
C THR A 28 16.29 -3.47 -7.93
N GLY A 29 17.42 -3.21 -8.57
CA GLY A 29 17.66 -1.98 -9.31
C GLY A 29 19.08 -1.48 -9.03
N PRO A 30 19.36 -0.21 -9.34
CA PRO A 30 20.63 0.42 -9.01
C PRO A 30 20.71 0.63 -7.50
N VAL A 31 21.90 0.95 -7.00
CA VAL A 31 22.13 1.05 -5.57
C VAL A 31 21.42 2.23 -4.92
N HIS A 32 20.83 3.13 -5.72
CA HIS A 32 20.24 4.36 -5.18
C HIS A 32 18.80 4.55 -5.64
N ALA A 33 18.27 3.65 -6.46
CA ALA A 33 16.85 3.61 -6.76
C ALA A 33 16.39 2.14 -6.69
N PRO A 34 16.17 1.62 -5.48
CA PRO A 34 15.75 0.25 -5.24
C PRO A 34 14.27 0.10 -5.53
N LEU A 35 13.87 -0.99 -6.23
CA LEU A 35 12.45 -1.21 -6.46
C LEU A 35 11.92 -2.31 -5.56
N PHE A 36 10.98 -1.87 -4.72
CA PHE A 36 10.27 -2.68 -3.74
C PHE A 36 8.80 -2.66 -4.11
N VAL A 37 8.15 -3.83 -4.06
CA VAL A 37 6.72 -3.89 -4.31
C VAL A 37 6.06 -4.58 -3.14
N MET A 38 5.19 -3.84 -2.45
CA MET A 38 4.52 -4.33 -1.27
C MET A 38 3.09 -4.63 -1.68
N SER A 39 2.58 -5.78 -1.27
CA SER A 39 1.25 -6.19 -1.63
C SER A 39 0.46 -6.45 -0.36
N VAL A 40 -0.77 -5.95 -0.33
CA VAL A 40 -1.61 -6.01 0.85
C VAL A 40 -2.82 -6.90 0.60
N GLU A 41 -3.13 -7.77 1.56
CA GLU A 41 -4.19 -8.76 1.45
C GLU A 41 -5.29 -8.51 2.47
N VAL A 42 -6.50 -8.29 1.94
CA VAL A 42 -7.73 -8.12 2.70
C VAL A 42 -8.83 -8.95 2.05
N ASN A 43 -9.62 -9.68 2.85
CA ASN A 43 -10.72 -10.52 2.36
C ASN A 43 -10.32 -11.46 1.20
N GLY A 44 -9.02 -11.70 1.02
CA GLY A 44 -8.53 -12.58 -0.05
C GLY A 44 -8.24 -11.83 -1.34
N GLN A 45 -8.31 -10.50 -1.29
CA GLN A 45 -7.96 -9.65 -2.41
C GLN A 45 -6.61 -9.04 -2.09
N VAL A 46 -5.71 -9.09 -3.06
CA VAL A 46 -4.35 -8.61 -2.85
C VAL A 46 -4.04 -7.55 -3.89
N PHE A 47 -3.45 -6.44 -3.43
CA PHE A 47 -3.12 -5.32 -4.30
C PHE A 47 -1.66 -4.95 -4.08
N GLU A 48 -0.94 -4.72 -5.19
CA GLU A 48 0.50 -4.56 -5.19
C GLU A 48 0.85 -3.12 -5.58
N GLY A 49 1.79 -2.52 -4.85
CA GLY A 49 2.24 -1.14 -5.08
C GLY A 49 3.75 -1.08 -5.15
N SER A 50 4.30 -0.35 -6.13
CA SER A 50 5.74 -0.27 -6.35
C SER A 50 6.27 1.06 -5.88
N GLY A 51 7.22 1.02 -4.94
CA GLY A 51 7.86 2.21 -4.43
C GLY A 51 9.38 2.07 -4.32
N PRO A 52 10.08 3.21 -4.39
CA PRO A 52 11.47 3.36 -4.01
C PRO A 52 11.55 3.57 -2.50
N THR A 53 12.49 2.90 -1.82
CA THR A 53 12.75 3.16 -0.41
C THR A 53 11.58 2.68 0.47
N LYS A 54 10.93 1.58 0.05
CA LYS A 54 9.88 0.84 0.74
C LYS A 54 8.57 1.58 1.06
N LYS A 55 8.61 2.79 1.63
CA LYS A 55 7.42 3.45 2.17
C LYS A 55 6.31 3.57 1.12
N LYS A 56 6.62 4.17 -0.03
CA LYS A 56 5.67 4.42 -1.10
C LYS A 56 4.98 3.15 -1.56
N ALA A 57 5.70 2.02 -1.59
CA ALA A 57 5.12 0.75 -1.99
C ALA A 57 3.89 0.43 -1.12
N LYS A 58 4.10 0.26 0.19
CA LYS A 58 3.03 0.05 1.15
C LYS A 58 1.97 1.15 1.11
N LEU A 59 2.39 2.41 0.95
CA LEU A 59 1.47 3.54 0.87
C LEU A 59 0.44 3.33 -0.24
N HIS A 60 0.90 3.35 -1.49
CA HIS A 60 0.03 3.14 -2.63
C HIS A 60 -0.75 1.84 -2.53
N ALA A 61 -0.13 0.78 -1.99
CA ALA A 61 -0.83 -0.48 -1.76
C ALA A 61 -2.08 -0.25 -0.89
N ALA A 62 -1.90 0.47 0.23
CA ALA A 62 -2.99 0.83 1.14
C ALA A 62 -4.10 1.55 0.39
N GLU A 63 -3.71 2.55 -0.41
CA GLU A 63 -4.63 3.33 -1.22
C GLU A 63 -5.48 2.43 -2.12
N LYS A 64 -4.82 1.71 -3.02
CA LYS A 64 -5.50 0.82 -3.95
C LYS A 64 -6.40 -0.17 -3.24
N ALA A 65 -5.82 -0.93 -2.31
CA ALA A 65 -6.57 -1.92 -1.56
C ALA A 65 -7.76 -1.28 -0.85
N LEU A 66 -7.61 -0.07 -0.32
CA LEU A 66 -8.72 0.64 0.28
C LEU A 66 -9.85 0.76 -0.74
N ARG A 67 -9.53 1.20 -1.97
CA ARG A 67 -10.55 1.39 -2.99
C ARG A 67 -11.30 0.08 -3.19
N SER A 68 -10.56 -0.99 -3.48
CA SER A 68 -11.14 -2.30 -3.70
C SER A 68 -11.94 -2.81 -2.50
N PHE A 69 -11.30 -2.84 -1.34
CA PHE A 69 -11.83 -3.40 -0.10
C PHE A 69 -13.18 -2.79 0.28
N VAL A 70 -13.36 -1.48 0.06
CA VAL A 70 -14.64 -0.83 0.32
C VAL A 70 -15.79 -1.51 -0.43
N GLN A 71 -15.49 -2.25 -1.51
CA GLN A 71 -16.50 -2.93 -2.30
C GLN A 71 -16.59 -4.42 -1.93
N PHE A 72 -15.66 -4.91 -1.11
CA PHE A 72 -15.68 -6.28 -0.62
C PHE A 72 -15.08 -6.33 0.79
N PRO A 73 -15.74 -5.69 1.76
CA PRO A 73 -15.29 -5.63 3.14
C PRO A 73 -15.48 -6.98 3.83
N ASN A 74 -15.06 -7.05 5.10
CA ASN A 74 -15.13 -8.27 5.91
C ASN A 74 -15.28 -7.90 7.39
N PRO A 1 6.37 15.98 -6.94
CA PRO A 1 4.95 15.63 -6.75
C PRO A 1 4.76 14.58 -5.66
N GLY A 2 3.80 14.80 -4.76
CA GLY A 2 3.52 13.87 -3.68
C GLY A 2 2.34 14.37 -2.84
N PRO A 3 1.96 13.59 -1.81
CA PRO A 3 0.87 13.92 -0.90
C PRO A 3 1.27 15.05 0.06
N VAL A 4 0.31 15.50 0.87
CA VAL A 4 0.53 16.55 1.86
C VAL A 4 -0.25 16.26 3.14
N LEU A 5 -1.05 15.19 3.14
CA LEU A 5 -1.84 14.76 4.28
C LEU A 5 -2.01 13.24 4.23
N PRO A 6 -0.90 12.48 4.15
CA PRO A 6 -0.93 11.04 3.96
C PRO A 6 -1.50 10.31 5.17
N LYS A 7 -1.51 10.96 6.34
CA LYS A 7 -2.06 10.36 7.54
C LYS A 7 -3.49 9.89 7.31
N ASN A 8 -4.18 10.51 6.34
CA ASN A 8 -5.50 10.09 5.92
C ASN A 8 -5.46 8.62 5.52
N ALA A 9 -4.66 8.28 4.50
CA ALA A 9 -4.52 6.90 4.05
C ALA A 9 -4.09 6.00 5.21
N LEU A 10 -3.05 6.41 5.96
CA LEU A 10 -2.55 5.59 7.05
C LEU A 10 -3.64 5.23 8.05
N MET A 11 -4.21 6.25 8.71
CA MET A 11 -5.23 6.06 9.72
C MET A 11 -6.44 5.28 9.18
N GLN A 12 -6.93 5.65 7.99
CA GLN A 12 -8.03 4.95 7.37
C GLN A 12 -7.73 3.46 7.22
N LEU A 13 -6.53 3.13 6.74
CA LEU A 13 -6.09 1.75 6.65
C LEU A 13 -6.16 1.06 8.00
N ASN A 14 -5.59 1.70 9.04
CA ASN A 14 -5.61 1.15 10.38
C ASN A 14 -7.04 0.87 10.83
N GLU A 15 -7.97 1.75 10.47
CA GLU A 15 -9.39 1.55 10.72
C GLU A 15 -9.88 0.25 10.08
N ILE A 16 -9.84 0.17 8.74
CA ILE A 16 -10.34 -0.97 8.00
C ILE A 16 -9.65 -2.29 8.36
N LYS A 17 -8.37 -2.22 8.75
CA LYS A 17 -7.41 -3.31 8.99
C LYS A 17 -7.99 -4.50 9.77
N PRO A 18 -8.63 -5.46 9.08
CA PRO A 18 -9.37 -6.54 9.72
C PRO A 18 -8.41 -7.67 10.13
N GLY A 19 -7.14 -7.53 9.75
CA GLY A 19 -6.10 -8.54 9.98
C GLY A 19 -5.34 -8.85 8.69
N LEU A 20 -5.35 -7.90 7.75
CA LEU A 20 -4.77 -8.03 6.43
C LEU A 20 -3.24 -8.15 6.45
N GLN A 21 -2.64 -8.28 5.26
CA GLN A 21 -1.21 -8.49 5.17
C GLN A 21 -0.52 -7.59 4.15
N TYR A 22 0.63 -7.01 4.53
CA TYR A 22 1.44 -6.20 3.64
C TYR A 22 2.67 -6.99 3.21
N MET A 23 2.97 -6.94 1.91
CA MET A 23 4.06 -7.64 1.26
C MET A 23 5.05 -6.64 0.69
N LEU A 24 6.36 -6.87 0.86
CA LEU A 24 7.34 -6.04 0.18
C LEU A 24 7.94 -6.85 -0.97
N LEU A 25 7.97 -6.23 -2.15
CA LEU A 25 8.48 -6.76 -3.40
C LEU A 25 9.43 -5.74 -3.99
N SER A 26 10.02 -6.02 -5.16
CA SER A 26 11.20 -5.29 -5.63
C SER A 26 12.10 -4.88 -4.46
N GLN A 27 12.65 -3.68 -4.60
CA GLN A 27 13.71 -3.07 -3.87
C GLN A 27 15.03 -3.68 -4.32
N THR A 28 15.58 -3.05 -5.35
CA THR A 28 16.83 -3.47 -5.96
C THR A 28 17.52 -2.30 -6.65
N GLY A 29 16.90 -1.77 -7.71
CA GLY A 29 17.42 -0.67 -8.51
C GLY A 29 18.88 -0.86 -8.95
N PRO A 30 19.47 0.19 -9.54
CA PRO A 30 20.88 0.29 -9.86
C PRO A 30 21.70 0.65 -8.64
N VAL A 31 21.03 0.70 -7.49
CA VAL A 31 21.61 1.05 -6.21
C VAL A 31 21.85 2.57 -6.11
N HIS A 32 21.23 3.34 -7.01
CA HIS A 32 21.23 4.80 -6.92
C HIS A 32 19.87 5.37 -7.33
N ALA A 33 18.97 4.52 -7.84
CA ALA A 33 17.57 4.85 -8.08
C ALA A 33 16.73 3.67 -7.60
N PRO A 34 16.41 3.65 -6.29
CA PRO A 34 15.76 2.53 -5.64
C PRO A 34 14.29 2.44 -6.01
N LEU A 35 13.80 1.22 -6.33
CA LEU A 35 12.39 1.01 -6.57
C LEU A 35 11.86 -0.07 -5.64
N PHE A 36 10.84 0.27 -4.86
CA PHE A 36 10.19 -0.63 -3.91
C PHE A 36 8.76 -0.82 -4.35
N VAL A 37 8.26 -2.06 -4.32
CA VAL A 37 6.85 -2.26 -4.61
C VAL A 37 6.24 -3.07 -3.48
N MET A 38 5.29 -2.48 -2.77
CA MET A 38 4.63 -3.16 -1.68
C MET A 38 3.25 -3.57 -2.16
N SER A 39 2.83 -4.80 -1.86
CA SER A 39 1.53 -5.27 -2.26
C SER A 39 0.76 -5.65 -1.01
N VAL A 40 -0.50 -5.23 -0.94
CA VAL A 40 -1.34 -5.49 0.22
C VAL A 40 -2.46 -6.46 -0.13
N GLU A 41 -2.67 -7.44 0.75
CA GLU A 41 -3.64 -8.50 0.55
C GLU A 41 -4.76 -8.41 1.58
N VAL A 42 -5.99 -8.27 1.08
CA VAL A 42 -7.21 -8.24 1.87
C VAL A 42 -8.26 -9.12 1.21
N ASN A 43 -8.91 -10.01 1.97
CA ASN A 43 -9.95 -10.91 1.48
C ASN A 43 -9.56 -11.69 0.20
N GLY A 44 -8.28 -11.75 -0.14
CA GLY A 44 -7.79 -12.48 -1.32
C GLY A 44 -7.57 -11.57 -2.52
N GLN A 45 -7.74 -10.26 -2.33
CA GLN A 45 -7.47 -9.28 -3.36
C GLN A 45 -6.15 -8.61 -2.98
N VAL A 46 -5.26 -8.46 -3.96
CA VAL A 46 -3.94 -7.92 -3.71
C VAL A 46 -3.68 -6.75 -4.64
N PHE A 47 -3.18 -5.65 -4.08
CA PHE A 47 -2.90 -4.44 -4.84
C PHE A 47 -1.48 -4.00 -4.55
N GLU A 48 -0.76 -3.64 -5.62
CA GLU A 48 0.67 -3.41 -5.59
C GLU A 48 0.97 -1.95 -5.94
N GLY A 49 1.86 -1.31 -5.18
CA GLY A 49 2.17 0.10 -5.35
C GLY A 49 3.68 0.33 -5.34
N SER A 50 4.17 1.15 -6.28
CA SER A 50 5.60 1.39 -6.45
C SER A 50 6.00 2.77 -5.92
N GLY A 51 6.97 2.78 -5.03
CA GLY A 51 7.50 3.99 -4.43
C GLY A 51 9.01 3.91 -4.20
N PRO A 52 9.70 5.06 -4.17
CA PRO A 52 11.07 5.10 -3.68
C PRO A 52 11.00 4.94 -2.16
N THR A 53 11.75 3.98 -1.62
CA THR A 53 11.67 3.60 -0.21
C THR A 53 10.27 3.10 0.18
N LYS A 54 10.16 2.41 1.32
CA LYS A 54 8.93 1.75 1.75
C LYS A 54 7.75 2.71 1.96
N LYS A 55 8.02 3.99 2.20
CA LYS A 55 7.00 4.97 2.58
C LYS A 55 5.87 5.04 1.57
N LYS A 56 6.16 5.66 0.42
CA LYS A 56 5.22 5.88 -0.67
C LYS A 56 4.56 4.59 -1.14
N ALA A 57 5.35 3.51 -1.26
CA ALA A 57 4.87 2.23 -1.77
C ALA A 57 3.67 1.71 -0.97
N LYS A 58 3.86 1.40 0.32
CA LYS A 58 2.79 0.87 1.14
C LYS A 58 1.58 1.81 1.13
N LEU A 59 1.85 3.12 1.13
CA LEU A 59 0.82 4.15 1.15
C LEU A 59 -0.13 3.98 -0.02
N HIS A 60 0.43 4.00 -1.24
CA HIS A 60 -0.31 3.80 -2.46
C HIS A 60 -1.07 2.48 -2.44
N ALA A 61 -0.40 1.40 -1.99
CA ALA A 61 -1.06 0.11 -1.85
C ALA A 61 -2.30 0.23 -0.95
N ALA A 62 -2.17 0.90 0.20
CA ALA A 62 -3.26 1.12 1.13
C ALA A 62 -4.46 1.78 0.47
N GLU A 63 -4.21 2.93 -0.17
CA GLU A 63 -5.23 3.72 -0.84
C GLU A 63 -6.00 2.87 -1.86
N LYS A 64 -5.23 2.22 -2.74
CA LYS A 64 -5.76 1.35 -3.78
C LYS A 64 -6.64 0.26 -3.18
N ALA A 65 -6.04 -0.62 -2.37
CA ALA A 65 -6.74 -1.73 -1.76
C ALA A 65 -7.95 -1.27 -0.95
N LEU A 66 -7.82 -0.15 -0.23
CA LEU A 66 -8.93 0.42 0.53
C LEU A 66 -10.12 0.59 -0.40
N ARG A 67 -10.01 1.48 -1.38
CA ARG A 67 -11.14 1.76 -2.27
C ARG A 67 -11.64 0.48 -2.93
N SER A 68 -10.69 -0.38 -3.31
CA SER A 68 -11.00 -1.69 -3.85
C SER A 68 -11.88 -2.53 -2.92
N PHE A 69 -11.24 -3.20 -1.94
CA PHE A 69 -11.90 -4.15 -1.05
C PHE A 69 -13.08 -3.57 -0.27
N VAL A 70 -13.27 -2.25 -0.22
CA VAL A 70 -14.50 -1.68 0.35
C VAL A 70 -15.75 -2.26 -0.32
N GLN A 71 -15.61 -2.86 -1.51
CA GLN A 71 -16.69 -3.53 -2.19
C GLN A 71 -16.90 -4.95 -1.63
N PHE A 72 -15.92 -5.47 -0.89
CA PHE A 72 -15.94 -6.82 -0.30
C PHE A 72 -15.17 -6.86 1.02
N PRO A 73 -15.64 -6.15 2.04
CA PRO A 73 -15.01 -6.11 3.36
C PRO A 73 -15.27 -7.43 4.08
N ASN A 74 -14.18 -8.07 4.52
CA ASN A 74 -14.24 -9.34 5.23
C ASN A 74 -13.02 -9.47 6.15
N PRO A 1 -12.20 13.10 0.53
CA PRO A 1 -10.77 12.91 0.21
C PRO A 1 -9.85 13.80 1.05
N GLY A 2 -8.54 13.59 0.92
CA GLY A 2 -7.55 14.36 1.67
C GLY A 2 -6.12 13.96 1.32
N PRO A 3 -5.73 13.97 0.04
CA PRO A 3 -4.41 13.58 -0.42
C PRO A 3 -3.34 14.61 -0.03
N VAL A 4 -3.75 15.70 0.63
CA VAL A 4 -2.85 16.77 1.06
C VAL A 4 -1.85 16.28 2.11
N LEU A 5 -2.05 15.07 2.66
CA LEU A 5 -1.17 14.51 3.68
C LEU A 5 -1.21 12.98 3.57
N PRO A 6 -0.10 12.28 3.81
CA PRO A 6 -0.07 10.82 3.75
C PRO A 6 -0.69 10.19 5.00
N LYS A 7 -0.60 10.88 6.15
CA LYS A 7 -1.17 10.35 7.39
C LYS A 7 -2.62 9.96 7.18
N ASN A 8 -3.34 10.71 6.33
CA ASN A 8 -4.71 10.38 5.98
C ASN A 8 -4.81 8.95 5.43
N ALA A 9 -3.99 8.60 4.43
CA ALA A 9 -3.96 7.24 3.90
C ALA A 9 -3.69 6.25 5.02
N LEU A 10 -2.61 6.48 5.79
CA LEU A 10 -2.23 5.58 6.87
C LEU A 10 -3.36 5.36 7.89
N MET A 11 -3.92 6.44 8.43
CA MET A 11 -5.00 6.34 9.41
C MET A 11 -6.16 5.54 8.85
N GLN A 12 -6.62 5.95 7.66
CA GLN A 12 -7.74 5.31 7.02
C GLN A 12 -7.48 3.81 6.86
N LEU A 13 -6.26 3.46 6.47
CA LEU A 13 -5.85 2.07 6.37
C LEU A 13 -6.06 1.36 7.71
N ASN A 14 -5.45 1.85 8.80
CA ASN A 14 -5.57 1.16 10.08
C ASN A 14 -7.04 0.97 10.47
N GLU A 15 -7.90 1.93 10.11
CA GLU A 15 -9.33 1.82 10.30
C GLU A 15 -9.87 0.57 9.60
N ILE A 16 -9.74 0.54 8.27
CA ILE A 16 -10.22 -0.56 7.43
C ILE A 16 -9.47 -1.88 7.58
N LYS A 17 -8.28 -1.84 8.20
CA LYS A 17 -7.33 -2.95 8.28
C LYS A 17 -7.75 -4.32 8.84
N PRO A 18 -8.78 -4.46 9.68
CA PRO A 18 -9.20 -5.71 10.31
C PRO A 18 -9.25 -6.92 9.37
N GLY A 19 -8.11 -7.61 9.21
CA GLY A 19 -8.05 -8.87 8.47
C GLY A 19 -7.31 -8.74 7.13
N LEU A 20 -6.04 -8.30 7.15
CA LEU A 20 -5.32 -8.11 5.89
C LEU A 20 -3.86 -8.58 5.90
N GLN A 21 -3.23 -8.53 4.72
CA GLN A 21 -1.82 -8.88 4.57
C GLN A 21 -1.06 -7.88 3.70
N TYR A 22 0.15 -7.48 4.12
CA TYR A 22 1.06 -6.74 3.24
C TYR A 22 2.17 -7.71 2.82
N MET A 23 2.50 -7.68 1.53
CA MET A 23 3.55 -8.51 0.96
C MET A 23 4.44 -7.67 0.05
N LEU A 24 5.77 -7.89 0.14
CA LEU A 24 6.74 -7.04 -0.54
C LEU A 24 7.27 -7.76 -1.77
N LEU A 25 7.21 -7.03 -2.88
CA LEU A 25 7.73 -7.39 -4.18
C LEU A 25 8.75 -6.31 -4.53
N SER A 26 9.41 -6.42 -5.68
CA SER A 26 10.63 -5.71 -6.10
C SER A 26 11.50 -4.99 -5.08
N GLN A 27 12.71 -4.79 -5.56
CA GLN A 27 13.84 -4.33 -4.83
C GLN A 27 15.06 -4.42 -5.74
N THR A 28 15.15 -3.51 -6.70
CA THR A 28 16.25 -3.52 -7.65
C THR A 28 16.37 -2.15 -8.31
N GLY A 29 17.54 -1.84 -8.85
CA GLY A 29 17.78 -0.54 -9.46
C GLY A 29 19.26 -0.27 -9.66
N PRO A 30 19.59 0.97 -10.01
CA PRO A 30 20.94 1.48 -10.23
C PRO A 30 21.87 1.39 -9.05
N VAL A 31 21.39 0.78 -7.96
CA VAL A 31 22.10 0.64 -6.71
C VAL A 31 22.14 1.96 -5.95
N HIS A 32 21.39 2.95 -6.43
CA HIS A 32 21.23 4.22 -5.74
C HIS A 32 19.80 4.75 -5.90
N ALA A 33 19.00 4.10 -6.73
CA ALA A 33 17.56 4.36 -6.83
C ALA A 33 16.83 3.01 -6.87
N PRO A 34 16.59 2.40 -5.71
CA PRO A 34 15.97 1.09 -5.59
C PRO A 34 14.45 1.16 -5.80
N LEU A 35 13.92 0.22 -6.58
CA LEU A 35 12.47 0.13 -6.76
C LEU A 35 11.89 -1.04 -5.96
N PHE A 36 10.96 -0.66 -5.09
CA PHE A 36 10.21 -1.55 -4.21
C PHE A 36 8.74 -1.49 -4.61
N VAL A 37 8.09 -2.65 -4.68
CA VAL A 37 6.66 -2.66 -4.95
C VAL A 37 5.97 -3.50 -3.89
N MET A 38 5.13 -2.85 -3.08
CA MET A 38 4.45 -3.52 -1.99
C MET A 38 3.01 -3.72 -2.42
N SER A 39 2.47 -4.92 -2.17
CA SER A 39 1.11 -5.22 -2.56
C SER A 39 0.33 -5.63 -1.32
N VAL A 40 -0.87 -5.09 -1.19
CA VAL A 40 -1.72 -5.32 -0.03
C VAL A 40 -2.93 -6.15 -0.41
N GLU A 41 -3.25 -7.15 0.41
CA GLU A 41 -4.34 -8.09 0.17
C GLU A 41 -5.42 -7.93 1.22
N VAL A 42 -6.64 -7.63 0.75
CA VAL A 42 -7.82 -7.54 1.58
C VAL A 42 -8.99 -8.24 0.86
N ASN A 43 -9.73 -9.10 1.57
CA ASN A 43 -10.88 -9.82 1.05
C ASN A 43 -10.59 -10.64 -0.23
N GLY A 44 -9.32 -10.72 -0.67
CA GLY A 44 -8.93 -11.46 -1.86
C GLY A 44 -8.59 -10.52 -3.02
N GLN A 45 -8.61 -9.22 -2.76
CA GLN A 45 -8.24 -8.21 -3.73
C GLN A 45 -6.86 -7.72 -3.34
N VAL A 46 -5.95 -7.66 -4.31
CA VAL A 46 -4.57 -7.28 -4.05
C VAL A 46 -4.20 -6.11 -4.93
N PHE A 47 -3.54 -5.11 -4.35
CA PHE A 47 -3.16 -3.91 -5.05
C PHE A 47 -1.71 -3.57 -4.77
N GLU A 48 -0.96 -3.24 -5.82
CA GLU A 48 0.48 -3.10 -5.78
C GLU A 48 0.86 -1.63 -6.02
N GLY A 49 1.81 -1.13 -5.22
CA GLY A 49 2.26 0.25 -5.32
C GLY A 49 3.78 0.30 -5.44
N SER A 50 4.29 1.12 -6.37
CA SER A 50 5.71 1.23 -6.66
C SER A 50 6.29 2.52 -6.10
N GLY A 51 7.21 2.35 -5.15
CA GLY A 51 7.88 3.46 -4.49
C GLY A 51 9.39 3.22 -4.37
N PRO A 52 10.16 4.29 -4.27
CA PRO A 52 11.53 4.22 -3.80
C PRO A 52 11.38 3.98 -2.32
N THR A 53 12.16 3.06 -1.74
CA THR A 53 12.06 2.72 -0.33
C THR A 53 10.75 1.99 -0.06
N LYS A 54 10.62 1.35 1.11
CA LYS A 54 9.43 0.59 1.45
C LYS A 54 8.23 1.50 1.75
N LYS A 55 8.50 2.75 2.17
CA LYS A 55 7.48 3.70 2.61
C LYS A 55 6.40 3.93 1.56
N LYS A 56 6.75 4.63 0.49
CA LYS A 56 5.83 5.01 -0.57
C LYS A 56 5.11 3.79 -1.15
N ALA A 57 5.82 2.67 -1.32
CA ALA A 57 5.24 1.46 -1.83
C ALA A 57 4.03 1.05 -1.00
N LYS A 58 4.23 0.77 0.29
CA LYS A 58 3.15 0.47 1.22
C LYS A 58 2.08 1.58 1.26
N LEU A 59 2.51 2.85 1.28
CA LEU A 59 1.61 3.99 1.29
C LEU A 59 0.62 3.94 0.12
N HIS A 60 1.15 4.05 -1.09
CA HIS A 60 0.36 4.03 -2.30
C HIS A 60 -0.52 2.77 -2.37
N ALA A 61 0.03 1.62 -1.99
CA ALA A 61 -0.73 0.39 -1.92
C ALA A 61 -1.97 0.56 -1.05
N ALA A 62 -1.79 1.15 0.14
CA ALA A 62 -2.88 1.44 1.05
C ALA A 62 -3.97 2.26 0.37
N GLU A 63 -3.56 3.37 -0.26
CA GLU A 63 -4.44 4.27 -0.97
C GLU A 63 -5.29 3.54 -2.02
N LYS A 64 -4.60 2.81 -2.90
CA LYS A 64 -5.24 2.03 -3.96
C LYS A 64 -6.26 1.06 -3.38
N ALA A 65 -5.79 0.12 -2.56
CA ALA A 65 -6.64 -0.90 -1.97
C ALA A 65 -7.80 -0.28 -1.21
N LEU A 66 -7.55 0.82 -0.49
CA LEU A 66 -8.60 1.53 0.24
C LEU A 66 -9.73 1.81 -0.74
N ARG A 67 -9.47 2.68 -1.72
CA ARG A 67 -10.50 3.10 -2.66
C ARG A 67 -11.15 1.90 -3.34
N SER A 68 -10.36 0.87 -3.63
CA SER A 68 -10.86 -0.37 -4.18
C SER A 68 -11.85 -1.07 -3.25
N PHE A 69 -11.31 -1.86 -2.32
CA PHE A 69 -12.06 -2.70 -1.39
C PHE A 69 -13.10 -1.99 -0.55
N VAL A 70 -13.10 -0.64 -0.48
CA VAL A 70 -14.12 0.10 0.28
C VAL A 70 -15.55 -0.35 -0.05
N GLN A 71 -15.77 -0.97 -1.22
CA GLN A 71 -17.08 -1.45 -1.63
C GLN A 71 -17.38 -2.85 -1.07
N PHE A 72 -16.38 -3.51 -0.49
CA PHE A 72 -16.46 -4.85 0.07
C PHE A 72 -15.53 -4.97 1.29
N PRO A 73 -15.81 -4.22 2.36
CA PRO A 73 -15.03 -4.21 3.57
C PRO A 73 -15.22 -5.49 4.39
N ASN A 74 -14.62 -5.54 5.57
CA ASN A 74 -14.66 -6.69 6.46
C ASN A 74 -14.71 -6.23 7.92
N PRO A 1 -4.41 15.72 -8.70
CA PRO A 1 -4.07 15.83 -7.27
C PRO A 1 -5.29 15.64 -6.37
N GLY A 2 -5.08 15.64 -5.05
CA GLY A 2 -6.15 15.48 -4.08
C GLY A 2 -5.61 15.44 -2.66
N PRO A 3 -4.82 14.42 -2.31
CA PRO A 3 -4.21 14.31 -0.98
C PRO A 3 -3.07 15.31 -0.83
N VAL A 4 -2.53 15.42 0.40
CA VAL A 4 -1.43 16.32 0.71
C VAL A 4 -0.51 15.72 1.78
N LEU A 5 -0.86 14.54 2.31
CA LEU A 5 -0.07 13.86 3.32
C LEU A 5 -0.36 12.36 3.21
N PRO A 6 0.63 11.48 3.44
CA PRO A 6 0.43 10.04 3.39
C PRO A 6 -0.28 9.54 4.65
N LYS A 7 -0.06 10.20 5.79
CA LYS A 7 -0.65 9.77 7.05
C LYS A 7 -2.15 9.56 6.88
N ASN A 8 -2.80 10.43 6.10
CA ASN A 8 -4.21 10.31 5.79
C ASN A 8 -4.53 8.94 5.19
N ALA A 9 -3.78 8.50 4.17
CA ALA A 9 -3.97 7.17 3.59
C ALA A 9 -3.85 6.11 4.68
N LEU A 10 -2.76 6.16 5.46
CA LEU A 10 -2.55 5.18 6.51
C LEU A 10 -3.73 5.13 7.48
N MET A 11 -4.12 6.27 8.05
CA MET A 11 -5.22 6.36 8.99
C MET A 11 -6.51 5.81 8.40
N GLN A 12 -6.83 6.20 7.17
CA GLN A 12 -8.04 5.78 6.49
C GLN A 12 -8.10 4.25 6.44
N LEU A 13 -7.04 3.62 5.93
CA LEU A 13 -6.92 2.18 5.90
C LEU A 13 -7.08 1.61 7.31
N ASN A 14 -6.39 2.20 8.31
CA ASN A 14 -6.48 1.71 9.67
C ASN A 14 -7.93 1.67 10.13
N GLU A 15 -8.68 2.73 9.82
CA GLU A 15 -10.11 2.80 10.09
C GLU A 15 -10.84 1.61 9.49
N ILE A 16 -10.89 1.56 8.15
CA ILE A 16 -11.67 0.57 7.41
C ILE A 16 -11.32 -0.89 7.70
N LYS A 17 -10.04 -1.24 7.69
CA LYS A 17 -9.59 -2.64 7.73
C LYS A 17 -10.13 -3.43 8.92
N PRO A 18 -10.27 -4.77 8.77
CA PRO A 18 -10.65 -5.68 9.83
C PRO A 18 -9.44 -6.31 10.55
N GLY A 19 -8.28 -6.36 9.87
CA GLY A 19 -7.11 -7.08 10.35
C GLY A 19 -6.28 -7.55 9.15
N LEU A 20 -6.11 -6.65 8.19
CA LEU A 20 -5.51 -6.89 6.88
C LEU A 20 -4.10 -7.46 6.89
N GLN A 21 -3.54 -7.68 5.69
CA GLN A 21 -2.17 -8.18 5.57
C GLN A 21 -1.36 -7.39 4.53
N TYR A 22 -0.11 -7.05 4.88
CA TYR A 22 0.86 -6.48 3.95
C TYR A 22 1.87 -7.56 3.61
N MET A 23 2.21 -7.69 2.33
CA MET A 23 3.21 -8.62 1.85
C MET A 23 4.12 -7.92 0.85
N LEU A 24 5.43 -8.19 0.91
CA LEU A 24 6.42 -7.44 0.17
C LEU A 24 6.91 -8.25 -1.02
N LEU A 25 6.89 -7.57 -2.17
CA LEU A 25 7.41 -8.00 -3.45
C LEU A 25 8.43 -6.95 -3.86
N SER A 26 9.08 -7.12 -5.02
CA SER A 26 10.28 -6.42 -5.48
C SER A 26 11.19 -5.72 -4.48
N GLN A 27 12.41 -5.60 -4.99
CA GLN A 27 13.55 -5.12 -4.30
C GLN A 27 14.74 -5.30 -5.26
N THR A 28 14.81 -4.46 -6.27
CA THR A 28 15.83 -4.60 -7.31
C THR A 28 15.98 -3.29 -8.08
N GLY A 29 17.11 -3.17 -8.79
CA GLY A 29 17.46 -1.95 -9.50
C GLY A 29 18.92 -1.61 -9.20
N PRO A 30 19.32 -0.36 -9.41
CA PRO A 30 20.63 0.13 -9.05
C PRO A 30 20.73 0.25 -7.53
N VAL A 31 21.95 0.45 -7.02
CA VAL A 31 22.19 0.49 -5.58
C VAL A 31 21.55 1.71 -4.91
N HIS A 32 21.05 2.67 -5.69
CA HIS A 32 20.57 3.92 -5.14
C HIS A 32 19.14 4.27 -5.57
N ALA A 33 18.54 3.42 -6.42
CA ALA A 33 17.11 3.54 -6.72
C ALA A 33 16.51 2.13 -6.69
N PRO A 34 16.28 1.59 -5.49
CA PRO A 34 15.72 0.27 -5.29
C PRO A 34 14.23 0.29 -5.56
N LEU A 35 13.71 -0.71 -6.28
CA LEU A 35 12.27 -0.79 -6.50
C LEU A 35 11.67 -1.88 -5.63
N PHE A 36 10.75 -1.41 -4.77
CA PHE A 36 9.99 -2.20 -3.83
C PHE A 36 8.52 -2.14 -4.23
N VAL A 37 7.83 -3.28 -4.22
CA VAL A 37 6.41 -3.29 -4.47
C VAL A 37 5.72 -4.06 -3.35
N MET A 38 4.91 -3.36 -2.58
CA MET A 38 4.22 -3.97 -1.45
C MET A 38 2.78 -4.16 -1.86
N SER A 39 2.22 -5.34 -1.58
CA SER A 39 0.86 -5.63 -1.94
C SER A 39 0.08 -5.87 -0.65
N VAL A 40 -1.10 -5.27 -0.59
CA VAL A 40 -1.90 -5.27 0.62
C VAL A 40 -3.23 -5.99 0.38
N GLU A 41 -3.62 -6.85 1.32
CA GLU A 41 -4.75 -7.74 1.18
C GLU A 41 -5.84 -7.46 2.21
N VAL A 42 -7.05 -7.18 1.71
CA VAL A 42 -8.25 -7.01 2.52
C VAL A 42 -9.39 -7.76 1.82
N ASN A 43 -10.19 -8.51 2.59
CA ASN A 43 -11.33 -9.28 2.08
C ASN A 43 -10.98 -10.24 0.93
N GLY A 44 -9.68 -10.49 0.68
CA GLY A 44 -9.26 -11.36 -0.39
C GLY A 44 -8.93 -10.58 -1.66
N GLN A 45 -8.92 -9.25 -1.57
CA GLN A 45 -8.54 -8.39 -2.66
C GLN A 45 -7.15 -7.87 -2.33
N VAL A 46 -6.25 -7.96 -3.32
CA VAL A 46 -4.86 -7.59 -3.13
C VAL A 46 -4.51 -6.49 -4.11
N PHE A 47 -3.82 -5.47 -3.62
CA PHE A 47 -3.44 -4.32 -4.42
C PHE A 47 -1.97 -4.01 -4.19
N GLU A 48 -1.24 -3.76 -5.29
CA GLU A 48 0.21 -3.65 -5.27
C GLU A 48 0.62 -2.21 -5.59
N GLY A 49 1.59 -1.68 -4.83
CA GLY A 49 2.07 -0.33 -5.01
C GLY A 49 3.59 -0.31 -5.07
N SER A 50 4.14 0.45 -6.02
CA SER A 50 5.57 0.51 -6.28
C SER A 50 6.17 1.81 -5.76
N GLY A 51 7.16 1.68 -4.89
CA GLY A 51 7.88 2.81 -4.33
C GLY A 51 9.39 2.62 -4.28
N PRO A 52 10.14 3.72 -4.30
CA PRO A 52 11.53 3.73 -3.91
C PRO A 52 11.52 3.62 -2.39
N THR A 53 12.38 2.77 -1.82
CA THR A 53 12.35 2.38 -0.41
C THR A 53 10.95 1.88 0.02
N LYS A 54 10.85 1.32 1.23
CA LYS A 54 9.63 0.66 1.69
C LYS A 54 8.47 1.62 1.97
N LYS A 55 8.76 2.91 2.19
CA LYS A 55 7.76 3.90 2.59
C LYS A 55 6.59 3.97 1.61
N LYS A 56 6.84 4.60 0.46
CA LYS A 56 5.87 4.86 -0.58
C LYS A 56 5.17 3.59 -1.07
N ALA A 57 5.89 2.46 -1.11
CA ALA A 57 5.33 1.22 -1.58
C ALA A 57 4.05 0.84 -0.83
N LYS A 58 4.15 0.52 0.47
CA LYS A 58 3.01 0.15 1.28
C LYS A 58 1.95 1.25 1.24
N LEU A 59 2.40 2.52 1.24
CA LEU A 59 1.54 3.69 1.20
C LEU A 59 0.60 3.66 0.01
N HIS A 60 1.17 3.70 -1.19
CA HIS A 60 0.42 3.66 -2.43
C HIS A 60 -0.48 2.43 -2.49
N ALA A 61 0.03 1.27 -2.04
CA ALA A 61 -0.78 0.08 -1.96
C ALA A 61 -2.02 0.33 -1.12
N ALA A 62 -1.84 0.91 0.08
CA ALA A 62 -2.94 1.26 0.96
C ALA A 62 -3.97 2.16 0.28
N GLU A 63 -3.51 3.18 -0.46
CA GLU A 63 -4.39 4.07 -1.20
C GLU A 63 -5.29 3.29 -2.16
N LYS A 64 -4.66 2.50 -3.03
CA LYS A 64 -5.40 1.66 -3.98
C LYS A 64 -6.40 0.78 -3.24
N ALA A 65 -5.87 -0.01 -2.30
CA ALA A 65 -6.64 -0.97 -1.55
C ALA A 65 -7.82 -0.33 -0.82
N LEU A 66 -7.59 0.75 -0.07
CA LEU A 66 -8.66 1.41 0.66
C LEU A 66 -9.80 1.79 -0.29
N ARG A 67 -9.49 2.49 -1.40
CA ARG A 67 -10.54 2.90 -2.32
C ARG A 67 -11.26 1.71 -2.93
N SER A 68 -10.53 0.63 -3.20
CA SER A 68 -11.14 -0.59 -3.69
C SER A 68 -12.07 -1.20 -2.63
N PHE A 69 -11.50 -1.43 -1.44
CA PHE A 69 -12.13 -2.08 -0.30
C PHE A 69 -13.44 -1.43 0.14
N VAL A 70 -13.53 -0.09 0.14
CA VAL A 70 -14.77 0.59 0.46
C VAL A 70 -15.93 0.11 -0.42
N GLN A 71 -15.64 -0.57 -1.53
CA GLN A 71 -16.65 -1.10 -2.44
C GLN A 71 -16.91 -2.58 -2.18
N PHE A 72 -16.06 -3.23 -1.37
CA PHE A 72 -16.24 -4.61 -0.96
C PHE A 72 -15.71 -4.83 0.47
N PRO A 73 -16.33 -4.19 1.46
CA PRO A 73 -16.01 -4.38 2.86
C PRO A 73 -16.51 -5.74 3.38
N ASN A 74 -17.32 -6.44 2.58
CA ASN A 74 -17.85 -7.75 2.93
C ASN A 74 -18.19 -8.51 1.65
N PRO A 1 3.37 23.38 -6.66
CA PRO A 1 2.65 22.90 -5.47
C PRO A 1 2.20 21.45 -5.61
N GLY A 2 2.33 20.66 -4.54
CA GLY A 2 1.94 19.26 -4.53
C GLY A 2 2.12 18.62 -3.15
N PRO A 3 1.52 19.18 -2.10
CA PRO A 3 1.65 18.68 -0.74
C PRO A 3 0.90 17.34 -0.60
N VAL A 4 1.15 16.64 0.52
CA VAL A 4 0.55 15.35 0.80
C VAL A 4 0.27 15.20 2.30
N LEU A 5 -0.47 14.16 2.66
CA LEU A 5 -0.82 13.86 4.05
C LEU A 5 -1.02 12.34 4.22
N PRO A 6 0.07 11.56 4.14
CA PRO A 6 0.02 10.10 4.23
C PRO A 6 -0.80 9.58 5.39
N LYS A 7 -0.85 10.30 6.51
CA LYS A 7 -1.57 9.87 7.70
C LYS A 7 -3.01 9.49 7.33
N ASN A 8 -3.60 10.18 6.35
CA ASN A 8 -4.93 9.88 5.88
C ASN A 8 -5.01 8.41 5.45
N ALA A 9 -4.21 8.02 4.45
CA ALA A 9 -4.20 6.65 3.97
C ALA A 9 -3.92 5.66 5.09
N LEU A 10 -2.84 5.87 5.85
CA LEU A 10 -2.45 4.90 6.85
C LEU A 10 -3.55 4.69 7.90
N MET A 11 -3.98 5.76 8.56
CA MET A 11 -5.02 5.67 9.57
C MET A 11 -6.28 5.04 9.02
N GLN A 12 -6.71 5.44 7.83
CA GLN A 12 -7.91 4.88 7.21
C GLN A 12 -7.80 3.36 7.11
N LEU A 13 -6.67 2.87 6.59
CA LEU A 13 -6.36 1.45 6.55
C LEU A 13 -6.45 0.85 7.95
N ASN A 14 -5.75 1.45 8.91
CA ASN A 14 -5.76 0.96 10.29
C ASN A 14 -7.19 0.86 10.82
N GLU A 15 -8.08 1.76 10.42
CA GLU A 15 -9.50 1.67 10.71
C GLU A 15 -10.10 0.39 10.11
N ILE A 16 -10.17 0.31 8.78
CA ILE A 16 -10.80 -0.81 8.07
C ILE A 16 -10.19 -2.16 8.46
N LYS A 17 -8.89 -2.16 8.81
CA LYS A 17 -7.98 -3.27 9.12
C LYS A 17 -8.56 -4.36 10.03
N PRO A 18 -9.24 -5.37 9.48
CA PRO A 18 -9.89 -6.41 10.26
C PRO A 18 -8.86 -7.45 10.71
N GLY A 19 -7.69 -7.45 10.05
CA GLY A 19 -6.60 -8.39 10.30
C GLY A 19 -5.85 -8.71 9.01
N LEU A 20 -5.74 -7.73 8.12
CA LEU A 20 -5.17 -7.91 6.79
C LEU A 20 -3.68 -8.23 6.81
N GLN A 21 -3.10 -8.45 5.62
CA GLN A 21 -1.69 -8.82 5.54
C GLN A 21 -0.93 -8.01 4.49
N TYR A 22 0.28 -7.56 4.86
CA TYR A 22 1.19 -6.88 3.94
C TYR A 22 2.31 -7.85 3.59
N MET A 23 2.64 -7.92 2.29
CA MET A 23 3.71 -8.76 1.76
C MET A 23 4.56 -7.97 0.77
N LEU A 24 5.88 -8.13 0.83
CA LEU A 24 6.82 -7.31 0.08
C LEU A 24 7.35 -8.11 -1.11
N LEU A 25 7.25 -7.46 -2.26
CA LEU A 25 7.76 -7.89 -3.56
C LEU A 25 8.73 -6.80 -4.00
N SER A 26 9.35 -6.96 -5.18
CA SER A 26 10.52 -6.22 -5.68
C SER A 26 11.43 -5.48 -4.72
N GLN A 27 12.61 -5.32 -5.26
CA GLN A 27 13.78 -4.80 -4.61
C GLN A 27 14.93 -4.96 -5.58
N THR A 28 14.98 -4.10 -6.60
CA THR A 28 15.98 -4.23 -7.65
C THR A 28 16.12 -2.91 -8.39
N GLY A 29 17.23 -2.76 -9.11
CA GLY A 29 17.57 -1.52 -9.78
C GLY A 29 19.01 -1.14 -9.43
N PRO A 30 19.38 0.12 -9.61
CA PRO A 30 20.68 0.63 -9.21
C PRO A 30 20.71 0.75 -7.68
N VAL A 31 21.90 0.96 -7.12
CA VAL A 31 22.08 1.00 -5.68
C VAL A 31 21.43 2.21 -5.02
N HIS A 32 20.92 3.16 -5.81
CA HIS A 32 20.42 4.42 -5.29
C HIS A 32 18.99 4.73 -5.78
N ALA A 33 18.44 3.90 -6.65
CA ALA A 33 17.02 3.98 -6.99
C ALA A 33 16.44 2.55 -7.01
N PRO A 34 16.26 1.97 -5.82
CA PRO A 34 15.73 0.63 -5.63
C PRO A 34 14.23 0.61 -5.84
N LEU A 35 13.72 -0.38 -6.57
CA LEU A 35 12.27 -0.51 -6.74
C LEU A 35 11.72 -1.63 -5.86
N PHE A 36 10.79 -1.21 -4.99
CA PHE A 36 10.08 -2.04 -4.05
C PHE A 36 8.61 -2.02 -4.39
N VAL A 37 7.97 -3.19 -4.38
CA VAL A 37 6.54 -3.25 -4.61
C VAL A 37 5.89 -4.01 -3.48
N MET A 38 5.05 -3.32 -2.72
CA MET A 38 4.41 -3.92 -1.56
C MET A 38 2.97 -4.19 -1.95
N SER A 39 2.49 -5.38 -1.60
CA SER A 39 1.14 -5.77 -1.96
C SER A 39 0.39 -6.14 -0.70
N VAL A 40 -0.84 -5.65 -0.61
CA VAL A 40 -1.66 -5.80 0.58
C VAL A 40 -2.90 -6.64 0.28
N GLU A 41 -3.21 -7.57 1.17
CA GLU A 41 -4.28 -8.55 0.98
C GLU A 41 -5.35 -8.43 2.06
N VAL A 42 -6.60 -8.24 1.60
CA VAL A 42 -7.80 -8.23 2.43
C VAL A 42 -8.87 -9.06 1.72
N ASN A 43 -9.57 -9.93 2.46
CA ASN A 43 -10.65 -10.75 1.91
C ASN A 43 -10.30 -11.52 0.63
N GLY A 44 -9.01 -11.65 0.30
CA GLY A 44 -8.58 -12.37 -0.90
C GLY A 44 -8.34 -11.45 -2.09
N GLN A 45 -8.41 -10.15 -1.86
CA GLN A 45 -8.11 -9.14 -2.86
C GLN A 45 -6.75 -8.56 -2.51
N VAL A 46 -5.85 -8.55 -3.49
CA VAL A 46 -4.50 -8.09 -3.27
C VAL A 46 -4.19 -6.96 -4.22
N PHE A 47 -3.57 -5.90 -3.70
CA PHE A 47 -3.24 -4.73 -4.49
C PHE A 47 -1.79 -4.36 -4.25
N GLU A 48 -1.08 -4.06 -5.34
CA GLU A 48 0.37 -3.88 -5.33
C GLU A 48 0.71 -2.43 -5.65
N GLY A 49 1.64 -1.85 -4.90
CA GLY A 49 2.06 -0.47 -5.11
C GLY A 49 3.58 -0.38 -5.23
N SER A 50 4.08 0.38 -6.21
CA SER A 50 5.49 0.50 -6.51
C SER A 50 6.05 1.84 -6.04
N GLY A 51 7.02 1.78 -5.14
CA GLY A 51 7.70 2.96 -4.65
C GLY A 51 9.21 2.74 -4.57
N PRO A 52 9.98 3.83 -4.66
CA PRO A 52 11.38 3.82 -4.31
C PRO A 52 11.42 3.78 -2.78
N THR A 53 12.23 2.88 -2.22
CA THR A 53 12.24 2.62 -0.78
C THR A 53 10.89 2.09 -0.30
N LYS A 54 10.87 1.36 0.83
CA LYS A 54 9.69 0.63 1.29
C LYS A 54 8.49 1.50 1.66
N LYS A 55 8.73 2.73 2.11
CA LYS A 55 7.68 3.58 2.69
C LYS A 55 6.49 3.78 1.76
N LYS A 56 6.70 4.55 0.70
CA LYS A 56 5.68 4.89 -0.29
C LYS A 56 5.01 3.66 -0.90
N ALA A 57 5.75 2.57 -1.10
CA ALA A 57 5.18 1.34 -1.65
C ALA A 57 3.97 0.89 -0.81
N LYS A 58 4.20 0.67 0.49
CA LYS A 58 3.13 0.35 1.43
C LYS A 58 2.01 1.37 1.43
N LEU A 59 2.34 2.66 1.39
CA LEU A 59 1.35 3.73 1.37
C LEU A 59 0.37 3.55 0.21
N HIS A 60 0.90 3.56 -1.01
CA HIS A 60 0.11 3.40 -2.22
C HIS A 60 -0.72 2.11 -2.17
N ALA A 61 -0.12 1.02 -1.69
CA ALA A 61 -0.84 -0.24 -1.51
C ALA A 61 -2.07 -0.04 -0.62
N ALA A 62 -1.88 0.65 0.52
CA ALA A 62 -2.98 0.93 1.45
C ALA A 62 -4.13 1.64 0.75
N GLU A 63 -3.79 2.70 0.01
CA GLU A 63 -4.75 3.52 -0.73
C GLU A 63 -5.59 2.65 -1.68
N LYS A 64 -4.91 1.89 -2.53
CA LYS A 64 -5.56 1.00 -3.48
C LYS A 64 -6.51 0.04 -2.78
N ALA A 65 -5.96 -0.85 -1.96
CA ALA A 65 -6.75 -1.85 -1.26
C ALA A 65 -7.86 -1.23 -0.39
N LEU A 66 -7.63 -0.05 0.18
CA LEU A 66 -8.67 0.66 0.91
C LEU A 66 -9.88 0.82 -0.01
N ARG A 67 -9.72 1.54 -1.13
CA ARG A 67 -10.83 1.80 -2.02
C ARG A 67 -11.47 0.53 -2.56
N SER A 68 -10.65 -0.48 -2.88
CA SER A 68 -11.18 -1.76 -3.30
C SER A 68 -12.04 -2.41 -2.23
N PHE A 69 -11.44 -2.62 -1.06
CA PHE A 69 -12.02 -3.32 0.09
C PHE A 69 -13.34 -2.70 0.53
N VAL A 70 -13.44 -1.37 0.62
CA VAL A 70 -14.70 -0.71 0.97
C VAL A 70 -15.86 -1.10 0.05
N GLN A 71 -15.57 -1.71 -1.12
CA GLN A 71 -16.59 -2.14 -2.06
C GLN A 71 -16.84 -3.65 -1.91
N PHE A 72 -15.95 -4.36 -1.22
CA PHE A 72 -16.12 -5.78 -0.93
C PHE A 72 -15.52 -6.13 0.44
N PRO A 73 -16.09 -5.57 1.51
CA PRO A 73 -15.70 -5.85 2.89
C PRO A 73 -16.22 -7.19 3.38
N ASN A 74 -17.05 -7.86 2.56
CA ASN A 74 -17.68 -9.15 2.88
C ASN A 74 -18.25 -9.16 4.31
N PRO A 1 6.65 23.49 -0.42
CA PRO A 1 5.93 22.27 -0.80
C PRO A 1 6.82 21.04 -0.86
N GLY A 2 6.30 19.88 -0.47
CA GLY A 2 7.07 18.65 -0.47
C GLY A 2 6.24 17.48 0.06
N PRO A 3 5.85 17.51 1.35
CA PRO A 3 5.05 16.47 1.96
C PRO A 3 3.61 16.53 1.45
N VAL A 4 2.85 15.46 1.75
CA VAL A 4 1.45 15.33 1.32
C VAL A 4 0.61 14.66 2.42
N LEU A 5 1.11 14.67 3.65
CA LEU A 5 0.48 14.05 4.82
C LEU A 5 -0.06 12.65 4.51
N PRO A 6 0.78 11.73 4.02
CA PRO A 6 0.34 10.42 3.59
C PRO A 6 -0.21 9.60 4.76
N LYS A 7 0.02 10.08 5.99
CA LYS A 7 -0.54 9.44 7.17
C LYS A 7 -2.06 9.31 7.03
N ASN A 8 -2.69 10.12 6.18
CA ASN A 8 -4.10 9.95 5.89
C ASN A 8 -4.37 8.54 5.39
N ALA A 9 -3.73 8.12 4.29
CA ALA A 9 -3.84 6.77 3.78
C ALA A 9 -3.44 5.75 4.84
N LEU A 10 -2.29 5.96 5.50
CA LEU A 10 -1.83 5.00 6.49
C LEU A 10 -2.88 4.76 7.59
N MET A 11 -3.24 5.80 8.35
CA MET A 11 -4.23 5.64 9.41
C MET A 11 -5.56 5.08 8.92
N GLN A 12 -6.04 5.53 7.76
CA GLN A 12 -7.27 5.02 7.19
C GLN A 12 -7.20 3.51 7.05
N LEU A 13 -6.15 3.03 6.38
CA LEU A 13 -5.89 1.61 6.25
C LEU A 13 -5.83 1.00 7.64
N ASN A 14 -5.04 1.58 8.54
CA ASN A 14 -4.83 1.05 9.87
C ASN A 14 -6.17 0.85 10.59
N GLU A 15 -7.10 1.78 10.41
CA GLU A 15 -8.45 1.63 10.91
C GLU A 15 -9.05 0.33 10.39
N ILE A 16 -9.15 0.21 9.05
CA ILE A 16 -9.69 -0.98 8.39
C ILE A 16 -8.83 -2.26 8.52
N LYS A 17 -7.60 -2.13 9.05
CA LYS A 17 -6.59 -3.17 9.26
C LYS A 17 -6.74 -4.28 10.32
N PRO A 18 -7.87 -4.54 11.00
CA PRO A 18 -7.95 -5.58 12.04
C PRO A 18 -7.40 -6.97 11.66
N GLY A 19 -7.12 -7.24 10.37
CA GLY A 19 -6.50 -8.48 9.95
C GLY A 19 -6.20 -8.45 8.46
N LEU A 20 -4.90 -8.42 8.10
CA LEU A 20 -4.47 -8.38 6.71
C LEU A 20 -3.01 -8.82 6.56
N GLN A 21 -2.51 -8.82 5.31
CA GLN A 21 -1.12 -9.16 5.04
C GLN A 21 -0.43 -8.21 4.06
N TYR A 22 0.81 -7.78 4.37
CA TYR A 22 1.65 -7.05 3.42
C TYR A 22 2.72 -7.99 2.91
N MET A 23 2.94 -7.97 1.59
CA MET A 23 3.96 -8.78 0.95
C MET A 23 4.75 -7.97 -0.07
N LEU A 24 6.08 -8.16 -0.09
CA LEU A 24 7.03 -7.40 -0.88
C LEU A 24 7.47 -8.27 -2.06
N LEU A 25 7.50 -7.63 -3.22
CA LEU A 25 7.72 -8.21 -4.53
C LEU A 25 8.77 -7.35 -5.16
N SER A 26 9.56 -7.98 -6.03
CA SER A 26 10.34 -7.18 -6.94
C SER A 26 11.66 -6.88 -6.28
N GLN A 27 12.01 -5.59 -6.22
CA GLN A 27 13.24 -5.09 -5.68
C GLN A 27 14.36 -5.36 -6.66
N THR A 28 14.68 -4.33 -7.44
CA THR A 28 15.65 -4.40 -8.53
C THR A 28 15.97 -2.98 -8.99
N GLY A 29 17.04 -2.82 -9.77
CA GLY A 29 17.45 -1.52 -10.27
C GLY A 29 18.86 -1.19 -9.80
N PRO A 30 19.28 0.07 -9.95
CA PRO A 30 20.57 0.55 -9.50
C PRO A 30 20.58 0.61 -7.98
N VAL A 31 21.77 0.74 -7.38
CA VAL A 31 21.95 0.74 -5.94
C VAL A 31 21.43 2.03 -5.29
N HIS A 32 20.95 2.99 -6.09
CA HIS A 32 20.51 4.27 -5.55
C HIS A 32 19.09 4.64 -5.99
N ALA A 33 18.50 3.86 -6.89
CA ALA A 33 17.07 3.98 -7.18
C ALA A 33 16.46 2.57 -7.25
N PRO A 34 16.26 1.94 -6.09
CA PRO A 34 15.70 0.60 -5.99
C PRO A 34 14.18 0.65 -6.16
N LEU A 35 13.62 -0.27 -6.95
CA LEU A 35 12.18 -0.36 -7.13
C LEU A 35 11.60 -1.54 -6.36
N PHE A 36 10.84 -1.20 -5.33
CA PHE A 36 10.27 -2.13 -4.35
C PHE A 36 8.77 -2.15 -4.52
N VAL A 37 8.18 -3.34 -4.39
CA VAL A 37 6.78 -3.48 -4.73
C VAL A 37 5.99 -4.17 -3.64
N MET A 38 5.14 -3.40 -2.97
CA MET A 38 4.39 -3.95 -1.87
C MET A 38 2.96 -4.18 -2.33
N SER A 39 2.43 -5.35 -1.99
CA SER A 39 1.07 -5.68 -2.31
C SER A 39 0.38 -6.10 -1.02
N VAL A 40 -0.84 -5.59 -0.81
CA VAL A 40 -1.56 -5.80 0.42
C VAL A 40 -2.79 -6.67 0.18
N GLU A 41 -3.00 -7.63 1.07
CA GLU A 41 -4.07 -8.61 0.95
C GLU A 41 -5.08 -8.44 2.08
N VAL A 42 -6.33 -8.15 1.69
CA VAL A 42 -7.46 -8.05 2.60
C VAL A 42 -8.65 -8.79 1.98
N ASN A 43 -9.36 -9.59 2.77
CA ASN A 43 -10.52 -10.36 2.31
C ASN A 43 -10.23 -11.22 1.06
N GLY A 44 -8.96 -11.45 0.74
CA GLY A 44 -8.56 -12.25 -0.42
C GLY A 44 -8.38 -11.39 -1.67
N GLN A 45 -8.42 -10.08 -1.51
CA GLN A 45 -8.15 -9.15 -2.60
C GLN A 45 -6.77 -8.59 -2.35
N VAL A 46 -5.95 -8.58 -3.41
CA VAL A 46 -4.58 -8.12 -3.29
C VAL A 46 -4.37 -6.96 -4.25
N PHE A 47 -3.76 -5.89 -3.75
CA PHE A 47 -3.51 -4.69 -4.51
C PHE A 47 -2.04 -4.32 -4.40
N GLU A 48 -1.43 -3.97 -5.53
CA GLU A 48 0.01 -3.87 -5.68
C GLU A 48 0.44 -2.43 -5.95
N GLY A 49 1.50 -1.98 -5.27
CA GLY A 49 2.03 -0.63 -5.40
C GLY A 49 3.54 -0.70 -5.57
N SER A 50 4.08 0.05 -6.52
CA SER A 50 5.50 0.04 -6.85
C SER A 50 6.09 1.43 -6.64
N GLY A 51 7.01 1.52 -5.69
CA GLY A 51 7.62 2.78 -5.28
C GLY A 51 9.13 2.65 -5.13
N PRO A 52 9.86 3.77 -5.22
CA PRO A 52 11.26 3.80 -4.89
C PRO A 52 11.30 3.66 -3.38
N THR A 53 12.20 2.83 -2.86
CA THR A 53 12.26 2.57 -1.42
C THR A 53 10.99 1.84 -0.97
N LYS A 54 11.01 1.24 0.22
CA LYS A 54 9.87 0.45 0.69
C LYS A 54 8.68 1.32 1.11
N LYS A 55 8.93 2.57 1.49
CA LYS A 55 7.93 3.47 2.07
C LYS A 55 6.71 3.65 1.16
N LYS A 56 6.92 4.35 0.05
CA LYS A 56 5.88 4.69 -0.92
C LYS A 56 5.15 3.45 -1.45
N ALA A 57 5.85 2.33 -1.61
CA ALA A 57 5.23 1.10 -2.07
C ALA A 57 4.06 0.73 -1.14
N LYS A 58 4.33 0.59 0.16
CA LYS A 58 3.32 0.36 1.17
C LYS A 58 2.22 1.44 1.16
N LEU A 59 2.61 2.70 1.02
CA LEU A 59 1.66 3.83 0.94
C LEU A 59 0.63 3.64 -0.16
N HIS A 60 1.10 3.62 -1.41
CA HIS A 60 0.25 3.47 -2.58
C HIS A 60 -0.60 2.21 -2.49
N ALA A 61 0.01 1.10 -2.03
CA ALA A 61 -0.72 -0.15 -1.83
C ALA A 61 -1.91 0.08 -0.89
N ALA A 62 -1.66 0.76 0.24
CA ALA A 62 -2.71 1.09 1.19
C ALA A 62 -3.85 1.87 0.54
N GLU A 63 -3.51 2.89 -0.26
CA GLU A 63 -4.51 3.71 -0.95
C GLU A 63 -5.43 2.85 -1.80
N LYS A 64 -4.83 2.09 -2.74
CA LYS A 64 -5.60 1.25 -3.64
C LYS A 64 -6.50 0.32 -2.84
N ALA A 65 -5.86 -0.51 -2.01
CA ALA A 65 -6.53 -1.51 -1.22
C ALA A 65 -7.64 -0.94 -0.34
N LEU A 66 -7.39 0.14 0.40
CA LEU A 66 -8.42 0.72 1.26
C LEU A 66 -9.66 1.04 0.41
N ARG A 67 -9.48 1.76 -0.70
CA ARG A 67 -10.62 2.14 -1.52
C ARG A 67 -11.39 0.90 -1.95
N SER A 68 -10.68 -0.05 -2.56
CA SER A 68 -11.24 -1.30 -3.02
C SER A 68 -11.97 -2.07 -1.91
N PHE A 69 -11.26 -2.31 -0.80
CA PHE A 69 -11.74 -3.05 0.35
C PHE A 69 -13.03 -2.49 0.92
N VAL A 70 -13.20 -1.16 0.91
CA VAL A 70 -14.44 -0.56 1.37
C VAL A 70 -15.66 -1.12 0.60
N GLN A 71 -15.42 -1.69 -0.59
CA GLN A 71 -16.50 -2.29 -1.39
C GLN A 71 -16.65 -3.78 -1.11
N PHE A 72 -15.70 -4.38 -0.38
CA PHE A 72 -15.77 -5.78 0.02
C PHE A 72 -15.09 -5.99 1.38
N PRO A 73 -15.64 -5.40 2.44
CA PRO A 73 -15.18 -5.57 3.80
C PRO A 73 -15.58 -6.94 4.33
N ASN A 74 -15.14 -7.25 5.56
CA ASN A 74 -15.44 -8.51 6.22
C ASN A 74 -15.36 -8.34 7.75
N PRO A 1 -5.10 20.57 8.58
CA PRO A 1 -5.57 19.58 7.59
C PRO A 1 -4.44 18.72 7.05
N GLY A 2 -4.77 17.74 6.22
CA GLY A 2 -3.78 16.85 5.63
C GLY A 2 -4.41 15.87 4.63
N PRO A 3 -5.14 16.37 3.62
CA PRO A 3 -5.86 15.55 2.65
C PRO A 3 -4.93 14.84 1.66
N VAL A 4 -3.60 14.98 1.83
CA VAL A 4 -2.63 14.39 0.91
C VAL A 4 -1.46 13.77 1.66
N LEU A 5 -1.49 13.74 2.99
CA LEU A 5 -0.43 13.14 3.78
C LEU A 5 -0.39 11.63 3.58
N PRO A 6 0.77 11.00 3.74
CA PRO A 6 0.86 9.54 3.70
C PRO A 6 0.23 8.97 4.96
N LYS A 7 0.31 9.70 6.07
CA LYS A 7 -0.31 9.32 7.32
C LYS A 7 -1.80 9.07 7.10
N ASN A 8 -2.44 9.97 6.34
CA ASN A 8 -3.85 9.90 6.03
C ASN A 8 -4.22 8.56 5.39
N ALA A 9 -3.56 8.18 4.29
CA ALA A 9 -3.81 6.90 3.64
C ALA A 9 -3.64 5.75 4.65
N LEU A 10 -2.50 5.77 5.36
CA LEU A 10 -2.18 4.75 6.35
C LEU A 10 -3.27 4.60 7.41
N MET A 11 -3.64 5.70 8.06
CA MET A 11 -4.71 5.70 9.06
C MET A 11 -6.00 5.15 8.47
N GLN A 12 -6.37 5.62 7.27
CA GLN A 12 -7.58 5.21 6.62
C GLN A 12 -7.63 3.69 6.45
N LEU A 13 -6.54 3.10 5.95
CA LEU A 13 -6.42 1.66 5.88
C LEU A 13 -6.62 1.02 7.24
N ASN A 14 -5.96 1.56 8.28
CA ASN A 14 -6.11 1.03 9.63
C ASN A 14 -7.57 1.02 10.04
N GLU A 15 -8.32 2.07 9.67
CA GLU A 15 -9.75 2.13 9.86
C GLU A 15 -10.46 0.94 9.21
N ILE A 16 -10.45 0.92 7.87
CA ILE A 16 -11.13 -0.11 7.07
C ILE A 16 -10.69 -1.55 7.39
N LYS A 17 -9.47 -1.71 7.93
CA LYS A 17 -8.76 -2.97 8.22
C LYS A 17 -9.62 -4.06 8.86
N PRO A 18 -10.21 -4.98 8.08
CA PRO A 18 -10.95 -6.11 8.63
C PRO A 18 -9.96 -7.17 9.14
N GLY A 19 -8.69 -7.03 8.74
CA GLY A 19 -7.61 -7.96 9.09
C GLY A 19 -6.66 -8.10 7.91
N LEU A 20 -6.39 -7.00 7.19
CA LEU A 20 -5.65 -7.02 5.93
C LEU A 20 -4.22 -7.54 6.05
N GLN A 21 -3.58 -7.76 4.89
CA GLN A 21 -2.23 -8.27 4.84
C GLN A 21 -1.34 -7.50 3.87
N TYR A 22 -0.12 -7.17 4.29
CA TYR A 22 0.89 -6.55 3.44
C TYR A 22 1.92 -7.63 3.09
N MET A 23 2.31 -7.69 1.81
CA MET A 23 3.34 -8.59 1.33
C MET A 23 4.28 -7.84 0.39
N LEU A 24 5.58 -8.16 0.44
CA LEU A 24 6.61 -7.42 -0.29
C LEU A 24 7.04 -8.24 -1.50
N LEU A 25 7.14 -7.54 -2.64
CA LEU A 25 7.49 -8.05 -3.95
C LEU A 25 8.55 -7.10 -4.48
N SER A 26 8.94 -7.26 -5.75
CA SER A 26 10.18 -6.76 -6.35
C SER A 26 10.91 -5.69 -5.57
N GLN A 27 12.20 -5.93 -5.52
CA GLN A 27 13.12 -5.31 -4.62
C GLN A 27 14.48 -5.45 -5.28
N THR A 28 14.66 -4.66 -6.33
CA THR A 28 15.83 -4.75 -7.20
C THR A 28 15.99 -3.48 -8.02
N GLY A 29 17.18 -3.33 -8.63
CA GLY A 29 17.54 -2.17 -9.41
C GLY A 29 19.02 -1.87 -9.19
N PRO A 30 19.48 -0.67 -9.58
CA PRO A 30 20.82 -0.21 -9.29
C PRO A 30 20.94 0.02 -7.78
N VAL A 31 22.18 0.11 -7.29
CA VAL A 31 22.42 0.23 -5.85
C VAL A 31 21.94 1.55 -5.28
N HIS A 32 21.47 2.48 -6.12
CA HIS A 32 21.05 3.79 -5.65
C HIS A 32 19.63 4.17 -6.06
N ALA A 33 18.97 3.33 -6.88
CA ALA A 33 17.54 3.48 -7.11
C ALA A 33 16.87 2.10 -7.05
N PRO A 34 16.52 1.64 -5.84
CA PRO A 34 15.88 0.36 -5.61
C PRO A 34 14.38 0.43 -5.89
N LEU A 35 13.85 -0.57 -6.58
CA LEU A 35 12.41 -0.68 -6.80
C LEU A 35 11.84 -1.75 -5.88
N PHE A 36 10.96 -1.27 -5.00
CA PHE A 36 10.23 -2.05 -4.00
C PHE A 36 8.78 -2.07 -4.45
N VAL A 37 8.12 -3.24 -4.41
CA VAL A 37 6.71 -3.25 -4.75
C VAL A 37 5.96 -4.06 -3.71
N MET A 38 5.15 -3.37 -2.91
CA MET A 38 4.42 -4.01 -1.83
C MET A 38 2.99 -4.14 -2.28
N SER A 39 2.40 -5.31 -2.05
CA SER A 39 1.03 -5.55 -2.43
C SER A 39 0.22 -5.81 -1.17
N VAL A 40 -0.95 -5.18 -1.10
CA VAL A 40 -1.79 -5.20 0.09
C VAL A 40 -3.11 -5.89 -0.25
N GLU A 41 -3.57 -6.78 0.64
CA GLU A 41 -4.73 -7.59 0.35
C GLU A 41 -5.82 -7.40 1.41
N VAL A 42 -7.04 -7.14 0.93
CA VAL A 42 -8.24 -7.00 1.74
C VAL A 42 -9.38 -7.78 1.07
N ASN A 43 -10.15 -8.56 1.82
CA ASN A 43 -11.29 -9.32 1.33
C ASN A 43 -11.00 -10.21 0.12
N GLY A 44 -9.72 -10.45 -0.20
CA GLY A 44 -9.34 -11.29 -1.34
C GLY A 44 -8.92 -10.48 -2.56
N GLN A 45 -8.92 -9.15 -2.43
CA GLN A 45 -8.46 -8.26 -3.47
C GLN A 45 -7.10 -7.74 -3.05
N VAL A 46 -6.16 -7.76 -3.99
CA VAL A 46 -4.78 -7.40 -3.70
C VAL A 46 -4.32 -6.36 -4.71
N PHE A 47 -3.64 -5.33 -4.21
CA PHE A 47 -3.20 -4.20 -5.02
C PHE A 47 -1.74 -3.91 -4.73
N GLU A 48 -0.96 -3.68 -5.79
CA GLU A 48 0.49 -3.57 -5.72
C GLU A 48 0.92 -2.13 -5.98
N GLY A 49 1.84 -1.61 -5.17
CA GLY A 49 2.34 -0.25 -5.30
C GLY A 49 3.86 -0.23 -5.35
N SER A 50 4.42 0.55 -6.28
CA SER A 50 5.85 0.64 -6.51
C SER A 50 6.41 1.93 -5.94
N GLY A 51 7.38 1.80 -5.05
CA GLY A 51 8.05 2.92 -4.42
C GLY A 51 9.55 2.72 -4.38
N PRO A 52 10.31 3.81 -4.32
CA PRO A 52 11.70 3.78 -3.95
C PRO A 52 11.67 3.57 -2.45
N THR A 53 12.52 2.68 -1.92
CA THR A 53 12.54 2.37 -0.51
C THR A 53 11.22 1.71 -0.07
N LYS A 54 11.15 1.22 1.16
CA LYS A 54 9.97 0.47 1.61
C LYS A 54 8.74 1.33 1.86
N LYS A 55 8.92 2.57 2.34
CA LYS A 55 7.83 3.41 2.82
C LYS A 55 6.73 3.62 1.78
N LYS A 56 7.06 4.40 0.76
CA LYS A 56 6.13 4.82 -0.29
C LYS A 56 5.46 3.64 -0.98
N ALA A 57 6.15 2.51 -1.11
CA ALA A 57 5.57 1.33 -1.75
C ALA A 57 4.25 0.93 -1.08
N LYS A 58 4.33 0.48 0.19
CA LYS A 58 3.16 0.02 0.92
C LYS A 58 2.09 1.12 0.95
N LEU A 59 2.53 2.37 1.06
CA LEU A 59 1.67 3.54 1.13
C LEU A 59 0.75 3.59 -0.09
N HIS A 60 1.35 3.65 -1.28
CA HIS A 60 0.63 3.66 -2.54
C HIS A 60 -0.29 2.44 -2.65
N ALA A 61 0.21 1.26 -2.26
CA ALA A 61 -0.60 0.06 -2.26
C ALA A 61 -1.87 0.25 -1.42
N ALA A 62 -1.71 0.77 -0.20
CA ALA A 62 -2.81 1.05 0.71
C ALA A 62 -3.85 1.97 0.07
N GLU A 63 -3.38 3.04 -0.58
CA GLU A 63 -4.26 3.98 -1.28
C GLU A 63 -5.13 3.26 -2.30
N LYS A 64 -4.49 2.47 -3.17
CA LYS A 64 -5.20 1.70 -4.18
C LYS A 64 -6.25 0.81 -3.53
N ALA A 65 -5.80 -0.11 -2.68
CA ALA A 65 -6.66 -1.06 -2.00
C ALA A 65 -7.78 -0.39 -1.21
N LEU A 66 -7.51 0.77 -0.60
CA LEU A 66 -8.53 1.55 0.08
C LEU A 66 -9.67 1.83 -0.91
N ARG A 67 -9.37 2.58 -1.98
CA ARG A 67 -10.40 2.99 -2.92
C ARG A 67 -11.14 1.78 -3.46
N SER A 68 -10.38 0.77 -3.87
CA SER A 68 -10.94 -0.49 -4.35
C SER A 68 -11.88 -1.13 -3.33
N PHE A 69 -11.38 -1.38 -2.12
CA PHE A 69 -12.09 -2.04 -1.04
C PHE A 69 -13.40 -1.34 -0.68
N VAL A 70 -13.49 -0.02 -0.86
CA VAL A 70 -14.74 0.69 -0.63
C VAL A 70 -15.86 0.09 -1.48
N GLN A 71 -15.53 -0.65 -2.55
CA GLN A 71 -16.53 -1.28 -3.40
C GLN A 71 -16.84 -2.71 -2.96
N PHE A 72 -16.02 -3.29 -2.09
CA PHE A 72 -16.26 -4.62 -1.54
C PHE A 72 -15.71 -4.73 -0.12
N PRO A 73 -16.27 -3.96 0.82
CA PRO A 73 -15.90 -3.96 2.22
C PRO A 73 -16.34 -5.25 2.90
N ASN A 74 -16.02 -5.37 4.19
CA ASN A 74 -16.32 -6.56 4.98
C ASN A 74 -16.55 -6.16 6.45
N PRO A 1 11.27 11.24 3.49
CA PRO A 1 11.07 12.52 2.77
C PRO A 1 10.64 12.29 1.32
N GLY A 2 9.46 12.80 0.97
CA GLY A 2 8.92 12.70 -0.38
C GLY A 2 7.51 13.26 -0.45
N PRO A 3 6.55 12.63 0.24
CA PRO A 3 5.19 13.13 0.38
C PRO A 3 5.17 14.28 1.39
N VAL A 4 4.00 14.87 1.62
CA VAL A 4 3.86 15.99 2.55
C VAL A 4 2.64 15.82 3.46
N LEU A 5 1.79 14.83 3.19
CA LEU A 5 0.64 14.53 4.03
C LEU A 5 0.15 13.10 3.81
N PRO A 6 1.03 12.09 3.96
CA PRO A 6 0.68 10.70 3.73
C PRO A 6 -0.17 10.16 4.89
N LYS A 7 -0.05 10.78 6.07
CA LYS A 7 -0.77 10.34 7.25
C LYS A 7 -2.27 10.23 6.97
N ASN A 8 -2.77 11.02 6.01
CA ASN A 8 -4.15 10.91 5.56
C ASN A 8 -4.45 9.47 5.11
N ALA A 9 -3.71 8.97 4.12
CA ALA A 9 -3.87 7.59 3.67
C ALA A 9 -3.72 6.63 4.83
N LEU A 10 -2.63 6.77 5.60
CA LEU A 10 -2.37 5.87 6.73
C LEU A 10 -3.53 5.83 7.73
N MET A 11 -3.97 6.98 8.25
CA MET A 11 -5.08 7.02 9.19
C MET A 11 -6.32 6.35 8.60
N GLN A 12 -6.67 6.72 7.37
CA GLN A 12 -7.83 6.19 6.69
C GLN A 12 -7.75 4.67 6.63
N LEU A 13 -6.57 4.13 6.31
CA LEU A 13 -6.31 2.70 6.30
C LEU A 13 -6.64 2.07 7.66
N ASN A 14 -6.04 2.60 8.72
CA ASN A 14 -6.23 2.07 10.06
C ASN A 14 -7.72 2.05 10.39
N GLU A 15 -8.41 3.12 10.03
CA GLU A 15 -9.85 3.26 10.20
C GLU A 15 -10.63 2.12 9.57
N ILE A 16 -10.49 1.96 8.24
CA ILE A 16 -11.29 0.97 7.51
C ILE A 16 -11.05 -0.46 7.93
N LYS A 17 -9.78 -0.82 8.07
CA LYS A 17 -9.41 -2.19 8.35
C LYS A 17 -10.09 -2.77 9.60
N PRO A 18 -10.42 -4.07 9.57
CA PRO A 18 -10.72 -4.89 10.74
C PRO A 18 -9.47 -5.66 11.19
N GLY A 19 -8.52 -5.81 10.26
CA GLY A 19 -7.29 -6.57 10.39
C GLY A 19 -6.90 -7.05 8.99
N LEU A 20 -5.60 -7.19 8.71
CA LEU A 20 -5.15 -7.49 7.35
C LEU A 20 -3.69 -7.93 7.31
N GLN A 21 -3.14 -8.13 6.10
CA GLN A 21 -1.75 -8.52 5.95
C GLN A 21 -1.02 -7.69 4.90
N TYR A 22 0.21 -7.24 5.21
CA TYR A 22 1.10 -6.59 4.25
C TYR A 22 2.22 -7.57 3.91
N MET A 23 2.53 -7.68 2.62
CA MET A 23 3.58 -8.55 2.10
C MET A 23 4.41 -7.79 1.08
N LEU A 24 5.73 -8.01 1.09
CA LEU A 24 6.67 -7.25 0.29
C LEU A 24 7.12 -8.08 -0.90
N LEU A 25 7.01 -7.47 -2.07
CA LEU A 25 7.46 -7.94 -3.37
C LEU A 25 8.46 -6.90 -3.86
N SER A 26 9.05 -7.14 -5.03
CA SER A 26 10.23 -6.49 -5.59
C SER A 26 11.18 -5.72 -4.69
N GLN A 27 12.35 -5.55 -5.27
CA GLN A 27 13.54 -5.06 -4.64
C GLN A 27 14.69 -5.24 -5.64
N THR A 28 14.73 -4.39 -6.66
CA THR A 28 15.73 -4.51 -7.70
C THR A 28 15.83 -3.21 -8.49
N GLY A 29 16.96 -3.03 -9.19
CA GLY A 29 17.24 -1.81 -9.93
C GLY A 29 18.63 -1.33 -9.57
N PRO A 30 18.95 -0.07 -9.92
CA PRO A 30 20.19 0.58 -9.55
C PRO A 30 20.40 0.54 -8.04
N VAL A 31 21.65 0.71 -7.61
CA VAL A 31 22.01 0.67 -6.19
C VAL A 31 21.43 1.87 -5.43
N HIS A 32 20.89 2.85 -6.16
CA HIS A 32 20.36 4.07 -5.56
C HIS A 32 18.95 4.39 -6.06
N ALA A 33 18.38 3.54 -6.91
CA ALA A 33 16.98 3.63 -7.28
C ALA A 33 16.36 2.22 -7.24
N PRO A 34 16.19 1.67 -6.04
CA PRO A 34 15.63 0.35 -5.83
C PRO A 34 14.11 0.36 -6.01
N LEU A 35 13.56 -0.64 -6.71
CA LEU A 35 12.12 -0.74 -6.82
C LEU A 35 11.57 -1.83 -5.92
N PHE A 36 10.67 -1.40 -5.04
CA PHE A 36 9.97 -2.19 -4.05
C PHE A 36 8.48 -2.14 -4.37
N VAL A 37 7.79 -3.27 -4.33
CA VAL A 37 6.36 -3.30 -4.51
C VAL A 37 5.72 -4.03 -3.35
N MET A 38 4.92 -3.30 -2.58
CA MET A 38 4.29 -3.86 -1.40
C MET A 38 2.84 -4.11 -1.73
N SER A 39 2.32 -5.28 -1.35
CA SER A 39 0.96 -5.62 -1.65
C SER A 39 0.23 -5.93 -0.35
N VAL A 40 -0.99 -5.39 -0.23
CA VAL A 40 -1.80 -5.52 0.97
C VAL A 40 -3.00 -6.41 0.69
N GLU A 41 -3.27 -7.35 1.63
CA GLU A 41 -4.30 -8.36 1.48
C GLU A 41 -5.39 -8.17 2.52
N VAL A 42 -6.62 -7.97 2.02
CA VAL A 42 -7.83 -7.82 2.82
C VAL A 42 -8.95 -8.64 2.18
N ASN A 43 -9.67 -9.43 2.97
CA ASN A 43 -10.80 -10.23 2.50
C ASN A 43 -10.49 -11.11 1.28
N GLY A 44 -9.20 -11.33 0.97
CA GLY A 44 -8.79 -12.14 -0.17
C GLY A 44 -8.51 -11.31 -1.41
N GLN A 45 -8.57 -9.98 -1.28
CA GLN A 45 -8.22 -9.07 -2.35
C GLN A 45 -6.86 -8.50 -1.99
N VAL A 46 -5.98 -8.47 -2.99
CA VAL A 46 -4.62 -8.03 -2.80
C VAL A 46 -4.32 -6.91 -3.79
N PHE A 47 -3.75 -5.82 -3.29
CA PHE A 47 -3.45 -4.66 -4.10
C PHE A 47 -1.99 -4.27 -3.89
N GLU A 48 -1.30 -3.98 -5.00
CA GLU A 48 0.14 -3.83 -5.04
C GLU A 48 0.51 -2.41 -5.44
N GLY A 49 1.48 -1.82 -4.73
CA GLY A 49 1.92 -0.45 -4.98
C GLY A 49 3.43 -0.40 -5.15
N SER A 50 3.91 0.34 -6.16
CA SER A 50 5.32 0.41 -6.50
C SER A 50 5.92 1.74 -6.06
N GLY A 51 6.90 1.64 -5.16
CA GLY A 51 7.60 2.79 -4.61
C GLY A 51 9.11 2.55 -4.57
N PRO A 52 9.89 3.63 -4.60
CA PRO A 52 11.29 3.58 -4.25
C PRO A 52 11.30 3.43 -2.74
N THR A 53 12.12 2.55 -2.21
CA THR A 53 12.15 2.29 -0.77
C THR A 53 10.83 1.65 -0.31
N LYS A 54 10.78 1.14 0.92
CA LYS A 54 9.60 0.41 1.39
C LYS A 54 8.40 1.32 1.72
N LYS A 55 8.65 2.56 2.18
CA LYS A 55 7.59 3.43 2.67
C LYS A 55 6.48 3.64 1.64
N LYS A 56 6.82 4.35 0.56
CA LYS A 56 5.89 4.75 -0.47
C LYS A 56 5.14 3.56 -1.08
N ALA A 57 5.82 2.42 -1.23
CA ALA A 57 5.19 1.22 -1.76
C ALA A 57 3.96 0.85 -0.92
N LYS A 58 4.16 0.61 0.38
CA LYS A 58 3.08 0.38 1.34
C LYS A 58 2.05 1.51 1.35
N LEU A 59 2.50 2.77 1.29
CA LEU A 59 1.62 3.92 1.27
C LEU A 59 0.60 3.82 0.14
N HIS A 60 1.10 3.79 -1.09
CA HIS A 60 0.26 3.65 -2.27
C HIS A 60 -0.63 2.42 -2.16
N ALA A 61 -0.07 1.29 -1.72
CA ALA A 61 -0.85 0.08 -1.56
C ALA A 61 -2.07 0.34 -0.67
N ALA A 62 -1.86 1.03 0.45
CA ALA A 62 -2.93 1.42 1.35
C ALA A 62 -4.00 2.23 0.62
N GLU A 63 -3.58 3.25 -0.13
CA GLU A 63 -4.46 4.11 -0.88
C GLU A 63 -5.37 3.31 -1.82
N LYS A 64 -4.79 2.69 -2.84
CA LYS A 64 -5.59 1.95 -3.82
C LYS A 64 -6.43 0.86 -3.14
N ALA A 65 -5.82 0.09 -2.23
CA ALA A 65 -6.53 -0.95 -1.51
C ALA A 65 -7.75 -0.37 -0.79
N LEU A 66 -7.63 0.82 -0.19
CA LEU A 66 -8.76 1.50 0.43
C LEU A 66 -9.87 1.67 -0.62
N ARG A 67 -9.55 2.25 -1.77
CA ARG A 67 -10.54 2.55 -2.78
C ARG A 67 -11.32 1.30 -3.17
N SER A 68 -10.58 0.22 -3.42
CA SER A 68 -11.18 -1.07 -3.76
C SER A 68 -11.96 -1.69 -2.60
N PHE A 69 -11.27 -1.85 -1.46
CA PHE A 69 -11.77 -2.55 -0.28
C PHE A 69 -13.09 -1.99 0.25
N VAL A 70 -13.33 -0.67 0.18
CA VAL A 70 -14.63 -0.15 0.62
C VAL A 70 -15.81 -0.82 -0.10
N GLN A 71 -15.55 -1.53 -1.21
CA GLN A 71 -16.59 -2.25 -1.92
C GLN A 71 -16.76 -3.67 -1.38
N PHE A 72 -15.78 -4.17 -0.60
CA PHE A 72 -15.87 -5.49 0.00
C PHE A 72 -15.24 -5.53 1.40
N PRO A 73 -15.81 -4.76 2.34
CA PRO A 73 -15.44 -4.76 3.74
C PRO A 73 -15.97 -6.02 4.41
N ASN A 74 -15.06 -6.76 5.06
CA ASN A 74 -15.39 -7.99 5.79
C ASN A 74 -14.39 -8.21 6.91
N PRO A 1 4.25 21.50 -6.31
CA PRO A 1 2.87 21.46 -6.84
C PRO A 1 1.81 21.89 -5.83
N GLY A 2 1.80 21.25 -4.65
CA GLY A 2 0.85 21.57 -3.61
C GLY A 2 1.08 20.71 -2.37
N PRO A 3 0.27 20.92 -1.32
CA PRO A 3 0.35 20.18 -0.07
C PRO A 3 -0.16 18.74 -0.25
N VAL A 4 0.07 17.90 0.76
CA VAL A 4 -0.37 16.50 0.74
C VAL A 4 -0.59 16.04 2.18
N LEU A 5 -1.33 14.93 2.36
CA LEU A 5 -1.69 14.42 3.68
C LEU A 5 -1.82 12.90 3.67
N PRO A 6 -0.72 12.15 3.50
CA PRO A 6 -0.72 10.69 3.48
C PRO A 6 -1.42 10.09 4.70
N LYS A 7 -1.53 10.86 5.79
CA LYS A 7 -2.22 10.43 7.00
C LYS A 7 -3.62 9.93 6.66
N ASN A 8 -4.24 10.51 5.62
CA ASN A 8 -5.55 10.09 5.17
C ASN A 8 -5.56 8.59 4.86
N ALA A 9 -4.73 8.17 3.89
CA ALA A 9 -4.62 6.76 3.53
C ALA A 9 -4.26 5.92 4.76
N LEU A 10 -3.27 6.37 5.53
CA LEU A 10 -2.79 5.65 6.70
C LEU A 10 -3.92 5.35 7.68
N MET A 11 -4.49 6.41 8.28
CA MET A 11 -5.55 6.31 9.26
C MET A 11 -6.77 5.55 8.75
N GLN A 12 -7.21 5.82 7.51
CA GLN A 12 -8.32 5.11 6.92
C GLN A 12 -8.06 3.61 6.91
N LEU A 13 -6.91 3.19 6.39
CA LEU A 13 -6.47 1.80 6.41
C LEU A 13 -6.44 1.26 7.84
N ASN A 14 -5.84 2.03 8.74
CA ASN A 14 -5.72 1.65 10.14
C ASN A 14 -7.10 1.33 10.71
N GLU A 15 -8.08 2.19 10.41
CA GLU A 15 -9.48 1.96 10.76
C GLU A 15 -9.98 0.62 10.21
N ILE A 16 -10.11 0.52 8.88
CA ILE A 16 -10.65 -0.65 8.21
C ILE A 16 -9.93 -1.96 8.54
N LYS A 17 -8.67 -1.88 9.02
CA LYS A 17 -7.72 -2.98 9.30
C LYS A 17 -8.35 -4.19 10.00
N PRO A 18 -8.92 -5.15 9.26
CA PRO A 18 -9.69 -6.24 9.82
C PRO A 18 -8.78 -7.36 10.30
N GLY A 19 -7.47 -7.20 10.09
CA GLY A 19 -6.47 -8.23 10.36
C GLY A 19 -5.73 -8.58 9.07
N LEU A 20 -5.67 -7.61 8.16
CA LEU A 20 -5.10 -7.75 6.83
C LEU A 20 -3.60 -8.01 6.84
N GLN A 21 -3.00 -8.14 5.65
CA GLN A 21 -1.59 -8.43 5.55
C GLN A 21 -0.87 -7.55 4.52
N TYR A 22 0.31 -7.03 4.90
CA TYR A 22 1.19 -6.32 3.99
C TYR A 22 2.34 -7.26 3.66
N MET A 23 2.62 -7.41 2.36
CA MET A 23 3.69 -8.27 1.88
C MET A 23 4.55 -7.52 0.87
N LEU A 24 5.87 -7.72 0.93
CA LEU A 24 6.82 -6.92 0.19
C LEU A 24 7.35 -7.72 -0.99
N LEU A 25 7.21 -7.11 -2.16
CA LEU A 25 7.70 -7.55 -3.46
C LEU A 25 8.68 -6.49 -3.92
N SER A 26 9.28 -6.69 -5.09
CA SER A 26 10.46 -6.00 -5.63
C SER A 26 11.38 -5.22 -4.70
N GLN A 27 12.56 -5.02 -5.26
CA GLN A 27 13.71 -4.50 -4.62
C GLN A 27 14.88 -4.66 -5.59
N THR A 28 14.92 -3.80 -6.60
CA THR A 28 15.93 -3.90 -7.65
C THR A 28 16.03 -2.59 -8.42
N GLY A 29 17.08 -2.46 -9.20
CA GLY A 29 17.40 -1.23 -9.91
C GLY A 29 18.86 -0.88 -9.66
N PRO A 30 19.23 0.40 -9.83
CA PRO A 30 20.54 0.90 -9.49
C PRO A 30 20.67 0.98 -7.97
N VAL A 31 21.89 1.17 -7.47
CA VAL A 31 22.15 1.15 -6.04
C VAL A 31 21.55 2.37 -5.32
N HIS A 32 21.03 3.35 -6.07
CA HIS A 32 20.56 4.60 -5.48
C HIS A 32 19.13 4.96 -5.89
N ALA A 33 18.49 4.14 -6.72
CA ALA A 33 17.05 4.25 -6.97
C ALA A 33 16.45 2.85 -6.94
N PRO A 34 16.13 2.35 -5.73
CA PRO A 34 15.58 1.02 -5.52
C PRO A 34 14.08 1.00 -5.83
N LEU A 35 13.62 -0.04 -6.55
CA LEU A 35 12.19 -0.21 -6.74
C LEU A 35 11.66 -1.32 -5.85
N PHE A 36 10.73 -0.90 -4.98
CA PHE A 36 10.05 -1.74 -4.01
C PHE A 36 8.56 -1.71 -4.32
N VAL A 37 7.92 -2.86 -4.29
CA VAL A 37 6.48 -2.91 -4.51
C VAL A 37 5.83 -3.66 -3.36
N MET A 38 4.95 -2.97 -2.66
CA MET A 38 4.27 -3.51 -1.52
C MET A 38 2.86 -3.85 -1.95
N SER A 39 2.38 -5.02 -1.57
CA SER A 39 1.04 -5.42 -1.92
C SER A 39 0.28 -5.77 -0.65
N VAL A 40 -0.95 -5.29 -0.56
CA VAL A 40 -1.77 -5.45 0.62
C VAL A 40 -2.93 -6.38 0.32
N GLU A 41 -3.20 -7.31 1.24
CA GLU A 41 -4.22 -8.35 1.07
C GLU A 41 -5.31 -8.23 2.13
N VAL A 42 -6.54 -8.04 1.65
CA VAL A 42 -7.75 -7.98 2.45
C VAL A 42 -8.84 -8.81 1.77
N ASN A 43 -9.56 -9.63 2.53
CA ASN A 43 -10.64 -10.48 2.02
C ASN A 43 -10.24 -11.33 0.79
N GLY A 44 -8.93 -11.52 0.56
CA GLY A 44 -8.44 -12.29 -0.57
C GLY A 44 -8.22 -11.44 -1.83
N GLN A 45 -8.34 -10.12 -1.68
CA GLN A 45 -8.04 -9.18 -2.74
C GLN A 45 -6.70 -8.56 -2.41
N VAL A 46 -5.81 -8.52 -3.41
CA VAL A 46 -4.47 -8.02 -3.20
C VAL A 46 -4.21 -6.89 -4.20
N PHE A 47 -3.63 -5.80 -3.71
CA PHE A 47 -3.36 -4.62 -4.52
C PHE A 47 -1.92 -4.19 -4.29
N GLU A 48 -1.23 -3.86 -5.38
CA GLU A 48 0.21 -3.65 -5.39
C GLU A 48 0.54 -2.20 -5.73
N GLY A 49 1.48 -1.61 -4.99
CA GLY A 49 1.89 -0.22 -5.18
C GLY A 49 3.42 -0.13 -5.24
N SER A 50 3.95 0.64 -6.20
CA SER A 50 5.39 0.74 -6.41
C SER A 50 5.93 2.06 -5.89
N GLY A 51 6.89 1.97 -4.97
CA GLY A 51 7.55 3.13 -4.39
C GLY A 51 9.06 2.94 -4.29
N PRO A 52 9.79 4.05 -4.30
CA PRO A 52 11.21 4.09 -3.96
C PRO A 52 11.33 4.10 -2.42
N THR A 53 12.24 3.29 -1.88
CA THR A 53 12.51 3.28 -0.45
C THR A 53 11.27 2.95 0.39
N LYS A 54 10.39 2.11 -0.18
CA LYS A 54 9.26 1.44 0.47
C LYS A 54 8.08 2.32 0.91
N LYS A 55 8.29 3.58 1.29
CA LYS A 55 7.25 4.42 1.86
C LYS A 55 6.03 4.53 0.94
N LYS A 56 6.22 5.16 -0.22
CA LYS A 56 5.18 5.37 -1.21
C LYS A 56 4.53 4.05 -1.64
N ALA A 57 5.29 2.95 -1.66
CA ALA A 57 4.74 1.66 -2.03
C ALA A 57 3.55 1.29 -1.13
N LYS A 58 3.79 1.19 0.17
CA LYS A 58 2.76 0.95 1.18
C LYS A 58 1.63 1.99 1.11
N LEU A 59 1.98 3.26 0.92
CA LEU A 59 1.00 4.33 0.79
C LEU A 59 0.01 4.05 -0.33
N HIS A 60 0.50 4.01 -1.57
CA HIS A 60 -0.32 3.77 -2.74
C HIS A 60 -1.12 2.48 -2.61
N ALA A 61 -0.47 1.41 -2.10
CA ALA A 61 -1.14 0.14 -1.86
C ALA A 61 -2.36 0.35 -0.96
N ALA A 62 -2.19 1.06 0.16
CA ALA A 62 -3.28 1.36 1.08
C ALA A 62 -4.43 2.03 0.35
N GLU A 63 -4.13 3.07 -0.43
CA GLU A 63 -5.13 3.83 -1.17
C GLU A 63 -5.97 2.90 -2.07
N LYS A 64 -5.29 2.17 -2.96
CA LYS A 64 -5.98 1.26 -3.86
C LYS A 64 -6.85 0.30 -3.08
N ALA A 65 -6.20 -0.50 -2.22
CA ALA A 65 -6.85 -1.54 -1.46
C ALA A 65 -8.01 -1.03 -0.62
N LEU A 66 -7.84 0.08 0.11
CA LEU A 66 -8.94 0.60 0.91
C LEU A 66 -10.17 0.84 0.03
N ARG A 67 -9.99 1.52 -1.11
CA ARG A 67 -11.12 1.78 -2.00
C ARG A 67 -11.72 0.50 -2.56
N SER A 68 -10.88 -0.47 -2.90
CA SER A 68 -11.37 -1.78 -3.34
C SER A 68 -12.17 -2.48 -2.24
N PHE A 69 -11.56 -2.57 -1.06
CA PHE A 69 -12.07 -3.25 0.12
C PHE A 69 -13.44 -2.75 0.57
N VAL A 70 -13.66 -1.43 0.57
CA VAL A 70 -14.98 -0.87 0.90
C VAL A 70 -16.10 -1.45 0.03
N GLN A 71 -15.75 -2.11 -1.09
CA GLN A 71 -16.73 -2.72 -1.99
C GLN A 71 -16.80 -4.23 -1.76
N PHE A 72 -15.86 -4.78 -0.98
CA PHE A 72 -15.86 -6.21 -0.62
C PHE A 72 -15.26 -6.39 0.77
N PRO A 73 -15.92 -5.85 1.81
CA PRO A 73 -15.51 -5.97 3.18
C PRO A 73 -15.77 -7.37 3.72
N ASN A 74 -15.37 -7.61 4.97
CA ASN A 74 -15.53 -8.89 5.63
C ASN A 74 -15.66 -8.69 7.15
N PRO A 1 -12.74 21.85 -3.76
CA PRO A 1 -11.36 21.35 -3.68
C PRO A 1 -10.68 21.70 -2.36
N GLY A 2 -9.50 21.13 -2.12
CA GLY A 2 -8.75 21.39 -0.90
C GLY A 2 -7.46 20.59 -0.87
N PRO A 3 -6.66 20.74 0.20
CA PRO A 3 -5.39 20.06 0.39
C PRO A 3 -5.61 18.58 0.70
N VAL A 4 -4.51 17.82 0.76
CA VAL A 4 -4.54 16.39 1.04
C VAL A 4 -3.23 15.98 1.72
N LEU A 5 -3.23 14.81 2.38
CA LEU A 5 -2.08 14.30 3.10
C LEU A 5 -2.12 12.77 3.14
N PRO A 6 -0.96 12.11 3.23
CA PRO A 6 -0.87 10.66 3.21
C PRO A 6 -1.41 10.04 4.50
N LYS A 7 -1.34 10.80 5.60
CA LYS A 7 -1.82 10.33 6.89
C LYS A 7 -3.26 9.87 6.77
N ASN A 8 -4.01 10.46 5.84
CA ASN A 8 -5.37 10.05 5.53
C ASN A 8 -5.42 8.56 5.19
N ALA A 9 -4.70 8.11 4.15
CA ALA A 9 -4.68 6.70 3.79
C ALA A 9 -4.23 5.88 4.99
N LEU A 10 -3.18 6.33 5.69
CA LEU A 10 -2.70 5.60 6.87
C LEU A 10 -3.78 5.39 7.93
N MET A 11 -4.36 6.47 8.47
CA MET A 11 -5.38 6.37 9.51
C MET A 11 -6.54 5.49 9.06
N GLN A 12 -7.10 5.81 7.88
CA GLN A 12 -8.20 5.06 7.33
C GLN A 12 -7.87 3.58 7.19
N LEU A 13 -6.66 3.29 6.70
CA LEU A 13 -6.16 1.93 6.62
C LEU A 13 -6.20 1.28 7.99
N ASN A 14 -5.62 1.95 9.00
CA ASN A 14 -5.57 1.40 10.35
C ASN A 14 -6.98 1.05 10.83
N GLU A 15 -7.96 1.90 10.50
CA GLU A 15 -9.36 1.63 10.81
C GLU A 15 -9.78 0.28 10.23
N ILE A 16 -9.66 0.13 8.90
CA ILE A 16 -10.05 -1.08 8.18
C ILE A 16 -9.14 -2.30 8.41
N LYS A 17 -7.95 -2.08 8.98
CA LYS A 17 -6.90 -3.06 9.21
C LYS A 17 -7.10 -4.34 10.05
N PRO A 18 -8.16 -4.50 10.86
CA PRO A 18 -8.40 -5.66 11.72
C PRO A 18 -8.24 -7.07 11.11
N GLY A 19 -7.81 -7.21 9.85
CA GLY A 19 -7.65 -8.52 9.24
C GLY A 19 -7.02 -8.47 7.86
N LEU A 20 -5.76 -8.02 7.73
CA LEU A 20 -5.12 -7.98 6.42
C LEU A 20 -3.65 -8.39 6.40
N GLN A 21 -3.06 -8.45 5.20
CA GLN A 21 -1.65 -8.82 5.04
C GLN A 21 -0.91 -7.90 4.05
N TYR A 22 0.29 -7.45 4.40
CA TYR A 22 1.18 -6.74 3.47
C TYR A 22 2.29 -7.70 3.05
N MET A 23 2.59 -7.74 1.75
CA MET A 23 3.64 -8.58 1.19
C MET A 23 4.47 -7.77 0.19
N LEU A 24 5.79 -7.98 0.19
CA LEU A 24 6.73 -7.16 -0.57
C LEU A 24 7.18 -7.95 -1.80
N LEU A 25 7.19 -7.24 -2.94
CA LEU A 25 7.51 -7.72 -4.27
C LEU A 25 8.53 -6.74 -4.85
N SER A 26 8.83 -6.89 -6.15
CA SER A 26 9.99 -6.34 -6.84
C SER A 26 10.79 -5.31 -6.10
N GLN A 27 12.09 -5.53 -6.19
CA GLN A 27 13.11 -4.91 -5.42
C GLN A 27 14.38 -5.04 -6.25
N THR A 28 14.45 -4.20 -7.28
CA THR A 28 15.55 -4.24 -8.23
C THR A 28 15.72 -2.88 -8.89
N GLY A 29 16.88 -2.67 -9.51
CA GLY A 29 17.27 -1.41 -10.12
C GLY A 29 18.72 -1.14 -9.81
N PRO A 30 19.19 0.09 -10.04
CA PRO A 30 20.52 0.51 -9.64
C PRO A 30 20.57 0.65 -8.13
N VAL A 31 21.77 0.77 -7.56
CA VAL A 31 21.98 0.81 -6.13
C VAL A 31 21.45 2.09 -5.49
N HIS A 32 20.97 3.04 -6.30
CA HIS A 32 20.55 4.35 -5.78
C HIS A 32 19.17 4.78 -6.27
N ALA A 33 18.53 3.98 -7.13
CA ALA A 33 17.12 4.17 -7.48
C ALA A 33 16.43 2.81 -7.47
N PRO A 34 16.15 2.26 -6.28
CA PRO A 34 15.54 0.96 -6.09
C PRO A 34 14.03 0.99 -6.32
N LEU A 35 13.50 0.00 -7.04
CA LEU A 35 12.06 -0.14 -7.18
C LEU A 35 11.57 -1.28 -6.29
N PHE A 36 10.74 -0.86 -5.34
CA PHE A 36 10.09 -1.70 -4.34
C PHE A 36 8.60 -1.73 -4.66
N VAL A 37 7.96 -2.90 -4.64
CA VAL A 37 6.53 -2.92 -4.92
C VAL A 37 5.84 -3.78 -3.89
N MET A 38 5.01 -3.15 -3.07
CA MET A 38 4.35 -3.82 -1.97
C MET A 38 2.90 -4.04 -2.37
N SER A 39 2.39 -5.24 -2.12
CA SER A 39 1.02 -5.58 -2.44
C SER A 39 0.31 -5.96 -1.15
N VAL A 40 -0.90 -5.44 -1.00
CA VAL A 40 -1.68 -5.59 0.22
C VAL A 40 -2.92 -6.44 -0.07
N GLU A 41 -3.21 -7.40 0.81
CA GLU A 41 -4.26 -8.37 0.61
C GLU A 41 -5.32 -8.29 1.70
N VAL A 42 -6.57 -8.10 1.25
CA VAL A 42 -7.76 -8.10 2.09
C VAL A 42 -8.86 -8.90 1.41
N ASN A 43 -9.56 -9.76 2.15
CA ASN A 43 -10.67 -10.56 1.65
C ASN A 43 -10.36 -11.33 0.35
N GLY A 44 -9.08 -11.51 0.02
CA GLY A 44 -8.67 -12.23 -1.18
C GLY A 44 -8.45 -11.31 -2.39
N GLN A 45 -8.50 -10.01 -2.15
CA GLN A 45 -8.19 -9.01 -3.16
C GLN A 45 -6.83 -8.45 -2.80
N VAL A 46 -5.97 -8.34 -3.82
CA VAL A 46 -4.60 -7.90 -3.62
C VAL A 46 -4.32 -6.75 -4.57
N PHE A 47 -3.68 -5.70 -4.05
CA PHE A 47 -3.39 -4.51 -4.83
C PHE A 47 -1.94 -4.09 -4.59
N GLU A 48 -1.23 -3.76 -5.67
CA GLU A 48 0.20 -3.55 -5.67
C GLU A 48 0.53 -2.08 -5.92
N GLY A 49 1.46 -1.53 -5.14
CA GLY A 49 1.89 -0.15 -5.23
C GLY A 49 3.41 -0.06 -5.31
N SER A 50 3.93 0.78 -6.22
CA SER A 50 5.36 0.90 -6.44
C SER A 50 5.90 2.18 -5.82
N GLY A 51 6.96 2.03 -5.04
CA GLY A 51 7.61 3.12 -4.36
C GLY A 51 9.14 3.04 -4.45
N PRO A 52 9.80 4.19 -4.34
CA PRO A 52 11.23 4.29 -4.14
C PRO A 52 11.46 3.95 -2.67
N THR A 53 12.51 3.20 -2.38
CA THR A 53 12.91 2.82 -1.03
C THR A 53 11.90 1.87 -0.37
N LYS A 54 10.83 2.36 0.27
CA LYS A 54 9.78 1.52 0.85
C LYS A 54 8.49 2.28 1.16
N LYS A 55 8.59 3.58 1.49
CA LYS A 55 7.50 4.37 2.03
C LYS A 55 6.25 4.37 1.14
N LYS A 56 6.37 5.00 -0.03
CA LYS A 56 5.30 5.16 -1.00
C LYS A 56 4.67 3.84 -1.43
N ALA A 57 5.46 2.77 -1.53
CA ALA A 57 4.99 1.48 -2.02
C ALA A 57 3.77 1.00 -1.22
N LYS A 58 3.99 0.66 0.06
CA LYS A 58 2.92 0.18 0.92
C LYS A 58 1.78 1.19 0.96
N LEU A 59 2.11 2.49 0.99
CA LEU A 59 1.14 3.57 1.08
C LEU A 59 0.12 3.48 -0.06
N HIS A 60 0.58 3.74 -1.28
CA HIS A 60 -0.22 3.67 -2.49
C HIS A 60 -0.98 2.34 -2.59
N ALA A 61 -0.31 1.22 -2.26
CA ALA A 61 -0.97 -0.08 -2.21
C ALA A 61 -2.17 -0.02 -1.27
N ALA A 62 -1.97 0.57 -0.09
CA ALA A 62 -3.02 0.77 0.88
C ALA A 62 -4.18 1.52 0.27
N GLU A 63 -3.91 2.66 -0.37
CA GLU A 63 -4.94 3.48 -0.98
C GLU A 63 -5.82 2.66 -1.93
N LYS A 64 -5.17 1.92 -2.84
CA LYS A 64 -5.87 1.06 -3.78
C LYS A 64 -6.77 0.08 -3.05
N ALA A 65 -6.17 -0.84 -2.28
CA ALA A 65 -6.91 -1.86 -1.57
C ALA A 65 -7.96 -1.28 -0.64
N LEU A 66 -7.68 -0.13 -0.01
CA LEU A 66 -8.60 0.57 0.85
C LEU A 66 -9.89 0.84 0.10
N ARG A 67 -9.80 1.56 -1.03
CA ARG A 67 -10.98 1.87 -1.82
C ARG A 67 -11.70 0.60 -2.26
N SER A 68 -10.96 -0.36 -2.79
CA SER A 68 -11.48 -1.64 -3.23
C SER A 68 -12.23 -2.38 -2.11
N PHE A 69 -11.55 -2.58 -0.99
CA PHE A 69 -12.00 -3.29 0.20
C PHE A 69 -13.28 -2.69 0.75
N VAL A 70 -13.42 -1.37 0.71
CA VAL A 70 -14.66 -0.69 1.11
C VAL A 70 -15.88 -1.20 0.34
N GLN A 71 -15.66 -1.92 -0.78
CA GLN A 71 -16.73 -2.45 -1.60
C GLN A 71 -16.82 -3.98 -1.47
N PHE A 72 -15.87 -4.59 -0.75
CA PHE A 72 -15.86 -6.03 -0.45
C PHE A 72 -15.20 -6.25 0.91
N PRO A 73 -15.81 -5.76 1.98
CA PRO A 73 -15.29 -5.87 3.33
C PRO A 73 -15.45 -7.29 3.86
N ASN A 74 -14.96 -7.51 5.09
CA ASN A 74 -14.97 -8.82 5.74
C ASN A 74 -15.02 -8.64 7.25
N PRO A 1 5.85 18.89 -8.76
CA PRO A 1 5.80 18.38 -7.38
C PRO A 1 4.83 19.18 -6.50
N GLY A 2 4.65 18.74 -5.26
CA GLY A 2 3.75 19.40 -4.31
C GLY A 2 3.73 18.68 -2.96
N PRO A 3 2.96 19.20 -2.01
CA PRO A 3 2.82 18.63 -0.67
C PRO A 3 2.00 17.35 -0.70
N VAL A 4 2.01 16.61 0.41
CA VAL A 4 1.29 15.34 0.54
C VAL A 4 0.78 15.18 1.98
N LEU A 5 -0.09 14.19 2.18
CA LEU A 5 -0.67 13.90 3.49
C LEU A 5 -1.01 12.40 3.56
N PRO A 6 0.00 11.53 3.45
CA PRO A 6 -0.20 10.09 3.41
C PRO A 6 -0.69 9.53 4.74
N LYS A 7 -0.52 10.27 5.83
CA LYS A 7 -0.95 9.83 7.15
C LYS A 7 -2.44 9.46 7.11
N ASN A 8 -3.21 10.14 6.27
CA ASN A 8 -4.60 9.81 6.04
C ASN A 8 -4.72 8.34 5.59
N ALA A 9 -4.01 7.97 4.53
CA ALA A 9 -4.02 6.60 4.02
C ALA A 9 -3.64 5.62 5.12
N LEU A 10 -2.55 5.88 5.86
CA LEU A 10 -2.13 4.96 6.91
C LEU A 10 -3.24 4.70 7.92
N MET A 11 -3.71 5.75 8.59
CA MET A 11 -4.76 5.63 9.59
C MET A 11 -6.00 4.96 9.04
N GLN A 12 -6.48 5.41 7.88
CA GLN A 12 -7.65 4.85 7.23
C GLN A 12 -7.48 3.36 6.99
N LEU A 13 -6.31 2.96 6.50
CA LEU A 13 -5.98 1.55 6.34
C LEU A 13 -6.13 0.84 7.67
N ASN A 14 -5.50 1.35 8.73
CA ASN A 14 -5.53 0.71 10.03
C ASN A 14 -6.98 0.50 10.49
N GLU A 15 -7.85 1.47 10.18
CA GLU A 15 -9.27 1.33 10.42
C GLU A 15 -9.82 0.08 9.73
N ILE A 16 -9.76 0.05 8.40
CA ILE A 16 -10.26 -1.06 7.57
C ILE A 16 -9.49 -2.37 7.73
N LYS A 17 -8.31 -2.32 8.33
CA LYS A 17 -7.33 -3.41 8.38
C LYS A 17 -7.71 -4.79 8.94
N PRO A 18 -8.69 -4.93 9.84
CA PRO A 18 -9.05 -6.18 10.51
C PRO A 18 -9.12 -7.42 9.60
N GLY A 19 -7.98 -8.12 9.44
CA GLY A 19 -7.94 -9.38 8.71
C GLY A 19 -7.20 -9.28 7.37
N LEU A 20 -5.93 -8.85 7.37
CA LEU A 20 -5.22 -8.66 6.11
C LEU A 20 -3.74 -9.09 6.13
N GLN A 21 -3.10 -9.01 4.95
CA GLN A 21 -1.68 -9.34 4.82
C GLN A 21 -0.92 -8.32 3.97
N TYR A 22 0.28 -7.88 4.41
CA TYR A 22 1.19 -7.12 3.57
C TYR A 22 2.35 -8.03 3.18
N MET A 23 2.71 -8.00 1.90
CA MET A 23 3.80 -8.79 1.35
C MET A 23 4.68 -7.93 0.44
N LEU A 24 6.00 -8.18 0.49
CA LEU A 24 6.97 -7.36 -0.22
C LEU A 24 7.46 -8.10 -1.46
N LEU A 25 7.37 -7.39 -2.58
CA LEU A 25 7.85 -7.76 -3.90
C LEU A 25 8.84 -6.66 -4.28
N SER A 26 9.44 -6.76 -5.47
CA SER A 26 10.61 -6.02 -5.95
C SER A 26 11.56 -5.37 -4.95
N GLN A 27 12.74 -5.19 -5.49
CA GLN A 27 13.92 -4.74 -4.84
C GLN A 27 15.06 -4.87 -5.86
N THR A 28 15.00 -4.04 -6.90
CA THR A 28 15.95 -4.12 -8.00
C THR A 28 15.95 -2.82 -8.79
N GLY A 29 16.99 -2.65 -9.62
CA GLY A 29 17.22 -1.43 -10.35
C GLY A 29 18.70 -1.09 -10.30
N PRO A 30 19.07 0.17 -10.54
CA PRO A 30 20.44 0.63 -10.38
C PRO A 30 20.78 0.67 -8.89
N VAL A 31 22.07 0.81 -8.58
CA VAL A 31 22.56 0.79 -7.21
C VAL A 31 22.31 2.13 -6.52
N HIS A 32 21.46 2.98 -7.09
CA HIS A 32 21.14 4.27 -6.48
C HIS A 32 19.65 4.61 -6.58
N ALA A 33 18.87 3.83 -7.33
CA ALA A 33 17.42 3.93 -7.31
C ALA A 33 16.81 2.53 -7.26
N PRO A 34 16.67 1.94 -6.06
CA PRO A 34 16.09 0.63 -5.87
C PRO A 34 14.56 0.69 -5.95
N LEU A 35 13.95 -0.27 -6.66
CA LEU A 35 12.50 -0.33 -6.75
C LEU A 35 11.93 -1.45 -5.88
N PHE A 36 11.03 -1.06 -4.98
CA PHE A 36 10.32 -1.93 -4.07
C PHE A 36 8.83 -1.86 -4.38
N VAL A 37 8.17 -3.02 -4.42
CA VAL A 37 6.72 -3.03 -4.63
C VAL A 37 6.08 -3.87 -3.53
N MET A 38 5.25 -3.22 -2.71
CA MET A 38 4.59 -3.90 -1.61
C MET A 38 3.15 -4.09 -2.03
N SER A 39 2.61 -5.28 -1.79
CA SER A 39 1.25 -5.58 -2.18
C SER A 39 0.47 -6.04 -0.97
N VAL A 40 -0.75 -5.51 -0.84
CA VAL A 40 -1.61 -5.78 0.31
C VAL A 40 -2.78 -6.64 -0.11
N GLU A 41 -3.08 -7.66 0.70
CA GLU A 41 -4.14 -8.63 0.43
C GLU A 41 -5.26 -8.51 1.44
N VAL A 42 -6.46 -8.18 0.94
CA VAL A 42 -7.67 -8.10 1.73
C VAL A 42 -8.80 -8.78 0.97
N ASN A 43 -9.61 -9.61 1.63
CA ASN A 43 -10.71 -10.34 1.02
C ASN A 43 -10.31 -11.14 -0.23
N GLY A 44 -9.02 -11.38 -0.44
CA GLY A 44 -8.52 -12.12 -1.60
C GLY A 44 -8.21 -11.21 -2.77
N GLN A 45 -8.26 -9.89 -2.56
CA GLN A 45 -7.89 -8.91 -3.55
C GLN A 45 -6.53 -8.37 -3.13
N VAL A 46 -5.63 -8.29 -4.10
CA VAL A 46 -4.26 -7.86 -3.81
C VAL A 46 -3.94 -6.66 -4.68
N PHE A 47 -3.38 -5.62 -4.04
CA PHE A 47 -3.07 -4.38 -4.72
C PHE A 47 -1.63 -4.00 -4.42
N GLU A 48 -0.90 -3.60 -5.45
CA GLU A 48 0.55 -3.44 -5.41
C GLU A 48 0.93 -1.98 -5.63
N GLY A 49 1.87 -1.48 -4.82
CA GLY A 49 2.34 -0.10 -4.91
C GLY A 49 3.85 -0.06 -5.04
N SER A 50 4.35 0.77 -5.95
CA SER A 50 5.77 0.84 -6.29
C SER A 50 6.41 2.12 -5.77
N GLY A 51 7.34 1.96 -4.83
CA GLY A 51 8.06 3.09 -4.26
C GLY A 51 9.56 2.81 -4.14
N PRO A 52 10.38 3.87 -4.15
CA PRO A 52 11.74 3.83 -3.66
C PRO A 52 11.62 3.84 -2.13
N THR A 53 12.37 2.99 -1.43
CA THR A 53 12.23 2.75 0.00
C THR A 53 10.87 2.10 0.30
N LYS A 54 10.84 1.25 1.32
CA LYS A 54 9.65 0.46 1.66
C LYS A 54 8.45 1.33 2.08
N LYS A 55 8.69 2.55 2.57
CA LYS A 55 7.63 3.41 3.10
C LYS A 55 6.53 3.66 2.07
N LYS A 56 6.87 4.42 1.03
CA LYS A 56 5.95 4.82 -0.03
C LYS A 56 5.30 3.61 -0.69
N ALA A 57 6.02 2.50 -0.81
CA ALA A 57 5.49 1.30 -1.41
C ALA A 57 4.20 0.85 -0.71
N LYS A 58 4.30 0.41 0.55
CA LYS A 58 3.14 -0.05 1.31
C LYS A 58 2.05 1.03 1.33
N LEU A 59 2.47 2.29 1.42
CA LEU A 59 1.58 3.45 1.47
C LEU A 59 0.65 3.45 0.27
N HIS A 60 1.23 3.55 -0.93
CA HIS A 60 0.49 3.53 -2.17
C HIS A 60 -0.38 2.28 -2.28
N ALA A 61 0.15 1.12 -1.87
CA ALA A 61 -0.64 -0.10 -1.82
C ALA A 61 -1.89 0.08 -0.97
N ALA A 62 -1.74 0.66 0.23
CA ALA A 62 -2.83 0.94 1.15
C ALA A 62 -3.90 1.79 0.48
N GLU A 63 -3.47 2.85 -0.21
CA GLU A 63 -4.36 3.75 -0.93
C GLU A 63 -5.21 2.97 -1.91
N LYS A 64 -4.57 2.29 -2.87
CA LYS A 64 -5.30 1.54 -3.88
C LYS A 64 -6.25 0.55 -3.24
N ALA A 65 -5.72 -0.30 -2.37
CA ALA A 65 -6.51 -1.31 -1.70
C ALA A 65 -7.71 -0.71 -0.97
N LEU A 66 -7.54 0.45 -0.32
CA LEU A 66 -8.67 1.15 0.29
C LEU A 66 -9.76 1.38 -0.75
N ARG A 67 -9.40 2.00 -1.89
CA ARG A 67 -10.39 2.35 -2.91
C ARG A 67 -11.16 1.12 -3.34
N SER A 68 -10.43 0.04 -3.61
CA SER A 68 -11.00 -1.24 -4.02
C SER A 68 -11.83 -1.91 -2.92
N PHE A 69 -11.17 -2.21 -1.80
CA PHE A 69 -11.70 -2.97 -0.68
C PHE A 69 -12.99 -2.39 -0.09
N VAL A 70 -13.09 -1.06 0.01
CA VAL A 70 -14.32 -0.45 0.49
C VAL A 70 -15.55 -0.88 -0.32
N GLN A 71 -15.33 -1.44 -1.52
CA GLN A 71 -16.41 -1.90 -2.38
C GLN A 71 -16.58 -3.43 -2.28
N PHE A 72 -15.66 -4.10 -1.60
CA PHE A 72 -15.74 -5.54 -1.35
C PHE A 72 -15.14 -5.88 0.01
N PRO A 73 -15.75 -5.38 1.10
CA PRO A 73 -15.35 -5.67 2.46
C PRO A 73 -15.74 -7.09 2.84
N ASN A 74 -15.34 -7.51 4.05
CA ASN A 74 -15.60 -8.84 4.57
C ASN A 74 -15.63 -8.78 6.10
N PRO A 1 5.14 13.50 -7.74
CA PRO A 1 3.93 14.02 -7.07
C PRO A 1 3.40 13.07 -6.00
N GLY A 2 2.41 13.52 -5.23
CA GLY A 2 1.81 12.73 -4.17
C GLY A 2 0.71 13.51 -3.44
N PRO A 3 0.09 12.89 -2.43
CA PRO A 3 -0.98 13.49 -1.64
C PRO A 3 -0.45 14.51 -0.63
N VAL A 4 0.88 14.70 -0.58
CA VAL A 4 1.61 15.57 0.34
C VAL A 4 1.18 15.46 1.81
N LEU A 5 0.38 14.45 2.15
CA LEU A 5 -0.05 14.19 3.51
C LEU A 5 -0.45 12.72 3.65
N PRO A 6 0.52 11.80 3.50
CA PRO A 6 0.28 10.37 3.51
C PRO A 6 -0.58 9.89 4.69
N LYS A 7 -0.47 10.57 5.84
CA LYS A 7 -1.16 10.18 7.06
C LYS A 7 -2.64 9.93 6.79
N ASN A 8 -3.22 10.67 5.83
CA ASN A 8 -4.59 10.47 5.42
C ASN A 8 -4.81 9.02 4.95
N ALA A 9 -4.12 8.60 3.89
CA ALA A 9 -4.26 7.24 3.38
C ALA A 9 -3.97 6.20 4.46
N LEU A 10 -2.88 6.37 5.22
CA LEU A 10 -2.54 5.38 6.23
C LEU A 10 -3.70 5.17 7.20
N MET A 11 -4.07 6.24 7.92
CA MET A 11 -5.16 6.23 8.87
C MET A 11 -6.48 5.77 8.26
N GLN A 12 -6.80 6.23 7.04
CA GLN A 12 -8.04 5.85 6.38
C GLN A 12 -8.13 4.33 6.27
N LEU A 13 -7.10 3.69 5.71
CA LEU A 13 -7.03 2.23 5.64
C LEU A 13 -7.16 1.64 7.04
N ASN A 14 -6.44 2.19 8.02
CA ASN A 14 -6.47 1.69 9.38
C ASN A 14 -7.90 1.69 9.90
N GLU A 15 -8.63 2.77 9.62
CA GLU A 15 -10.04 2.91 9.97
C GLU A 15 -10.86 1.76 9.40
N ILE A 16 -10.90 1.65 8.07
CA ILE A 16 -11.64 0.58 7.40
C ILE A 16 -11.12 -0.81 7.75
N LYS A 17 -9.86 -0.89 8.20
CA LYS A 17 -9.17 -2.15 8.34
C LYS A 17 -8.41 -2.35 9.64
N PRO A 18 -9.10 -2.44 10.79
CA PRO A 18 -8.49 -2.69 12.09
C PRO A 18 -7.48 -3.85 12.13
N GLY A 19 -7.40 -4.69 11.08
CA GLY A 19 -6.42 -5.75 11.00
C GLY A 19 -6.38 -6.35 9.58
N LEU A 20 -5.19 -6.34 8.98
CA LEU A 20 -4.94 -6.84 7.62
C LEU A 20 -3.47 -7.14 7.46
N GLN A 21 -3.01 -7.45 6.23
CA GLN A 21 -1.60 -7.77 6.08
C GLN A 21 -0.92 -6.99 4.97
N TYR A 22 0.28 -6.47 5.27
CA TYR A 22 1.16 -5.86 4.29
C TYR A 22 2.33 -6.82 4.05
N MET A 23 2.67 -7.02 2.78
CA MET A 23 3.77 -7.88 2.37
C MET A 23 4.61 -7.18 1.31
N LEU A 24 5.93 -7.38 1.36
CA LEU A 24 6.87 -6.64 0.53
C LEU A 24 7.38 -7.53 -0.60
N LEU A 25 7.32 -6.96 -1.80
CA LEU A 25 7.82 -7.48 -3.05
C LEU A 25 8.78 -6.43 -3.58
N SER A 26 9.40 -6.71 -4.73
CA SER A 26 10.57 -6.04 -5.30
C SER A 26 11.45 -5.15 -4.44
N GLN A 27 12.64 -4.98 -4.99
CA GLN A 27 13.76 -4.37 -4.37
C GLN A 27 14.95 -4.53 -5.31
N THR A 28 15.00 -3.71 -6.37
CA THR A 28 16.09 -3.79 -7.32
C THR A 28 16.20 -2.49 -8.10
N GLY A 29 17.40 -2.12 -8.51
CA GLY A 29 17.63 -0.88 -9.22
C GLY A 29 19.10 -0.46 -9.19
N PRO A 30 19.38 0.74 -9.68
CA PRO A 30 20.70 1.37 -9.73
C PRO A 30 21.40 1.58 -8.41
N VAL A 31 20.79 1.08 -7.35
CA VAL A 31 21.15 1.22 -5.95
C VAL A 31 20.79 2.60 -5.39
N HIS A 32 20.39 3.52 -6.26
CA HIS A 32 20.02 4.87 -5.84
C HIS A 32 18.62 5.22 -6.37
N ALA A 33 18.04 4.34 -7.17
CA ALA A 33 16.64 4.39 -7.53
C ALA A 33 16.08 2.97 -7.42
N PRO A 34 15.97 2.47 -6.18
CA PRO A 34 15.53 1.11 -5.89
C PRO A 34 14.03 0.98 -6.07
N LEU A 35 13.58 -0.10 -6.73
CA LEU A 35 12.15 -0.32 -6.89
C LEU A 35 11.65 -1.36 -5.91
N PHE A 36 10.71 -0.87 -5.08
CA PHE A 36 10.04 -1.62 -4.03
C PHE A 36 8.56 -1.67 -4.38
N VAL A 37 7.94 -2.85 -4.24
CA VAL A 37 6.52 -2.97 -4.45
C VAL A 37 5.90 -3.66 -3.25
N MET A 38 5.05 -2.92 -2.53
CA MET A 38 4.42 -3.46 -1.34
C MET A 38 2.98 -3.76 -1.71
N SER A 39 2.50 -4.93 -1.29
CA SER A 39 1.16 -5.36 -1.63
C SER A 39 0.39 -5.63 -0.34
N VAL A 40 -0.85 -5.15 -0.28
CA VAL A 40 -1.68 -5.27 0.90
C VAL A 40 -2.82 -6.25 0.65
N GLU A 41 -3.06 -7.14 1.62
CA GLU A 41 -4.07 -8.17 1.56
C GLU A 41 -5.20 -7.89 2.55
N VAL A 42 -6.40 -7.75 1.99
CA VAL A 42 -7.67 -7.59 2.71
C VAL A 42 -8.73 -8.47 2.05
N ASN A 43 -9.48 -9.24 2.85
CA ASN A 43 -10.55 -10.12 2.38
C ASN A 43 -10.14 -11.04 1.22
N GLY A 44 -8.84 -11.32 1.08
CA GLY A 44 -8.34 -12.20 0.02
C GLY A 44 -8.10 -11.44 -1.27
N GLN A 45 -8.21 -10.11 -1.23
CA GLN A 45 -7.90 -9.26 -2.35
C GLN A 45 -6.58 -8.60 -2.02
N VAL A 46 -5.67 -8.57 -2.99
CA VAL A 46 -4.33 -8.06 -2.77
C VAL A 46 -4.03 -7.01 -3.82
N PHE A 47 -3.52 -5.86 -3.37
CA PHE A 47 -3.23 -4.74 -4.25
C PHE A 47 -1.80 -4.30 -4.03
N GLU A 48 -1.10 -4.06 -5.14
CA GLU A 48 0.35 -3.84 -5.15
C GLU A 48 0.66 -2.41 -5.61
N GLY A 49 1.58 -1.75 -4.90
CA GLY A 49 1.97 -0.38 -5.23
C GLY A 49 3.47 -0.26 -5.30
N SER A 50 3.97 0.43 -6.34
CA SER A 50 5.40 0.55 -6.60
C SER A 50 5.91 1.93 -6.22
N GLY A 51 6.93 1.96 -5.36
CA GLY A 51 7.57 3.18 -4.94
C GLY A 51 9.08 3.08 -4.92
N PRO A 52 9.77 4.23 -5.08
CA PRO A 52 11.18 4.34 -4.76
C PRO A 52 11.26 4.34 -3.24
N THR A 53 11.98 3.39 -2.65
CA THR A 53 11.97 3.16 -1.21
C THR A 53 10.55 2.79 -0.73
N LYS A 54 10.48 2.19 0.46
CA LYS A 54 9.27 1.55 0.98
C LYS A 54 8.09 2.49 1.25
N LYS A 55 8.34 3.79 1.49
CA LYS A 55 7.31 4.72 1.92
C LYS A 55 6.12 4.76 0.96
N LYS A 56 6.38 5.31 -0.23
CA LYS A 56 5.38 5.48 -1.28
C LYS A 56 4.71 4.16 -1.66
N ALA A 57 5.47 3.07 -1.67
CA ALA A 57 4.96 1.77 -2.07
C ALA A 57 3.72 1.37 -1.26
N LYS A 58 3.90 1.13 0.04
CA LYS A 58 2.80 0.72 0.90
C LYS A 58 1.65 1.72 0.84
N LEU A 59 1.98 3.02 0.77
CA LEU A 59 1.02 4.10 0.72
C LEU A 59 0.06 3.90 -0.45
N HIS A 60 0.63 3.85 -1.65
CA HIS A 60 -0.13 3.65 -2.87
C HIS A 60 -0.97 2.38 -2.78
N ALA A 61 -0.38 1.29 -2.27
CA ALA A 61 -1.12 0.05 -2.03
C ALA A 61 -2.33 0.30 -1.13
N ALA A 62 -2.15 1.08 -0.05
CA ALA A 62 -3.23 1.43 0.86
C ALA A 62 -4.38 2.09 0.12
N GLU A 63 -4.08 3.12 -0.67
CA GLU A 63 -5.04 3.88 -1.45
C GLU A 63 -5.86 2.96 -2.35
N LYS A 64 -5.14 2.12 -3.12
CA LYS A 64 -5.74 1.14 -4.01
C LYS A 64 -6.70 0.22 -3.26
N ALA A 65 -6.16 -0.57 -2.33
CA ALA A 65 -6.94 -1.54 -1.57
C ALA A 65 -8.13 -0.89 -0.86
N LEU A 66 -7.94 0.33 -0.35
CA LEU A 66 -9.01 1.12 0.26
C LEU A 66 -10.17 1.19 -0.74
N ARG A 67 -9.98 1.90 -1.84
CA ARG A 67 -11.06 2.10 -2.80
C ARG A 67 -11.62 0.76 -3.25
N SER A 68 -10.72 -0.20 -3.48
CA SER A 68 -11.09 -1.56 -3.82
C SER A 68 -12.01 -2.23 -2.79
N PHE A 69 -11.42 -2.80 -1.73
CA PHE A 69 -12.16 -3.60 -0.76
C PHE A 69 -13.32 -2.84 -0.10
N VAL A 70 -13.41 -1.51 -0.21
CA VAL A 70 -14.62 -0.80 0.21
C VAL A 70 -15.87 -1.37 -0.47
N GLN A 71 -15.70 -2.17 -1.53
CA GLN A 71 -16.79 -2.83 -2.21
C GLN A 71 -16.89 -4.30 -1.79
N PHE A 72 -15.97 -4.77 -0.94
CA PHE A 72 -15.91 -6.13 -0.43
C PHE A 72 -15.27 -6.15 0.97
N PRO A 73 -15.93 -5.55 1.96
CA PRO A 73 -15.42 -5.46 3.32
C PRO A 73 -15.52 -6.81 4.02
N ASN A 74 -14.83 -6.92 5.14
CA ASN A 74 -14.77 -8.13 5.96
C ASN A 74 -14.24 -7.79 7.35
N PRO A 1 -0.21 24.15 -6.08
CA PRO A 1 0.47 22.98 -5.52
C PRO A 1 0.60 23.04 -3.99
N GLY A 2 1.15 21.98 -3.39
CA GLY A 2 1.34 21.90 -1.96
C GLY A 2 2.02 20.59 -1.57
N PRO A 3 2.29 20.39 -0.27
CA PRO A 3 2.95 19.21 0.25
C PRO A 3 2.02 18.00 0.19
N VAL A 4 2.60 16.81 0.30
CA VAL A 4 1.85 15.56 0.29
C VAL A 4 1.07 15.39 1.60
N LEU A 5 0.15 14.41 1.63
CA LEU A 5 -0.67 14.13 2.79
C LEU A 5 -1.07 12.64 2.80
N PRO A 6 -0.08 11.73 2.82
CA PRO A 6 -0.33 10.30 2.76
C PRO A 6 -0.97 9.79 4.05
N LYS A 7 -0.97 10.61 5.11
CA LYS A 7 -1.54 10.24 6.39
C LYS A 7 -2.99 9.77 6.21
N ASN A 8 -3.70 10.35 5.24
CA ASN A 8 -5.04 9.93 4.90
C ASN A 8 -5.08 8.43 4.60
N ALA A 9 -4.28 7.97 3.62
CA ALA A 9 -4.19 6.55 3.30
C ALA A 9 -3.83 5.74 4.53
N LEU A 10 -2.81 6.19 5.28
CA LEU A 10 -2.35 5.52 6.48
C LEU A 10 -3.47 5.31 7.48
N MET A 11 -4.10 6.39 7.97
CA MET A 11 -5.17 6.32 8.95
C MET A 11 -6.31 5.44 8.48
N GLN A 12 -6.83 5.71 7.28
CA GLN A 12 -7.94 4.98 6.71
C GLN A 12 -7.63 3.49 6.65
N LEU A 13 -6.45 3.14 6.14
CA LEU A 13 -6.00 1.76 6.12
C LEU A 13 -6.04 1.18 7.52
N ASN A 14 -5.39 1.86 8.48
CA ASN A 14 -5.29 1.34 9.84
C ASN A 14 -6.69 1.06 10.39
N GLU A 15 -7.65 1.92 10.08
CA GLU A 15 -9.05 1.68 10.42
C GLU A 15 -9.54 0.34 9.85
N ILE A 16 -9.60 0.23 8.52
CA ILE A 16 -10.07 -0.97 7.83
C ILE A 16 -9.21 -2.21 8.03
N LYS A 17 -7.98 -2.05 8.53
CA LYS A 17 -6.96 -3.09 8.58
C LYS A 17 -7.24 -4.43 9.28
N PRO A 18 -8.11 -4.52 10.29
CA PRO A 18 -8.36 -5.73 11.08
C PRO A 18 -8.48 -7.02 10.28
N GLY A 19 -7.37 -7.74 10.10
CA GLY A 19 -7.37 -9.06 9.46
C GLY A 19 -6.68 -9.06 8.10
N LEU A 20 -5.43 -8.59 7.99
CA LEU A 20 -4.77 -8.51 6.69
C LEU A 20 -3.30 -8.90 6.70
N GLN A 21 -2.68 -8.89 5.52
CA GLN A 21 -1.24 -9.18 5.38
C GLN A 21 -0.53 -8.20 4.46
N TYR A 22 0.65 -7.71 4.85
CA TYR A 22 1.54 -6.98 3.95
C TYR A 22 2.71 -7.91 3.59
N MET A 23 3.05 -7.94 2.30
CA MET A 23 4.17 -8.73 1.80
C MET A 23 4.98 -7.90 0.81
N LEU A 24 6.31 -8.03 0.89
CA LEU A 24 7.23 -7.19 0.13
C LEU A 24 7.80 -8.01 -1.03
N LEU A 25 7.62 -7.44 -2.22
CA LEU A 25 8.14 -7.91 -3.49
C LEU A 25 9.09 -6.83 -3.97
N SER A 26 9.72 -7.04 -5.14
CA SER A 26 10.88 -6.33 -5.66
C SER A 26 11.76 -5.48 -4.75
N GLN A 27 12.93 -5.25 -5.30
CA GLN A 27 14.06 -4.66 -4.66
C GLN A 27 15.25 -4.81 -5.62
N THR A 28 15.29 -3.99 -6.66
CA THR A 28 16.37 -4.04 -7.63
C THR A 28 16.44 -2.72 -8.39
N GLY A 29 17.62 -2.42 -8.92
CA GLY A 29 17.85 -1.15 -9.62
C GLY A 29 19.34 -0.83 -9.69
N PRO A 30 19.66 0.41 -10.08
CA PRO A 30 21.01 0.93 -10.24
C PRO A 30 21.68 1.22 -8.91
N VAL A 31 21.02 0.86 -7.83
CA VAL A 31 21.49 1.06 -6.46
C VAL A 31 21.36 2.53 -6.04
N HIS A 32 20.70 3.35 -6.85
CA HIS A 32 20.38 4.72 -6.46
C HIS A 32 18.92 5.04 -6.77
N ALA A 33 18.25 4.16 -7.54
CA ALA A 33 16.81 4.17 -7.70
C ALA A 33 16.29 2.74 -7.57
N PRO A 34 16.26 2.20 -6.35
CA PRO A 34 15.82 0.85 -6.07
C PRO A 34 14.31 0.75 -6.20
N LEU A 35 13.82 -0.31 -6.85
CA LEU A 35 12.39 -0.53 -6.99
C LEU A 35 11.91 -1.63 -6.06
N PHE A 36 10.96 -1.22 -5.19
CA PHE A 36 10.28 -2.04 -4.22
C PHE A 36 8.80 -2.08 -4.56
N VAL A 37 8.20 -3.26 -4.50
CA VAL A 37 6.77 -3.38 -4.73
C VAL A 37 6.14 -4.12 -3.56
N MET A 38 5.26 -3.43 -2.84
CA MET A 38 4.63 -4.01 -1.67
C MET A 38 3.22 -4.36 -2.04
N SER A 39 2.77 -5.56 -1.66
CA SER A 39 1.44 -5.99 -1.98
C SER A 39 0.70 -6.34 -0.70
N VAL A 40 -0.55 -5.87 -0.62
CA VAL A 40 -1.37 -6.03 0.57
C VAL A 40 -2.56 -6.94 0.29
N GLU A 41 -2.83 -7.87 1.20
CA GLU A 41 -3.86 -8.88 1.03
C GLU A 41 -4.97 -8.70 2.06
N VAL A 42 -6.18 -8.48 1.57
CA VAL A 42 -7.39 -8.38 2.36
C VAL A 42 -8.50 -9.17 1.68
N ASN A 43 -9.26 -9.97 2.44
CA ASN A 43 -10.33 -10.82 1.89
C ASN A 43 -9.85 -11.70 0.73
N GLY A 44 -8.54 -11.92 0.60
CA GLY A 44 -7.97 -12.73 -0.47
C GLY A 44 -7.74 -11.92 -1.75
N GLN A 45 -7.84 -10.60 -1.65
CA GLN A 45 -7.56 -9.70 -2.75
C GLN A 45 -6.20 -9.06 -2.46
N VAL A 46 -5.25 -9.26 -3.38
CA VAL A 46 -3.91 -8.74 -3.21
C VAL A 46 -3.73 -7.60 -4.21
N PHE A 47 -3.23 -6.47 -3.70
CA PHE A 47 -2.99 -5.28 -4.51
C PHE A 47 -1.56 -4.83 -4.30
N GLU A 48 -0.87 -4.50 -5.40
CA GLU A 48 0.56 -4.28 -5.42
C GLU A 48 0.86 -2.84 -5.83
N GLY A 49 1.79 -2.19 -5.11
CA GLY A 49 2.17 -0.81 -5.38
C GLY A 49 3.68 -0.67 -5.50
N SER A 50 4.14 0.08 -6.51
CA SER A 50 5.56 0.22 -6.82
C SER A 50 6.07 1.58 -6.40
N GLY A 51 7.01 1.56 -5.45
CA GLY A 51 7.63 2.75 -4.90
C GLY A 51 9.14 2.59 -4.78
N PRO A 52 9.87 3.72 -4.77
CA PRO A 52 11.25 3.74 -4.36
C PRO A 52 11.19 3.61 -2.86
N THR A 53 12.03 2.77 -2.26
CA THR A 53 12.01 2.51 -0.82
C THR A 53 10.71 1.80 -0.43
N LYS A 54 10.66 1.24 0.78
CA LYS A 54 9.49 0.49 1.22
C LYS A 54 8.28 1.38 1.50
N LYS A 55 8.52 2.65 1.85
CA LYS A 55 7.47 3.59 2.28
C LYS A 55 6.36 3.73 1.25
N LYS A 56 6.68 4.41 0.14
CA LYS A 56 5.74 4.71 -0.92
C LYS A 56 5.07 3.45 -1.46
N ALA A 57 5.81 2.34 -1.55
CA ALA A 57 5.23 1.08 -2.00
C ALA A 57 4.03 0.69 -1.13
N LYS A 58 4.23 0.55 0.18
CA LYS A 58 3.14 0.31 1.12
C LYS A 58 2.05 1.38 1.06
N LEU A 59 2.43 2.66 0.91
CA LEU A 59 1.47 3.76 0.79
C LEU A 59 0.49 3.52 -0.35
N HIS A 60 1.02 3.45 -1.57
CA HIS A 60 0.21 3.21 -2.76
C HIS A 60 -0.61 1.94 -2.62
N ALA A 61 0.01 0.85 -2.14
CA ALA A 61 -0.68 -0.40 -1.94
C ALA A 61 -1.90 -0.18 -1.04
N ALA A 62 -1.73 0.56 0.06
CA ALA A 62 -2.82 0.91 0.95
C ALA A 62 -3.95 1.61 0.21
N GLU A 63 -3.61 2.62 -0.59
CA GLU A 63 -4.58 3.42 -1.34
C GLU A 63 -5.45 2.53 -2.24
N LYS A 64 -4.84 1.85 -3.21
CA LYS A 64 -5.59 0.99 -4.12
C LYS A 64 -6.38 -0.06 -3.34
N ALA A 65 -5.70 -0.82 -2.47
CA ALA A 65 -6.33 -1.86 -1.69
C ALA A 65 -7.51 -1.34 -0.88
N LEU A 66 -7.40 -0.14 -0.29
CA LEU A 66 -8.51 0.49 0.41
C LEU A 66 -9.71 0.58 -0.52
N ARG A 67 -9.57 1.28 -1.65
CA ARG A 67 -10.68 1.52 -2.54
C ARG A 67 -11.27 0.22 -3.08
N SER A 68 -10.42 -0.77 -3.35
CA SER A 68 -10.88 -2.09 -3.76
C SER A 68 -11.66 -2.78 -2.65
N PHE A 69 -11.04 -2.89 -1.47
CA PHE A 69 -11.56 -3.58 -0.29
C PHE A 69 -12.94 -3.07 0.14
N VAL A 70 -13.17 -1.75 0.12
CA VAL A 70 -14.48 -1.21 0.44
C VAL A 70 -15.60 -1.80 -0.42
N GLN A 71 -15.27 -2.47 -1.53
CA GLN A 71 -16.25 -3.10 -2.41
C GLN A 71 -16.31 -4.61 -2.17
N PHE A 72 -15.39 -5.15 -1.38
CA PHE A 72 -15.38 -6.56 -1.01
C PHE A 72 -14.79 -6.72 0.40
N PRO A 73 -15.48 -6.18 1.41
CA PRO A 73 -15.08 -6.28 2.79
C PRO A 73 -15.32 -7.69 3.34
N ASN A 74 -14.96 -7.90 4.61
CA ASN A 74 -15.09 -9.18 5.29
C ASN A 74 -15.31 -8.96 6.78
N PRO A 1 -2.70 15.85 -6.79
CA PRO A 1 -2.57 16.02 -5.34
C PRO A 1 -1.13 16.13 -4.88
N GLY A 2 -0.92 16.35 -3.58
CA GLY A 2 0.42 16.48 -3.01
C GLY A 2 0.35 16.83 -1.53
N PRO A 3 -0.17 18.02 -1.17
CA PRO A 3 -0.34 18.45 0.20
C PRO A 3 -1.52 17.72 0.87
N VAL A 4 -1.40 16.40 1.01
CA VAL A 4 -2.45 15.57 1.61
C VAL A 4 -1.87 14.56 2.60
N LEU A 5 -0.54 14.60 2.80
CA LEU A 5 0.22 13.73 3.70
C LEU A 5 0.13 12.24 3.35
N PRO A 6 1.17 11.46 3.67
CA PRO A 6 1.12 10.01 3.60
C PRO A 6 0.37 9.46 4.81
N LYS A 7 0.42 10.19 5.93
CA LYS A 7 -0.25 9.83 7.17
C LYS A 7 -1.74 9.63 6.89
N ASN A 8 -2.31 10.47 6.03
CA ASN A 8 -3.70 10.41 5.65
C ASN A 8 -4.08 9.04 5.10
N ALA A 9 -3.43 8.59 4.02
CA ALA A 9 -3.70 7.27 3.46
C ALA A 9 -3.54 6.19 4.53
N LEU A 10 -2.42 6.27 5.26
CA LEU A 10 -2.09 5.32 6.30
C LEU A 10 -3.17 5.20 7.37
N MET A 11 -3.54 6.32 8.00
CA MET A 11 -4.59 6.35 9.01
C MET A 11 -5.90 5.79 8.46
N GLN A 12 -6.27 6.20 7.25
CA GLN A 12 -7.50 5.74 6.62
C GLN A 12 -7.53 4.22 6.53
N LEU A 13 -6.45 3.61 6.06
CA LEU A 13 -6.30 2.16 6.08
C LEU A 13 -6.47 1.61 7.49
N ASN A 14 -5.80 2.22 8.47
CA ASN A 14 -5.87 1.76 9.84
C ASN A 14 -7.32 1.73 10.31
N GLU A 15 -8.07 2.77 9.95
CA GLU A 15 -9.51 2.87 10.19
C GLU A 15 -10.27 1.68 9.61
N ILE A 16 -10.29 1.57 8.28
CA ILE A 16 -11.04 0.53 7.59
C ILE A 16 -10.67 -0.89 8.03
N LYS A 17 -9.38 -1.12 8.28
CA LYS A 17 -8.72 -2.40 8.58
C LYS A 17 -9.46 -3.29 9.58
N PRO A 18 -10.27 -4.26 9.13
CA PRO A 18 -10.82 -5.26 10.03
C PRO A 18 -9.71 -6.27 10.35
N GLY A 19 -8.67 -6.29 9.51
CA GLY A 19 -7.49 -7.11 9.59
C GLY A 19 -6.98 -7.36 8.17
N LEU A 20 -5.66 -7.30 7.95
CA LEU A 20 -5.13 -7.49 6.62
C LEU A 20 -3.67 -7.93 6.61
N GLN A 21 -3.11 -8.15 5.42
CA GLN A 21 -1.72 -8.57 5.30
C GLN A 21 -0.96 -7.79 4.22
N TYR A 22 0.27 -7.37 4.55
CA TYR A 22 1.17 -6.73 3.59
C TYR A 22 2.24 -7.74 3.19
N MET A 23 2.52 -7.83 1.89
CA MET A 23 3.54 -8.73 1.36
C MET A 23 4.39 -7.99 0.34
N LEU A 24 5.70 -8.23 0.35
CA LEU A 24 6.66 -7.47 -0.45
C LEU A 24 7.10 -8.28 -1.66
N LEU A 25 7.03 -7.60 -2.81
CA LEU A 25 7.49 -8.05 -4.11
C LEU A 25 8.49 -7.00 -4.58
N SER A 26 9.09 -7.20 -5.75
CA SER A 26 10.29 -6.52 -6.28
C SER A 26 11.23 -5.79 -5.33
N GLN A 27 12.40 -5.61 -5.90
CA GLN A 27 13.58 -5.14 -5.26
C GLN A 27 14.73 -5.29 -6.25
N THR A 28 14.79 -4.40 -7.23
CA THR A 28 15.82 -4.48 -8.27
C THR A 28 15.96 -3.13 -8.96
N GLY A 29 17.10 -2.93 -9.63
CA GLY A 29 17.45 -1.67 -10.26
C GLY A 29 18.88 -1.31 -9.89
N PRO A 30 19.26 -0.04 -10.07
CA PRO A 30 20.56 0.46 -9.67
C PRO A 30 20.59 0.57 -8.14
N VAL A 31 21.79 0.76 -7.58
CA VAL A 31 21.97 0.78 -6.14
C VAL A 31 21.32 1.98 -5.46
N HIS A 32 20.81 2.94 -6.26
CA HIS A 32 20.29 4.19 -5.70
C HIS A 32 18.88 4.50 -6.19
N ALA A 33 18.32 3.68 -7.08
CA ALA A 33 16.91 3.74 -7.41
C ALA A 33 16.35 2.32 -7.46
N PRO A 34 16.21 1.69 -6.30
CA PRO A 34 15.71 0.34 -6.15
C PRO A 34 14.20 0.32 -6.31
N LEU A 35 13.66 -0.64 -7.06
CA LEU A 35 12.21 -0.73 -7.22
C LEU A 35 11.65 -1.87 -6.38
N PHE A 36 10.75 -1.45 -5.49
CA PHE A 36 10.02 -2.29 -4.55
C PHE A 36 8.55 -2.20 -4.89
N VAL A 37 7.86 -3.34 -4.90
CA VAL A 37 6.43 -3.34 -5.10
C VAL A 37 5.76 -4.10 -3.96
N MET A 38 4.96 -3.39 -3.17
CA MET A 38 4.33 -3.99 -2.02
C MET A 38 2.87 -4.21 -2.39
N SER A 39 2.35 -5.39 -2.05
CA SER A 39 0.98 -5.70 -2.36
C SER A 39 0.26 -6.01 -1.05
N VAL A 40 -0.94 -5.45 -0.90
CA VAL A 40 -1.71 -5.57 0.32
C VAL A 40 -2.97 -6.38 0.08
N GLU A 41 -3.26 -7.31 0.99
CA GLU A 41 -4.35 -8.26 0.85
C GLU A 41 -5.41 -8.05 1.91
N VAL A 42 -6.64 -7.78 1.46
CA VAL A 42 -7.82 -7.60 2.30
C VAL A 42 -8.99 -8.37 1.70
N ASN A 43 -9.69 -9.18 2.51
CA ASN A 43 -10.85 -9.96 2.09
C ASN A 43 -10.62 -10.80 0.81
N GLY A 44 -9.35 -11.05 0.44
CA GLY A 44 -9.02 -11.85 -0.73
C GLY A 44 -8.74 -11.00 -1.96
N GLN A 45 -8.75 -9.68 -1.80
CA GLN A 45 -8.40 -8.76 -2.86
C GLN A 45 -7.00 -8.24 -2.54
N VAL A 46 -6.14 -8.20 -3.55
CA VAL A 46 -4.75 -7.82 -3.36
C VAL A 46 -4.42 -6.70 -4.34
N PHE A 47 -3.77 -5.66 -3.83
CA PHE A 47 -3.43 -4.49 -4.64
C PHE A 47 -1.96 -4.16 -4.47
N GLU A 48 -1.30 -3.92 -5.60
CA GLU A 48 0.14 -3.78 -5.68
C GLU A 48 0.53 -2.35 -6.02
N GLY A 49 1.53 -1.82 -5.31
CA GLY A 49 1.99 -0.45 -5.51
C GLY A 49 3.50 -0.41 -5.64
N SER A 50 4.01 0.36 -6.63
CA SER A 50 5.43 0.43 -6.93
C SER A 50 6.02 1.74 -6.42
N GLY A 51 7.04 1.62 -5.57
CA GLY A 51 7.74 2.74 -4.99
C GLY A 51 9.25 2.54 -5.00
N PRO A 52 10.02 3.63 -5.00
CA PRO A 52 11.43 3.59 -4.70
C PRO A 52 11.48 3.38 -3.20
N THR A 53 12.33 2.49 -2.72
CA THR A 53 12.39 2.15 -1.31
C THR A 53 11.07 1.50 -0.87
N LYS A 54 11.02 0.96 0.35
CA LYS A 54 9.83 0.25 0.81
C LYS A 54 8.66 1.17 1.12
N LYS A 55 8.94 2.43 1.50
CA LYS A 55 7.95 3.35 2.03
C LYS A 55 6.76 3.57 1.10
N LYS A 56 7.01 4.22 -0.04
CA LYS A 56 6.00 4.57 -1.02
C LYS A 56 5.22 3.36 -1.51
N ALA A 57 5.89 2.21 -1.69
CA ALA A 57 5.22 1.01 -2.17
C ALA A 57 4.04 0.65 -1.26
N LYS A 58 4.29 0.48 0.03
CA LYS A 58 3.25 0.28 1.03
C LYS A 58 2.20 1.39 1.00
N LEU A 59 2.64 2.64 0.91
CA LEU A 59 1.73 3.79 0.91
C LEU A 59 0.68 3.65 -0.20
N HIS A 60 1.16 3.61 -1.45
CA HIS A 60 0.34 3.48 -2.64
C HIS A 60 -0.54 2.24 -2.57
N ALA A 61 -0.01 1.12 -2.06
CA ALA A 61 -0.80 -0.08 -1.85
C ALA A 61 -2.01 0.22 -0.96
N ALA A 62 -1.79 0.89 0.17
CA ALA A 62 -2.85 1.28 1.09
C ALA A 62 -3.93 2.09 0.37
N GLU A 63 -3.50 3.08 -0.41
CA GLU A 63 -4.38 3.95 -1.16
C GLU A 63 -5.32 3.15 -2.06
N LYS A 64 -4.74 2.38 -2.99
CA LYS A 64 -5.52 1.57 -3.92
C LYS A 64 -6.47 0.64 -3.19
N ALA A 65 -5.93 -0.20 -2.31
CA ALA A 65 -6.73 -1.20 -1.61
C ALA A 65 -7.90 -0.56 -0.87
N LEU A 66 -7.68 0.62 -0.28
CA LEU A 66 -8.77 1.38 0.33
C LEU A 66 -9.86 1.59 -0.73
N ARG A 67 -9.51 2.26 -1.85
CA ARG A 67 -10.50 2.62 -2.84
C ARG A 67 -11.28 1.40 -3.27
N SER A 68 -10.55 0.31 -3.46
CA SER A 68 -11.10 -0.99 -3.79
C SER A 68 -12.00 -1.57 -2.69
N PHE A 69 -11.40 -2.24 -1.71
CA PHE A 69 -12.12 -3.04 -0.74
C PHE A 69 -13.21 -2.29 0.05
N VAL A 70 -13.27 -0.96 0.06
CA VAL A 70 -14.38 -0.30 0.76
C VAL A 70 -15.76 -0.79 0.31
N GLN A 71 -15.87 -1.51 -0.81
CA GLN A 71 -17.15 -2.06 -1.25
C GLN A 71 -17.34 -3.51 -0.80
N PHE A 72 -16.32 -4.11 -0.17
CA PHE A 72 -16.35 -5.45 0.40
C PHE A 72 -15.50 -5.49 1.68
N PRO A 73 -15.89 -4.76 2.72
CA PRO A 73 -15.21 -4.74 4.00
C PRO A 73 -15.45 -6.01 4.81
N ASN A 74 -16.31 -6.90 4.31
CA ASN A 74 -16.65 -8.16 4.98
C ASN A 74 -16.94 -9.25 3.94
#